data_1PWF
# 
_entry.id   1PWF 
# 
_audit_conform.dict_name       mmcif_pdbx.dic 
_audit_conform.dict_version    5.376 
_audit_conform.dict_location   http://mmcif.pdb.org/dictionaries/ascii/mmcif_pdbx.dic 
# 
loop_
_database_2.database_id 
_database_2.database_code 
_database_2.pdbx_database_accession 
_database_2.pdbx_DOI 
PDB   1PWF         pdb_00001pwf 10.2210/pdb1pwf/pdb 
NDB   AD0030       ?            ?                   
RCSB  RCSB019634   ?            ?                   
WWPDB D_1000019634 ?            ?                   
# 
_pdbx_database_related.db_name        PDB 
_pdbx_database_related.db_id          1N1O 
_pdbx_database_related.details        
;Crystal Structure of a B-Form DNA Duplex Containing (L)-alpha-Threofuranosyl (3'-->2') Nucleosides: A Four-Carbon Sugar Is Easily Accommodated into the Backbone of DNA
;
_pdbx_database_related.content_type   unspecified 
# 
_pdbx_database_status.status_code                     REL 
_pdbx_database_status.entry_id                        1PWF 
_pdbx_database_status.recvd_initial_deposition_date   2003-07-01 
_pdbx_database_status.deposit_site                    RCSB 
_pdbx_database_status.process_site                    RCSB 
_pdbx_database_status.status_code_sf                  REL 
_pdbx_database_status.SG_entry                        . 
_pdbx_database_status.pdb_format_compatible           Y 
_pdbx_database_status.status_code_mr                  ? 
_pdbx_database_status.status_code_cs                  ? 
_pdbx_database_status.methods_development_category    ? 
_pdbx_database_status.status_code_nmr_data            ? 
# 
loop_
_audit_author.name 
_audit_author.pdbx_ordinal 
'Pallan, P.S.'      1 
'Wilds, C.J.'       2 
'Wawrzak, Z.'       3 
'Krishnamurthy, R.' 4 
'Eschenmoser, A.'   5 
'Egli, M.'          6 
# 
_citation.id                        primary 
_citation.title                     'Why does TNA cross-pair more strongly with RNA than with DNA? an answer from X-ray analysis.' 
_citation.journal_abbrev            ANGEW.CHEM.INT.ED.ENGL. 
_citation.journal_volume            42 
_citation.page_first                5893 
_citation.page_last                 5895 
_citation.year                      2003 
_citation.journal_id_ASTM           ACIEAY 
_citation.country                   GE 
_citation.journal_id_ISSN           0570-0833 
_citation.journal_id_CSD            0179 
_citation.book_publisher            ? 
_citation.pdbx_database_id_PubMed   14673929 
_citation.pdbx_database_id_DOI      10.1002/anie.200352553 
# 
loop_
_citation_author.citation_id 
_citation_author.name 
_citation_author.ordinal 
_citation_author.identifier_ORCID 
primary 'Pallan, P.S.'      1 ? 
primary 'Wilds, C.J.'       2 ? 
primary 'Wawrzak, Z.'       3 ? 
primary 'Krishnamurthy, R.' 4 ? 
primary 'Eschenmoser, A.'   5 ? 
primary 'Egli, M.'          6 ? 
# 
_cell.entry_id           1PWF 
_cell.length_a           24.429 
_cell.length_b           44.522 
_cell.length_c           47.332 
_cell.angle_alpha        90.00 
_cell.angle_beta         90.00 
_cell.angle_gamma        90.00 
_cell.Z_PDB              8 
_cell.pdbx_unique_axis   ? 
# 
_symmetry.entry_id                         1PWF 
_symmetry.space_group_name_H-M             'P 21 21 21' 
_symmetry.pdbx_full_space_group_name_H-M   ? 
_symmetry.Int_Tables_number                19 
_symmetry.cell_setting                     ? 
_symmetry.space_group_name_Hall            ? 
# 
loop_
_entity.id 
_entity.type 
_entity.src_method 
_entity.pdbx_description 
_entity.formula_weight 
_entity.pdbx_number_of_molecules 
_entity.pdbx_ec 
_entity.pdbx_mutation 
_entity.pdbx_fragment 
_entity.details 
1 polymer     syn "5'-D(*GP*CP*GP*TP*AP*(2MU)P*(FA2)P*CP*GP*C)-3'" 3061.004 2   ? ? ? 
;A-DNA decamer duplex with TNA-adenine and 2'-methoxy-thymine modifications
;
2 non-polymer syn SPERMINE                                         202.340  1   ? ? ? ? 
3 water       nat water                                            18.015   109 ? ? ? ? 
# 
_entity_poly.entity_id                      1 
_entity_poly.type                           polydeoxyribonucleotide 
_entity_poly.nstd_linkage                   no 
_entity_poly.nstd_monomer                   yes 
_entity_poly.pdbx_seq_one_letter_code       '(DG)(DC)(DG)(DT)(DA)(2MU)(FA2)(DC)(DG)(DC)' 
_entity_poly.pdbx_seq_one_letter_code_can   GCGTAUACGC 
_entity_poly.pdbx_strand_id                 A,B 
_entity_poly.pdbx_target_identifier         ? 
# 
loop_
_entity_poly_seq.entity_id 
_entity_poly_seq.num 
_entity_poly_seq.mon_id 
_entity_poly_seq.hetero 
1 1  DG  n 
1 2  DC  n 
1 3  DG  n 
1 4  DT  n 
1 5  DA  n 
1 6  2MU n 
1 7  FA2 n 
1 8  DC  n 
1 9  DG  n 
1 10 DC  n 
# 
_pdbx_entity_src_syn.entity_id              1 
_pdbx_entity_src_syn.pdbx_src_id            1 
_pdbx_entity_src_syn.pdbx_alt_source_flag   sample 
_pdbx_entity_src_syn.pdbx_beg_seq_num       ? 
_pdbx_entity_src_syn.pdbx_end_seq_num       ? 
_pdbx_entity_src_syn.organism_scientific    ? 
_pdbx_entity_src_syn.organism_common_name   ? 
_pdbx_entity_src_syn.ncbi_taxonomy_id       ? 
_pdbx_entity_src_syn.details                'chemically synthesized oligonucleotide' 
# 
_struct_ref.id                         1 
_struct_ref.entity_id                  1 
_struct_ref.db_name                    PDB 
_struct_ref.db_code                    1PWF 
_struct_ref.pdbx_db_accession          1PWF 
_struct_ref.pdbx_db_isoform            ? 
_struct_ref.pdbx_seq_one_letter_code   ? 
_struct_ref.pdbx_align_begin           ? 
# 
loop_
_struct_ref_seq.align_id 
_struct_ref_seq.ref_id 
_struct_ref_seq.pdbx_PDB_id_code 
_struct_ref_seq.pdbx_strand_id 
_struct_ref_seq.seq_align_beg 
_struct_ref_seq.pdbx_seq_align_beg_ins_code 
_struct_ref_seq.seq_align_end 
_struct_ref_seq.pdbx_seq_align_end_ins_code 
_struct_ref_seq.pdbx_db_accession 
_struct_ref_seq.db_align_beg 
_struct_ref_seq.pdbx_db_align_beg_ins_code 
_struct_ref_seq.db_align_end 
_struct_ref_seq.pdbx_db_align_end_ins_code 
_struct_ref_seq.pdbx_auth_seq_align_beg 
_struct_ref_seq.pdbx_auth_seq_align_end 
1 1 1PWF A 1 ? 10 ? 1PWF 1   ? 10  ? 1   10  
2 1 1PWF B 1 ? 10 ? 1PWF 111 ? 120 ? 111 120 
# 
loop_
_chem_comp.id 
_chem_comp.type 
_chem_comp.mon_nstd_flag 
_chem_comp.name 
_chem_comp.pdbx_synonyms 
_chem_comp.formula 
_chem_comp.formula_weight 
2MU 'RNA linking' n "2',5-DIMETHYLURIDINE-5'-MONOPHOSPHATE"                                        ? 'C11 H17 N2 O9 P' 352.234 
DA  'DNA linking' y "2'-DEOXYADENOSINE-5'-MONOPHOSPHATE"                                           ? 'C10 H14 N5 O6 P' 331.222 
DC  'DNA linking' y "2'-DEOXYCYTIDINE-5'-MONOPHOSPHATE"                                            ? 'C9 H14 N3 O7 P'  307.197 
DG  'DNA linking' y "2'-DEOXYGUANOSINE-5'-MONOPHOSPHATE"                                           ? 'C10 H14 N5 O7 P' 347.221 
DT  'DNA linking' y "THYMIDINE-5'-MONOPHOSPHATE"                                                   ? 'C10 H15 N2 O8 P' 322.208 
FA2 'RNA linking' n '5-(6-AMINO-9H-PURIN-9-YL)-4-HYDROXYTETRAHYDROFURAN-3-YL DIHYDROGEN PHOSPHATE' ? 'C9 H12 N5 O6 P'  317.195 
HOH non-polymer   . WATER                                                                          ? 'H2 O'            18.015  
SPM non-polymer   . SPERMINE                                                                       ? 'C10 H26 N4'      202.340 
# 
_exptl.entry_id          1PWF 
_exptl.method            'X-RAY DIFFRACTION' 
_exptl.crystals_number   1 
# 
_exptl_crystal.id                    1 
_exptl_crystal.density_meas          ? 
_exptl_crystal.density_Matthews      2.03 
_exptl_crystal.density_percent_sol   39.35 
_exptl_crystal.description           ? 
_exptl_crystal.F_000                 ? 
_exptl_crystal.preparation           ? 
# 
_exptl_crystal_grow.crystal_id      1 
_exptl_crystal_grow.method          'VAPOR DIFFUSION, HANGING DROP' 
_exptl_crystal_grow.temp            291.0 
_exptl_crystal_grow.temp_details    ? 
_exptl_crystal_grow.pH              6.0 
_exptl_crystal_grow.pdbx_details    
;Sodium Cacodylate, Sodium Chloride, Barium Chloride, Spermine tetrahydrochloride, 2-methyl-2,4-pentanediol, pH 6.0, VAPOR DIFFUSION, HANGING DROP, temperature 291.0K
;
_exptl_crystal_grow.pdbx_pH_range   . 
# 
loop_
_exptl_crystal_grow_comp.crystal_id 
_exptl_crystal_grow_comp.id 
_exptl_crystal_grow_comp.sol_id 
_exptl_crystal_grow_comp.name 
_exptl_crystal_grow_comp.volume 
_exptl_crystal_grow_comp.conc 
_exptl_crystal_grow_comp.details 
1 1  1 'Sodium Cacodylate'           ? ? ? 
1 2  1 'Sodium Chloride'             ? ? ? 
1 3  1 'Barium Chloride'             ? ? ? 
1 4  1 'Spermine tetrahydrochloride' ? ? ? 
1 5  1 2-methyl-2,4-pentanediol      ? ? ? 
1 6  1 H2O                           ? ? ? 
1 7  2 'Sodium Cacodylate'           ? ? ? 
1 8  2 'Sodium Chloride'             ? ? ? 
1 9  2 'Barium Chloride'             ? ? ? 
1 10 2 H2O                           ? ? ? 
# 
_diffrn.id                     1 
_diffrn.ambient_temp           120 
_diffrn.ambient_temp_details   ? 
_diffrn.crystal_id             1 
# 
_diffrn_detector.diffrn_id              1 
_diffrn_detector.detector               CCD 
_diffrn_detector.type                   MARRESEARCH 
_diffrn_detector.pdbx_collection_date   2002-07-05 
_diffrn_detector.details                ? 
# 
_diffrn_radiation.diffrn_id                        1 
_diffrn_radiation.wavelength_id                    1 
_diffrn_radiation.pdbx_monochromatic_or_laue_m_l   M 
_diffrn_radiation.monochromator                    ? 
_diffrn_radiation.pdbx_diffrn_protocol             'SINGLE WAVELENGTH' 
_diffrn_radiation.pdbx_scattering_type             x-ray 
# 
_diffrn_radiation_wavelength.id           1 
_diffrn_radiation_wavelength.wavelength   1.0000 
_diffrn_radiation_wavelength.wt           1.0 
# 
_diffrn_source.diffrn_id                   1 
_diffrn_source.source                      SYNCHROTRON 
_diffrn_source.type                        'APS BEAMLINE 5ID-B' 
_diffrn_source.pdbx_synchrotron_site       APS 
_diffrn_source.pdbx_synchrotron_beamline   5ID-B 
_diffrn_source.pdbx_wavelength             ? 
_diffrn_source.pdbx_wavelength_list        1.0000 
# 
_reflns.entry_id                     1PWF 
_reflns.observed_criterion_sigma_F   0.0 
_reflns.observed_criterion_sigma_I   0.0 
_reflns.d_resolution_high            1.16 
_reflns.d_resolution_low             30.0 
_reflns.number_all                   ? 
_reflns.number_obs                   18354 
_reflns.percent_possible_obs         98.8 
_reflns.pdbx_Rmerge_I_obs            0.062 
_reflns.pdbx_Rsym_value              ? 
_reflns.pdbx_netI_over_sigmaI        ? 
_reflns.B_iso_Wilson_estimate        ? 
_reflns.pdbx_redundancy              ? 
_reflns.R_free_details               ? 
_reflns.pdbx_chi_squared             ? 
_reflns.pdbx_scaling_rejects         ? 
_reflns.pdbx_diffrn_id               1 
_reflns.pdbx_ordinal                 1 
# 
_reflns_shell.d_res_high             1.16 
_reflns_shell.d_res_low              1.20 
_reflns_shell.percent_possible_all   94.5 
_reflns_shell.Rmerge_I_obs           0.297 
_reflns_shell.pdbx_Rsym_value        ? 
_reflns_shell.meanI_over_sigI_obs    ? 
_reflns_shell.pdbx_redundancy        ? 
_reflns_shell.percent_possible_obs   ? 
_reflns_shell.number_unique_all      1704 
_reflns_shell.number_measured_all    ? 
_reflns_shell.number_measured_obs    ? 
_reflns_shell.number_unique_obs      ? 
_reflns_shell.pdbx_chi_squared       ? 
_reflns_shell.pdbx_diffrn_id         ? 
_reflns_shell.pdbx_ordinal           1 
# 
_refine.entry_id                                 1PWF 
_refine.ls_d_res_high                            1.16 
_refine.ls_d_res_low                             20.0 
_refine.pdbx_ls_sigma_F                          0.0 
_refine.pdbx_ls_sigma_I                          0.0 
_refine.ls_number_reflns_all                     18289 
_refine.ls_number_reflns_obs                     17371 
_refine.ls_number_reflns_R_free                  918 
_refine.ls_percent_reflns_obs                    100.0 
_refine.ls_R_factor_all                          ? 
_refine.ls_R_factor_obs                          0.133 
_refine.ls_R_factor_R_work                       0.133 
_refine.ls_R_factor_R_free                       0.188 
_refine.ls_redundancy_reflns_obs                 ? 
_refine.pdbx_data_cutoff_high_absF               ? 
_refine.pdbx_data_cutoff_low_absF                ? 
_refine.ls_number_parameters                     ? 
_refine.ls_number_restraints                     ? 
_refine.ls_percent_reflns_R_free                 ? 
_refine.ls_R_factor_R_free_error                 ? 
_refine.ls_R_factor_R_free_error_details         ? 
_refine.pdbx_method_to_determine_struct          'MOLECULAR REPLACEMENT' 
_refine.pdbx_starting_model                      'PDB ENTRY 1DPL' 
_refine.pdbx_ls_cross_valid_method               THROUGHOUT 
_refine.pdbx_R_Free_selection_details            RANDOM 
_refine.pdbx_stereochem_target_val_spec_case     ? 
_refine.pdbx_stereochemistry_target_values       
;L. Clowney et al., Geometric Parameters in Nucleic Acids: Nitrogenous Bases, J. Am. Chem. Soc. (1996) 118, 509-518; A. Gelbin et al., Geometric Parameters in Nucleic Acids: Sugar and Phosphate Constituents, J. Am. Chem. Soc. (1996) 118, 519-529; G. Parkinson et al., New Parameters for the Refinement of Nucleic Acid-Containing Structures, Acta Cryst. (1996) D52, 57-64.
;
_refine.solvent_model_details                    ? 
_refine.solvent_model_param_bsol                 ? 
_refine.solvent_model_param_ksol                 ? 
_refine.occupancy_max                            ? 
_refine.occupancy_min                            ? 
_refine.pdbx_isotropic_thermal_model             ? 
_refine.B_iso_mean                               ? 
_refine.aniso_B[1][1]                            ? 
_refine.aniso_B[1][2]                            ? 
_refine.aniso_B[1][3]                            ? 
_refine.aniso_B[2][2]                            ? 
_refine.aniso_B[2][3]                            ? 
_refine.aniso_B[3][3]                            ? 
_refine.details                                  ? 
_refine.correlation_coeff_Fo_to_Fc               ? 
_refine.correlation_coeff_Fo_to_Fc_free          ? 
_refine.pdbx_solvent_vdw_probe_radii             ? 
_refine.pdbx_solvent_ion_probe_radii             ? 
_refine.pdbx_solvent_shrinkage_radii             ? 
_refine.overall_SU_R_Cruickshank_DPI             ? 
_refine.overall_SU_R_free                        ? 
_refine.overall_SU_B                             ? 
_refine.overall_SU_ML                            ? 
_refine.pdbx_overall_ESU_R                       ? 
_refine.pdbx_overall_ESU_R_Free                  ? 
_refine.pdbx_data_cutoff_high_rms_absF           ? 
_refine.ls_wR_factor_R_free                      ? 
_refine.ls_wR_factor_R_work                      ? 
_refine.overall_FOM_free_R_set                   ? 
_refine.overall_FOM_work_R_set                   ? 
_refine.pdbx_refine_id                           'X-RAY DIFFRACTION' 
_refine.pdbx_diffrn_id                           1 
_refine.pdbx_TLS_residual_ADP_flag               ? 
_refine.pdbx_overall_phase_error                 ? 
_refine.pdbx_overall_SU_R_free_Cruickshank_DPI   ? 
_refine.pdbx_overall_SU_R_Blow_DPI               ? 
_refine.pdbx_overall_SU_R_free_Blow_DPI          ? 
# 
_refine_hist.pdbx_refine_id                   'X-RAY DIFFRACTION' 
_refine_hist.cycle_id                         LAST 
_refine_hist.pdbx_number_atoms_protein        0 
_refine_hist.pdbx_number_atoms_nucleic_acid   622 
_refine_hist.pdbx_number_atoms_ligand         14 
_refine_hist.number_atoms_solvent             109 
_refine_hist.number_atoms_total               745 
_refine_hist.d_res_high                       1.16 
_refine_hist.d_res_low                        20.0 
# 
loop_
_refine_ls_restr.type 
_refine_ls_restr.dev_ideal 
_refine_ls_restr.dev_ideal_target 
_refine_ls_restr.weight 
_refine_ls_restr.number 
_refine_ls_restr.pdbx_refine_id 
_refine_ls_restr.pdbx_restraint_function 
s_bond_d              0.017 ? ? ? 'X-RAY DIFFRACTION' ? 
s_angle_d             0.026 ? ? ? 'X-RAY DIFFRACTION' ? 
s_non_zero_chiral_vol 0.034 ? ? ? 'X-RAY DIFFRACTION' ? 
s_from_restr_planes   0.086 ? ? ? 'X-RAY DIFFRACTION' ? 
s_similar_dist        0.040 ? ? ? 'X-RAY DIFFRACTION' ? 
# 
_struct.entry_id                  1PWF 
_struct.title                     'One Sugar Pucker Fits All: Pairing Versatility Despite Conformational Uniformity in TNA' 
_struct.pdbx_model_details        ? 
_struct.pdbx_CASP_flag            ? 
_struct.pdbx_model_type_details   ? 
# 
_struct_keywords.entry_id        1PWF 
_struct_keywords.pdbx_keywords   DNA 
_struct_keywords.text            
'A-DNA, Hydrogen Bonding, Nucleic Acid Etiology, Tetrose, Four Carbon Sugar, Nucleic Acid Analogue, DNA' 
# 
loop_
_struct_asym.id 
_struct_asym.pdbx_blank_PDB_chainid_flag 
_struct_asym.pdbx_modified 
_struct_asym.entity_id 
_struct_asym.details 
A N N 1 ? 
B N N 1 ? 
C N N 2 ? 
D N N 3 ? 
E N N 3 ? 
# 
loop_
_struct_conn.id 
_struct_conn.conn_type_id 
_struct_conn.pdbx_leaving_atom_flag 
_struct_conn.pdbx_PDB_id 
_struct_conn.ptnr1_label_asym_id 
_struct_conn.ptnr1_label_comp_id 
_struct_conn.ptnr1_label_seq_id 
_struct_conn.ptnr1_label_atom_id 
_struct_conn.pdbx_ptnr1_label_alt_id 
_struct_conn.pdbx_ptnr1_PDB_ins_code 
_struct_conn.pdbx_ptnr1_standard_comp_id 
_struct_conn.ptnr1_symmetry 
_struct_conn.ptnr2_label_asym_id 
_struct_conn.ptnr2_label_comp_id 
_struct_conn.ptnr2_label_seq_id 
_struct_conn.ptnr2_label_atom_id 
_struct_conn.pdbx_ptnr2_label_alt_id 
_struct_conn.pdbx_ptnr2_PDB_ins_code 
_struct_conn.ptnr1_auth_asym_id 
_struct_conn.ptnr1_auth_comp_id 
_struct_conn.ptnr1_auth_seq_id 
_struct_conn.ptnr2_auth_asym_id 
_struct_conn.ptnr2_auth_comp_id 
_struct_conn.ptnr2_auth_seq_id 
_struct_conn.ptnr2_symmetry 
_struct_conn.pdbx_ptnr3_label_atom_id 
_struct_conn.pdbx_ptnr3_label_seq_id 
_struct_conn.pdbx_ptnr3_label_comp_id 
_struct_conn.pdbx_ptnr3_label_asym_id 
_struct_conn.pdbx_ptnr3_label_alt_id 
_struct_conn.pdbx_ptnr3_PDB_ins_code 
_struct_conn.details 
_struct_conn.pdbx_dist_value 
_struct_conn.pdbx_value_order 
_struct_conn.pdbx_role 
covale1  covale both ? A DA  5  "O3'" ? ? ? 1_555 A 2MU 6  P  ? ? A DA  5   A 2MU 6   1_555 ? ? ? ? ? ? ?            1.604 ? ? 
covale2  covale both ? A 2MU 6  "O3'" ? ? ? 1_555 A FA2 7  P  ? ? A 2MU 6   A FA2 7   1_555 ? ? ? ? ? ? ?            1.598 ? ? 
covale3  covale one  ? A FA2 7  "O2'" ? ? ? 1_555 A DC  8  P  ? ? A FA2 7   A DC  8   1_555 ? ? ? ? ? ? ?            1.602 ? ? 
covale4  covale both ? B DA  5  "O3'" ? ? ? 1_555 B 2MU 6  P  ? ? B DA  115 B 2MU 116 1_555 ? ? ? ? ? ? ?            1.587 ? ? 
covale5  covale both ? B 2MU 6  "O3'" ? ? ? 1_555 B FA2 7  P  ? ? B 2MU 116 B FA2 117 1_555 ? ? ? ? ? ? ?            1.594 ? ? 
covale6  covale one  ? B FA2 7  "O2'" ? ? ? 1_555 B DC  8  P  ? ? B FA2 117 B DC  118 1_555 ? ? ? ? ? ? ?            1.640 ? ? 
hydrog1  hydrog ?    ? A DG  1  N1    ? ? ? 1_555 B DC  10 N3 ? ? A DG  1   B DC  120 1_555 ? ? ? ? ? ? WATSON-CRICK ?     ? ? 
hydrog2  hydrog ?    ? A DG  1  N2    ? ? ? 1_555 B DC  10 O2 ? ? A DG  1   B DC  120 1_555 ? ? ? ? ? ? WATSON-CRICK ?     ? ? 
hydrog3  hydrog ?    ? A DG  1  O6    ? ? ? 1_555 B DC  10 N4 ? ? A DG  1   B DC  120 1_555 ? ? ? ? ? ? WATSON-CRICK ?     ? ? 
hydrog4  hydrog ?    ? A DC  2  N3    ? ? ? 1_555 B DG  9  N1 ? ? A DC  2   B DG  119 1_555 ? ? ? ? ? ? WATSON-CRICK ?     ? ? 
hydrog5  hydrog ?    ? A DC  2  N4    ? ? ? 1_555 B DG  9  O6 ? ? A DC  2   B DG  119 1_555 ? ? ? ? ? ? WATSON-CRICK ?     ? ? 
hydrog6  hydrog ?    ? A DC  2  O2    ? ? ? 1_555 B DG  9  N2 ? ? A DC  2   B DG  119 1_555 ? ? ? ? ? ? WATSON-CRICK ?     ? ? 
hydrog7  hydrog ?    ? A DG  3  N1    ? ? ? 1_555 B DC  8  N3 ? ? A DG  3   B DC  118 1_555 ? ? ? ? ? ? WATSON-CRICK ?     ? ? 
hydrog8  hydrog ?    ? A DG  3  N2    ? ? ? 1_555 B DC  8  O2 ? ? A DG  3   B DC  118 1_555 ? ? ? ? ? ? WATSON-CRICK ?     ? ? 
hydrog9  hydrog ?    ? A DG  3  O6    ? ? ? 1_555 B DC  8  N4 ? ? A DG  3   B DC  118 1_555 ? ? ? ? ? ? WATSON-CRICK ?     ? ? 
hydrog10 hydrog ?    ? A DT  4  N3    ? ? ? 1_555 B FA2 7  N1 ? ? A DT  4   B FA2 117 1_555 ? ? ? ? ? ? WATSON-CRICK ?     ? ? 
hydrog11 hydrog ?    ? A DT  4  O4    ? ? ? 1_555 B FA2 7  N6 ? ? A DT  4   B FA2 117 1_555 ? ? ? ? ? ? WATSON-CRICK ?     ? ? 
hydrog12 hydrog ?    ? A DA  5  N1    ? ? ? 1_555 B 2MU 6  N3 ? ? A DA  5   B 2MU 116 1_555 ? ? ? ? ? ? WATSON-CRICK ?     ? ? 
hydrog13 hydrog ?    ? A DA  5  N6    ? ? ? 1_555 B 2MU 6  O4 ? ? A DA  5   B 2MU 116 1_555 ? ? ? ? ? ? WATSON-CRICK ?     ? ? 
hydrog14 hydrog ?    ? A 2MU 6  N3    ? ? ? 1_555 B DA  5  N1 ? ? A 2MU 6   B DA  115 1_555 ? ? ? ? ? ? WATSON-CRICK ?     ? ? 
hydrog15 hydrog ?    ? A 2MU 6  O4    ? ? ? 1_555 B DA  5  N6 ? ? A 2MU 6   B DA  115 1_555 ? ? ? ? ? ? WATSON-CRICK ?     ? ? 
hydrog16 hydrog ?    ? A FA2 7  N1    ? ? ? 1_555 B DT  4  N3 ? ? A FA2 7   B DT  114 1_555 ? ? ? ? ? ? WATSON-CRICK ?     ? ? 
hydrog17 hydrog ?    ? A FA2 7  N6    ? ? ? 1_555 B DT  4  O4 ? ? A FA2 7   B DT  114 1_555 ? ? ? ? ? ? WATSON-CRICK ?     ? ? 
hydrog18 hydrog ?    ? A DC  8  N3    ? ? ? 1_555 B DG  3  N1 ? ? A DC  8   B DG  113 1_555 ? ? ? ? ? ? WATSON-CRICK ?     ? ? 
hydrog19 hydrog ?    ? A DC  8  N4    ? ? ? 1_555 B DG  3  O6 ? ? A DC  8   B DG  113 1_555 ? ? ? ? ? ? WATSON-CRICK ?     ? ? 
hydrog20 hydrog ?    ? A DC  8  O2    ? ? ? 1_555 B DG  3  N2 ? ? A DC  8   B DG  113 1_555 ? ? ? ? ? ? WATSON-CRICK ?     ? ? 
hydrog21 hydrog ?    ? A DG  9  N1    ? ? ? 1_555 B DC  2  N3 ? ? A DG  9   B DC  112 1_555 ? ? ? ? ? ? WATSON-CRICK ?     ? ? 
hydrog22 hydrog ?    ? A DG  9  N2    ? ? ? 1_555 B DC  2  O2 ? ? A DG  9   B DC  112 1_555 ? ? ? ? ? ? WATSON-CRICK ?     ? ? 
hydrog23 hydrog ?    ? A DG  9  O6    ? ? ? 1_555 B DC  2  N4 ? ? A DG  9   B DC  112 1_555 ? ? ? ? ? ? WATSON-CRICK ?     ? ? 
hydrog24 hydrog ?    ? A DC  10 N3    ? ? ? 1_555 B DG  1  N1 ? ? A DC  10  B DG  111 1_555 ? ? ? ? ? ? WATSON-CRICK ?     ? ? 
hydrog25 hydrog ?    ? A DC  10 N4    ? ? ? 1_555 B DG  1  O6 ? ? A DC  10  B DG  111 1_555 ? ? ? ? ? ? WATSON-CRICK ?     ? ? 
hydrog26 hydrog ?    ? A DC  10 O2    ? ? ? 1_555 B DG  1  N2 ? ? A DC  10  B DG  111 1_555 ? ? ? ? ? ? WATSON-CRICK ?     ? ? 
# 
loop_
_struct_conn_type.id 
_struct_conn_type.criteria 
_struct_conn_type.reference 
covale ? ? 
hydrog ? ? 
# 
_struct_site.id                   AC1 
_struct_site.pdbx_evidence_code   Software 
_struct_site.pdbx_auth_asym_id    B 
_struct_site.pdbx_auth_comp_id    SPM 
_struct_site.pdbx_auth_seq_id     201 
_struct_site.pdbx_auth_ins_code   ? 
_struct_site.pdbx_num_residues    11 
_struct_site.details              'BINDING SITE FOR RESIDUE SPM B 201' 
# 
loop_
_struct_site_gen.id 
_struct_site_gen.site_id 
_struct_site_gen.pdbx_num_res 
_struct_site_gen.label_comp_id 
_struct_site_gen.label_asym_id 
_struct_site_gen.label_seq_id 
_struct_site_gen.pdbx_auth_ins_code 
_struct_site_gen.auth_comp_id 
_struct_site_gen.auth_asym_id 
_struct_site_gen.auth_seq_id 
_struct_site_gen.label_atom_id 
_struct_site_gen.label_alt_id 
_struct_site_gen.symmetry 
_struct_site_gen.details 
1  AC1 11 DG  A 9 ? DG  A 9   . ? 4_466 ? 
2  AC1 11 HOH D . ? HOH A 504 . ? 4_466 ? 
3  AC1 11 HOH D . ? HOH A 520 . ? 4_466 ? 
4  AC1 11 HOH D . ? HOH A 521 . ? 2_565 ? 
5  AC1 11 HOH D . ? HOH A 522 . ? 2_565 ? 
6  AC1 11 DG  B 3 ? DG  B 113 . ? 1_555 ? 
7  AC1 11 DT  B 4 ? DT  B 114 . ? 1_555 ? 
8  AC1 11 DG  B 9 ? DG  B 119 . ? 2_465 ? 
9  AC1 11 HOH E . ? HOH B 534 . ? 1_555 ? 
10 AC1 11 HOH E . ? HOH B 573 . ? 1_555 ? 
11 AC1 11 HOH E . ? HOH B 577 . ? 1_555 ? 
# 
_atom_sites.entry_id                    1PWF 
_atom_sites.fract_transf_matrix[1][1]   -0.04023715 
_atom_sites.fract_transf_matrix[1][2]   0.00605269 
_atom_sites.fract_transf_matrix[1][3]   0.00447338 
_atom_sites.fract_transf_matrix[2][1]   0.00355875 
_atom_sites.fract_transf_matrix[2][2]   0.00852741 
_atom_sites.fract_transf_matrix[2][3]   0.02047230 
_atom_sites.fract_transf_matrix[3][1]   0.00197074 
_atom_sites.fract_transf_matrix[3][2]   0.01929394 
_atom_sites.fract_transf_matrix[3][3]   -0.00837916 
_atom_sites.fract_transf_vector[1]      0.118552 
_atom_sites.fract_transf_vector[2]      0.527918 
_atom_sites.fract_transf_vector[3]      0.268834 
# 
loop_
_atom_type.symbol 
C 
H 
N 
O 
P 
# 
loop_
_atom_site.group_PDB 
_atom_site.id 
_atom_site.type_symbol 
_atom_site.label_atom_id 
_atom_site.label_alt_id 
_atom_site.label_comp_id 
_atom_site.label_asym_id 
_atom_site.label_entity_id 
_atom_site.label_seq_id 
_atom_site.pdbx_PDB_ins_code 
_atom_site.Cartn_x 
_atom_site.Cartn_y 
_atom_site.Cartn_z 
_atom_site.occupancy 
_atom_site.B_iso_or_equiv 
_atom_site.pdbx_formal_charge 
_atom_site.auth_seq_id 
_atom_site.auth_comp_id 
_atom_site.auth_asym_id 
_atom_site.auth_atom_id 
_atom_site.pdbx_PDB_model_num 
ATOM   1   O "O5'"  . DG  A 1 1  ? 6.666   -0.393  -9.816  1.00 43.04 ? 1   DG  A "O5'"  1 
ATOM   2   C "C5'"  . DG  A 1 1  ? 6.182   -0.019  -11.088 1.00 32.80 ? 1   DG  A "C5'"  1 
ATOM   3   C "C4'"  . DG  A 1 1  ? 5.541   -1.185  -11.754 1.00 24.43 ? 1   DG  A "C4'"  1 
ATOM   4   O "O4'"  . DG  A 1 1  ? 6.428   -2.331  -11.742 1.00 21.89 ? 1   DG  A "O4'"  1 
ATOM   5   C "C3'"  . DG  A 1 1  ? 4.289   -1.747  -11.089 1.00 21.49 ? 1   DG  A "C3'"  1 
ATOM   6   O "O3'"  . DG  A 1 1  ? 3.180   -0.875  -11.452 1.00 22.03 ? 1   DG  A "O3'"  1 
ATOM   7   C "C2'"  . DG  A 1 1  ? 4.190   -3.106  -11.611 1.00 19.98 ? 1   DG  A "C2'"  1 
ATOM   8   C "C1'"  . DG  A 1 1  ? 5.621   -3.512  -11.617 1.00 20.27 ? 1   DG  A "C1'"  1 
ATOM   9   N N9     . DG  A 1 1  ? 6.107   -4.166  -10.375 1.00 19.53 ? 1   DG  A N9     1 
ATOM   10  C C8     . DG  A 1 1  ? 7.034   -3.734  -9.492  1.00 23.14 ? 1   DG  A C8     1 
ATOM   11  N N7     . DG  A 1 1  ? 7.248   -4.560  -8.475  1.00 22.22 ? 1   DG  A N7     1 
ATOM   12  C C5     . DG  A 1 1  ? 6.377   -5.621  -8.740  1.00 19.73 ? 1   DG  A C5     1 
ATOM   13  C C6     . DG  A 1 1  ? 6.149   -6.790  -8.022  1.00 18.86 ? 1   DG  A C6     1 
ATOM   14  O O6     . DG  A 1 1  ? 6.691   -7.169  -6.952  1.00 20.62 ? 1   DG  A O6     1 
ATOM   15  N N1     . DG  A 1 1  ? 5.202   -7.597  -8.616  1.00 17.80 ? 1   DG  A N1     1 
ATOM   16  C C2     . DG  A 1 1  ? 4.553   -7.264  -9.790  1.00 17.72 ? 1   DG  A C2     1 
ATOM   17  N N2     . DG  A 1 1  ? 3.676   -8.194  -10.174 1.00 18.19 ? 1   DG  A N2     1 
ATOM   18  N N3     . DG  A 1 1  ? 4.768   -6.167  -10.461 1.00 18.59 ? 1   DG  A N3     1 
ATOM   19  C C4     . DG  A 1 1  ? 5.679   -5.365  -9.917  1.00 18.71 ? 1   DG  A C4     1 
ATOM   20  H "H5'"  . DG  A 1 1  ? 6.915   0.306   -11.634 1.00 39.35 ? 1   DG  A "H5'"  1 
ATOM   21  H "H5''" . DG  A 1 1  ? 5.535   0.698   -10.993 1.00 39.35 ? 1   DG  A "H5''" 1 
ATOM   22  H "H4'"  . DG  A 1 1  ? 5.333   -0.950  -12.683 1.00 29.31 ? 1   DG  A "H4'"  1 
ATOM   23  H "H3'"  . DG  A 1 1  ? 4.402   -1.765  -10.116 1.00 25.78 ? 1   DG  A "H3'"  1 
ATOM   24  H "H2'"  . DG  A 1 1  ? 3.661   -3.675  -11.030 1.00 23.98 ? 1   DG  A "H2'"  1 
ATOM   25  H "H2''" . DG  A 1 1  ? 3.812   -3.118  -12.505 1.00 23.98 ? 1   DG  A "H2''" 1 
ATOM   26  H "H1'"  . DG  A 1 1  ? 5.789   -4.102  -12.382 1.00 24.32 ? 1   DG  A "H1'"  1 
ATOM   27  H H8     . DG  A 1 1  ? 7.484   -2.927  -9.588  1.00 27.77 ? 1   DG  A H8     1 
ATOM   28  H H1     . DG  A 1 1  ? 5.006   -8.344  -8.236  1.00 21.36 ? 1   DG  A H1     1 
ATOM   29  H H21    . DG  A 1 1  ? 3.221   -8.084  -10.896 1.00 21.83 ? 1   DG  A H21    1 
ATOM   30  H H22    . DG  A 1 1  ? 3.566   -8.903  -9.701  1.00 21.83 ? 1   DG  A H22    1 
ATOM   31  P P      . DC  A 1 2  ? 1.904   -0.616  -10.548 1.00 22.73 ? 2   DC  A P      1 
ATOM   32  O OP1    . DC  A 1 2  ? 1.067   0.335   -11.310 1.00 25.79 ? 2   DC  A OP1    1 
ATOM   33  O OP2    . DC  A 1 2  ? 2.331   -0.347  -9.165  1.00 24.64 ? 2   DC  A OP2    1 
ATOM   34  O "O5'"  . DC  A 1 2  ? 1.159   -2.001  -10.483 1.00 19.86 ? 2   DC  A "O5'"  1 
ATOM   35  C "C5'"  . DC  A 1 2  ? 0.500   -2.612  -11.647 1.00 20.81 ? 2   DC  A "C5'"  1 
ATOM   36  C "C4'"  . DC  A 1 2  ? 0.075   -3.987  -11.270 1.00 18.88 ? 2   DC  A "C4'"  1 
ATOM   37  O "O4'"  . DC  A 1 2  ? 1.251   -4.750  -10.872 1.00 18.88 ? 2   DC  A "O4'"  1 
ATOM   38  C "C3'"  . DC  A 1 2  ? -0.844  -4.115  -10.066 1.00 19.35 ? 2   DC  A "C3'"  1 
ATOM   39  O "O3'"  . DC  A 1 2  ? -2.200  -3.906  -10.571 1.00 19.95 ? 2   DC  A "O3'"  1 
ATOM   40  C "C2'"  . DC  A 1 2  ? -0.583  -5.442  -9.547  1.00 18.88 ? 2   DC  A "C2'"  1 
ATOM   41  C "C1'"  . DC  A 1 2  ? 0.826   -5.662  -9.833  1.00 18.41 ? 2   DC  A "C1'"  1 
ATOM   42  N N1     . DC  A 1 2  ? 1.773   -5.407  -8.684  1.00 17.26 ? 2   DC  A N1     1 
ATOM   43  C C2     . DC  A 1 2  ? 1.920   -6.459  -7.771  1.00 16.52 ? 2   DC  A C2     1 
ATOM   44  O O2     . DC  A 1 2  ? 1.261   -7.513  -7.956  1.00 17.36 ? 2   DC  A O2     1 
ATOM   45  N N3     . DC  A 1 2  ? 2.749   -6.333  -6.730  1.00 16.81 ? 2   DC  A N3     1 
ATOM   46  C C4     . DC  A 1 2  ? 3.441   -5.182  -6.556  1.00 18.21 ? 2   DC  A C4     1 
ATOM   47  N N4     . DC  A 1 2  ? 4.238   -5.106  -5.507  1.00 18.83 ? 2   DC  A N4     1 
ATOM   48  C C5     . DC  A 1 2  ? 3.296   -4.102  -7.476  1.00 19.52 ? 2   DC  A C5     1 
ATOM   49  C C6     . DC  A 1 2  ? 2.463   -4.276  -8.514  1.00 20.05 ? 2   DC  A C6     1 
ATOM   50  H "H5'"  . DC  A 1 2  ? 1.114   -2.647  -12.398 1.00 24.97 ? 2   DC  A "H5'"  1 
ATOM   51  H "H5''" . DC  A 1 2  ? -0.272  -2.085  -11.908 1.00 24.97 ? 2   DC  A "H5''" 1 
ATOM   52  H "H4'"  . DC  A 1 2  ? -0.343  -4.419  -12.043 1.00 22.66 ? 2   DC  A "H4'"  1 
ATOM   53  H "H3'"  . DC  A 1 2  ? -0.622  -3.437  -9.395  1.00 23.23 ? 2   DC  A "H3'"  1 
ATOM   54  H "H2'"  . DC  A 1 2  ? -0.753  -5.481  -8.592  1.00 22.65 ? 2   DC  A "H2'"  1 
ATOM   55  H "H2''" . DC  A 1 2  ? -1.134  -6.104  -9.993  1.00 22.65 ? 2   DC  A "H2''" 1 
ATOM   56  H "H1'"  . DC  A 1 2  ? 0.947   -6.582  -10.146 1.00 22.09 ? 2   DC  A "H1'"  1 
ATOM   57  H H41    . DC  A 1 2  ? 4.303   -5.773  -4.967  1.00 22.59 ? 2   DC  A H41    1 
ATOM   58  H H42    . DC  A 1 2  ? 4.695   -4.391  -5.364  1.00 22.59 ? 2   DC  A H42    1 
ATOM   59  H H5     . DC  A 1 2  ? 3.761   -3.304  -7.360  1.00 23.43 ? 2   DC  A H5     1 
ATOM   60  H H6     . DC  A 1 2  ? 2.365   -3.591  -9.134  1.00 24.06 ? 2   DC  A H6     1 
ATOM   61  P P      . DG  A 1 3  ? -3.405  -3.675  -9.568  1.00 20.56 ? 3   DG  A P      1 
ATOM   62  O OP1    . DG  A 1 3  ? -4.609  -3.570  -10.435 1.00 22.83 ? 3   DG  A OP1    1 
ATOM   63  O OP2    . DG  A 1 3  ? -3.104  -2.585  -8.625  1.00 22.45 ? 3   DG  A OP2    1 
ATOM   64  O "O5'"  . DG  A 1 3  ? -3.411  -5.004  -8.742  1.00 20.02 ? 3   DG  A "O5'"  1 
ATOM   65  C "C5'"  . DG  A 1 3  ? -3.843  -5.120  -7.385  1.00 19.64 ? 3   DG  A "C5'"  1 
ATOM   66  C "C4'"  . DG  A 1 3  ? -3.565  -6.492  -6.876  1.00 17.57 ? 3   DG  A "C4'"  1 
ATOM   67  O "O4'"  . DG  A 1 3  ? -2.122  -6.714  -6.884  1.00 18.84 ? 3   DG  A "O4'"  1 
ATOM   68  C "C3'"  . DG  A 1 3  ? -3.955  -6.722  -5.463  1.00 18.43 ? 3   DG  A "C3'"  1 
ATOM   69  O "O3'"  . DG  A 1 3  ? -5.358  -7.109  -5.392  1.00 19.79 ? 3   DG  A "O3'"  1 
ATOM   70  C "C2'"  . DG  A 1 3  ? -3.070  -7.817  -4.962  1.00 18.17 ? 3   DG  A "C2'"  1 
ATOM   71  C "C1'"  . DG  A 1 3  ? -1.843  -7.508  -5.643  1.00 18.21 ? 3   DG  A "C1'"  1 
ATOM   72  N N9     . DG  A 1 3  ? -0.766  -6.665  -4.990  1.00 16.90 ? 3   DG  A N9     1 
ATOM   73  C C8     . DG  A 1 3  ? -0.201  -5.487  -5.291  1.00 17.23 ? 3   DG  A C8     1 
ATOM   74  N N7     . DG  A 1 3  ? 0.734   -5.090  -4.455  1.00 17.77 ? 3   DG  A N7     1 
ATOM   75  C C5     . DG  A 1 3  ? 0.773   -6.132  -3.529  1.00 17.09 ? 3   DG  A C5     1 
ATOM   76  C C6     . DG  A 1 3  ? 1.581   -6.302  -2.381  1.00 17.02 ? 3   DG  A C6     1 
ATOM   77  O O6     . DG  A 1 3  ? 2.460   -5.518  -1.940  1.00 18.30 ? 3   DG  A O6     1 
ATOM   78  N N1     . DG  A 1 3  ? 1.316   -7.481  -1.716  1.00 16.91 ? 3   DG  A N1     1 
ATOM   79  C C2     . DG  A 1 3  ? 0.355   -8.425  -2.114  1.00 16.11 ? 3   DG  A C2     1 
ATOM   80  N N2     . DG  A 1 3  ? 0.272   -9.485  -1.318  1.00 16.40 ? 3   DG  A N2     1 
ATOM   81  N N3     . DG  A 1 3  ? -0.389  -8.257  -3.184  1.00 16.71 ? 3   DG  A N3     1 
ATOM   82  C C4     . DG  A 1 3  ? -0.142  -7.120  -3.838  1.00 16.13 ? 3   DG  A C4     1 
ATOM   83  H "H5'"  . DG  A 1 3  ? -4.793  -4.937  -7.328  1.00 23.56 ? 3   DG  A "H5'"  1 
ATOM   84  H "H5''" . DG  A 1 3  ? -3.376  -4.468  -6.838  1.00 23.56 ? 3   DG  A "H5''" 1 
ATOM   85  H "H4'"  . DG  A 1 3  ? -4.004  -7.151  -7.452  1.00 21.08 ? 3   DG  A "H4'"  1 
ATOM   86  H "H3'"  . DG  A 1 3  ? -3.807  -5.908  -4.939  1.00 22.11 ? 3   DG  A "H3'"  1 
ATOM   87  H "H2'"  . DG  A 1 3  ? -2.963  -7.778  -3.998  1.00 21.80 ? 3   DG  A "H2'"  1 
ATOM   88  H "H2''" . DG  A 1 3  ? -3.408  -8.691  -5.213  1.00 21.80 ? 3   DG  A "H2''" 1 
ATOM   89  H "H1'"  . DG  A 1 3  ? -1.432  -8.355  -5.918  1.00 21.85 ? 3   DG  A "H1'"  1 
ATOM   90  H H8     . DG  A 1 3  ? -0.450  -4.988  -6.036  1.00 20.68 ? 3   DG  A H8     1 
ATOM   91  H H1     . DG  A 1 3  ? 1.772   -7.650  -1.006  1.00 20.29 ? 3   DG  A H1     1 
ATOM   92  H H21    . DG  A 1 3  ? -0.292  -10.109 -1.491  1.00 19.68 ? 3   DG  A H21    1 
ATOM   93  H H22    . DG  A 1 3  ? 0.784   -9.545  -0.629  1.00 19.68 ? 3   DG  A H22    1 
ATOM   94  P P      . DT  A 1 4  ? -6.210  -6.820  -4.087  1.00 19.23 ? 4   DT  A P      1 
ATOM   95  O OP1    . DT  A 1 4  ? -7.587  -7.291  -4.387  1.00 22.19 ? 4   DT  A OP1    1 
ATOM   96  O OP2    . DT  A 1 4  ? -5.984  -5.477  -3.625  1.00 19.82 ? 4   DT  A OP2    1 
ATOM   97  O "O5'"  . DT  A 1 4  ? -5.590  -7.789  -2.985  1.00 17.96 ? 4   DT  A "O5'"  1 
ATOM   98  C "C5'"  . DT  A 1 4  ? -5.961  -9.152  -2.853  1.00 19.09 ? 4   DT  A "C5'"  1 
ATOM   99  C "C4'"  . DT  A 1 4  ? -5.544  -9.668  -1.485  1.00 17.34 ? 4   DT  A "C4'"  1 
ATOM   100 O "O4'"  . DT  A 1 4  ? -4.082  -9.684  -1.392  1.00 17.34 ? 4   DT  A "O4'"  1 
ATOM   101 C "C3'"  . DT  A 1 4  ? -5.954  -8.852  -0.302  1.00 16.89 ? 4   DT  A "C3'"  1 
ATOM   102 O "O3'"  . DT  A 1 4  ? -7.328  -9.128  0.057   1.00 18.09 ? 4   DT  A "O3'"  1 
ATOM   103 C "C2'"  . DT  A 1 4  ? -4.970  -9.291  0.737   1.00 16.34 ? 4   DT  A "C2'"  1 
ATOM   104 C "C1'"  . DT  A 1 4  ? -3.724  -9.379  0.009   1.00 17.04 ? 4   DT  A "C1'"  1 
ATOM   105 N N1     . DT  A 1 4  ? -2.853  -8.163  -0.095  1.00 15.78 ? 4   DT  A N1     1 
ATOM   106 C C2     . DT  A 1 4  ? -1.862  -8.069  0.849   1.00 15.36 ? 4   DT  A C2     1 
ATOM   107 O O2     . DT  A 1 4  ? -1.644  -8.879  1.723   1.00 16.22 ? 4   DT  A O2     1 
ATOM   108 N N3     . DT  A 1 4  ? -1.090  -6.933  0.712   1.00 15.70 ? 4   DT  A N3     1 
ATOM   109 C C4     . DT  A 1 4  ? -1.228  -5.947  -0.244  1.00 15.58 ? 4   DT  A C4     1 
ATOM   110 O O4     . DT  A 1 4  ? -0.447  -4.975  -0.217  1.00 16.90 ? 4   DT  A O4     1 
ATOM   111 C C5     . DT  A 1 4  ? -2.316  -6.115  -1.167  1.00 16.40 ? 4   DT  A C5     1 
ATOM   112 C C7     . DT  A 1 4  ? -2.549  -5.092  -2.233  1.00 18.37 ? 4   DT  A C7     1 
ATOM   113 C C6     . DT  A 1 4  ? -3.049  -7.222  -1.041  1.00 16.23 ? 4   DT  A C6     1 
ATOM   114 H "H5'"  . DT  A 1 4  ? -5.530  -9.678  -3.545  1.00 22.90 ? 4   DT  A "H5'"  1 
ATOM   115 H "H5''" . DT  A 1 4  ? -6.921  -9.242  -2.958  1.00 22.90 ? 4   DT  A "H5''" 1 
ATOM   116 H "H4'"  . DT  A 1 4  ? -5.880  -10.582 -1.373  1.00 20.80 ? 4   DT  A "H4'"  1 
ATOM   117 H "H3'"  . DT  A 1 4  ? -5.840  -7.898  -0.494  1.00 20.27 ? 4   DT  A "H3'"  1 
ATOM   118 H "H2'"  . DT  A 1 4  ? -4.909  -8.642  1.455   1.00 19.61 ? 4   DT  A "H2'"  1 
ATOM   119 H "H2''" . DT  A 1 4  ? -5.218  -10.152 1.109   1.00 19.61 ? 4   DT  A "H2''" 1 
ATOM   120 H "H1'"  . DT  A 1 4  ? -3.195  -10.120 0.372   1.00 20.45 ? 4   DT  A "H1'"  1 
ATOM   121 H H3     . DT  A 1 4  ? -0.456  -6.828  1.283   1.00 18.84 ? 4   DT  A H3     1 
ATOM   122 H H71    . DT  A 1 4  ? -1.913  -4.380  -2.138  1.00 27.56 ? 4   DT  A H71    1 
ATOM   123 H H72    . DT  A 1 4  ? -3.439  -4.741  -2.150  1.00 27.56 ? 4   DT  A H72    1 
ATOM   124 H H73    . DT  A 1 4  ? -2.446  -5.501  -3.096  1.00 27.56 ? 4   DT  A H73    1 
ATOM   125 H H6     . DT  A 1 4  ? -3.744  -7.353  -1.647  1.00 19.48 ? 4   DT  A H6     1 
ATOM   126 P P      . DA  A 1 5  ? -8.245  -7.997  0.675   1.00 19.19 ? 5   DA  A P      1 
ATOM   127 O OP1    . DA  A 1 5  ? -9.575  -8.683  0.868   1.00 20.32 ? 5   DA  A OP1    1 
ATOM   128 O OP2    . DA  A 1 5  ? -8.165  -6.729  -0.068  1.00 21.54 ? 5   DA  A OP2    1 
ATOM   129 O "O5'"  . DA  A 1 5  ? -7.564  -7.890  2.124   1.00 18.37 ? 5   DA  A "O5'"  1 
ATOM   130 C "C5'"  . DA  A 1 5  ? -7.407  -6.595  2.734   1.00 18.58 ? 5   DA  A "C5'"  1 
ATOM   131 C "C4'"  . DA  A 1 5  ? -6.478  -6.734  3.875   1.00 19.04 ? 5   DA  A "C4'"  1 
ATOM   132 O "O4'"  . DA  A 1 5  ? -5.157  -7.065  3.359   1.00 19.38 ? 5   DA  A "O4'"  1 
ATOM   133 C "C3'"  . DA  A 1 5  ? -6.217  -5.487  4.685   1.00 20.71 ? 5   DA  A "C3'"  1 
ATOM   134 O "O3'"  . DA  A 1 5  ? -7.279  -5.318  5.663   1.00 21.43 ? 5   DA  A "O3'"  1 
ATOM   135 C "C2'"  . DA  A 1 5  ? -4.889  -5.745  5.279   1.00 20.33 ? 5   DA  A "C2'"  1 
ATOM   136 C "C1'"  . DA  A 1 5  ? -4.158  -6.412  4.132   1.00 18.79 ? 5   DA  A "C1'"  1 
ATOM   137 N N9     . DA  A 1 5  ? -3.426  -5.450  3.297   1.00 17.43 ? 5   DA  A N9     1 
ATOM   138 C C8     . DA  A 1 5  ? -3.726  -4.910  2.058   1.00 17.56 ? 5   DA  A C8     1 
ATOM   139 N N7     . DA  A 1 5  ? -2.847  -4.069  1.604   1.00 17.67 ? 5   DA  A N7     1 
ATOM   140 C C5     . DA  A 1 5  ? -1.879  -4.035  2.612   1.00 17.06 ? 5   DA  A C5     1 
ATOM   141 C C6     . DA  A 1 5  ? -0.684  -3.313  2.704   1.00 16.97 ? 5   DA  A C6     1 
ATOM   142 N N6     . DA  A 1 5  ? -0.242  -2.486  1.783   1.00 17.69 ? 5   DA  A N6     1 
ATOM   143 N N1     . DA  A 1 5  ? 0.032   -3.520  3.842   1.00 18.18 ? 5   DA  A N1     1 
ATOM   144 C C2     . DA  A 1 5  ? -0.429  -4.363  4.763   1.00 17.62 ? 5   DA  A C2     1 
ATOM   145 N N3     . DA  A 1 5  ? -1.542  -5.097  4.776   1.00 18.03 ? 5   DA  A N3     1 
ATOM   146 C C4     . DA  A 1 5  ? -2.220  -4.871  3.652   1.00 16.98 ? 5   DA  A C4     1 
ATOM   147 H "H5'"  . DA  A 1 5  ? -8.265  -6.264  3.040   1.00 22.29 ? 5   DA  A "H5'"  1 
ATOM   148 H "H5''" . DA  A 1 5  ? -7.049  -5.965  2.087   1.00 22.29 ? 5   DA  A "H5''" 1 
ATOM   149 H "H4'"  . DA  A 1 5  ? -6.788  -7.452  4.466   1.00 22.84 ? 5   DA  A "H4'"  1 
ATOM   150 H "H3'"  . DA  A 1 5  ? -6.175  -4.705  4.096   1.00 24.85 ? 5   DA  A "H3'"  1 
ATOM   151 H "H2'"  . DA  A 1 5  ? -4.452  -4.919  5.544   1.00 24.39 ? 5   DA  A "H2'"  1 
ATOM   152 H "H2''" . DA  A 1 5  ? -4.953  -6.333  6.048   1.00 24.39 ? 5   DA  A "H2''" 1 
ATOM   153 H "H1'"  . DA  A 1 5  ? -3.533  -7.079  4.487   1.00 22.55 ? 5   DA  A "H1'"  1 
ATOM   154 H H8     . DA  A 1 5  ? -4.496  -5.133  1.587   1.00 21.08 ? 5   DA  A H8     1 
ATOM   155 H H61    . DA  A 1 5  ? 0.504   -2.072  1.899   1.00 21.22 ? 5   DA  A H61    1 
ATOM   156 H H62    . DA  A 1 5  ? -0.697  -2.358  1.065   1.00 21.22 ? 5   DA  A H62    1 
ATOM   157 H H2     . DA  A 1 5  ? 0.110   -4.454  5.516   1.00 21.14 ? 5   DA  A H2     1 
HETATM 158 N N1     . 2MU A 1 6  ? -2.885  -1.941  6.062   1.00 18.34 ? 6   2MU A N1     1 
HETATM 159 C C2     . 2MU A 1 6  ? -1.735  -1.276  5.692   1.00 18.27 ? 6   2MU A C2     1 
HETATM 160 N N3     . 2MU A 1 6  ? -1.775  -0.762  4.436   1.00 17.83 ? 6   2MU A N3     1 
HETATM 161 C C4     . 2MU A 1 6  ? -2.822  -0.811  3.524   1.00 18.05 ? 6   2MU A C4     1 
HETATM 162 C C5     . 2MU A 1 6  ? -4.003  -1.526  3.950   1.00 19.09 ? 6   2MU A C5     1 
HETATM 163 C C5M    . 2MU A 1 6  ? -5.176  -1.625  3.004   1.00 19.64 ? 6   2MU A C5M    1 
HETATM 164 C C6     . 2MU A 1 6  ? -3.963  -2.043  5.201   1.00 18.72 ? 6   2MU A C6     1 
HETATM 165 O O2     . 2MU A 1 6  ? -0.763  -1.181  6.459   1.00 20.27 ? 6   2MU A O2     1 
HETATM 166 O O4     . 2MU A 1 6  ? -2.677  -0.276  2.422   1.00 18.49 ? 6   2MU A O4     1 
HETATM 167 C "C1'"  . 2MU A 1 6  ? -2.850  -2.525  7.439   1.00 18.59 ? 6   2MU A "C1'"  1 
HETATM 168 C "C2'"  . 2MU A 1 6  ? -3.192  -1.503  8.487   1.00 19.62 ? 6   2MU A "C2'"  1 
HETATM 169 O "O2'"  . 2MU A 1 6  ? -2.623  -1.856  9.708   1.00 21.27 ? 6   2MU A "O2'"  1 
HETATM 170 C "C3'"  . 2MU A 1 6  ? -4.666  -1.751  8.621   1.00 21.42 ? 6   2MU A "C3'"  1 
HETATM 171 C "C4'"  . 2MU A 1 6  ? -4.792  -3.247  8.515   1.00 22.30 ? 6   2MU A "C4'"  1 
HETATM 172 O "O3'"  . 2MU A 1 6  ? -5.259  -1.267  9.894   1.00 22.04 ? 6   2MU A "O3'"  1 
HETATM 173 O "O4'"  . 2MU A 1 6  ? -3.801  -3.546  7.492   1.00 20.66 ? 6   2MU A "O4'"  1 
HETATM 174 C "C5'"  . 2MU A 1 6  ? -6.122  -3.810  8.110   1.00 22.84 ? 6   2MU A "C5'"  1 
HETATM 175 O "O5'"  . 2MU A 1 6  ? -6.537  -3.204  6.835   1.00 21.90 ? 6   2MU A "O5'"  1 
HETATM 176 C "C6'"  . 2MU A 1 6  ? -1.197  -1.665  9.783   1.00 23.91 ? 6   2MU A "C6'"  1 
HETATM 177 P P      . 2MU A 1 6  ? -7.773  -3.850  6.080   1.00 22.90 ? 6   2MU A P      1 
HETATM 178 O OP1    . 2MU A 1 6  ? -8.859  -4.140  7.032   1.00 27.07 ? 6   2MU A OP1    1 
HETATM 179 O OP2    . 2MU A 1 6  ? -7.977  -3.014  4.853   1.00 23.24 ? 6   2MU A OP2    1 
HETATM 180 H "H1'"  . 2MU A 1 6  ? -1.960  -2.895  7.618   1.00 22.31 ? 6   2MU A "H1'"  1 
HETATM 181 H "H2'"  . 2MU A 1 6  ? -2.980  -0.586  8.214   1.00 23.54 ? 6   2MU A "H2'"  1 
HETATM 182 H "H3'"  . 2MU A 1 6  ? -5.134  -1.334  7.867   1.00 25.71 ? 6   2MU A "H3'"  1 
HETATM 183 H "H4'"  . 2MU A 1 6  ? -4.514  -3.656  9.362   1.00 26.76 ? 6   2MU A "H4'"  1 
HETATM 184 H "H5'"  . 2MU A 1 6  ? -6.056  -4.773  8.011   1.00 27.41 ? 6   2MU A "H5'"  1 
HETATM 185 H "H5''" . 2MU A 1 6  ? -6.783  -3.619  8.795   1.00 27.41 ? 6   2MU A "H5''" 1 
HETATM 186 H "H6'3" A 2MU A 1 6  ? -0.885  -1.934  10.651  0.33 35.87 ? 6   2MU A "H6'3" 1 
HETATM 187 H "H6'3" B 2MU A 1 6  ? -0.991  -0.738  9.641   0.33 35.87 ? 6   2MU A "H6'3" 1 
HETATM 188 H "H6'3" C 2MU A 1 6  ? -0.767  -2.197  9.109   0.33 35.87 ? 6   2MU A "H6'3" 1 
HETATM 189 P P      . FA2 A 1 7  ? -6.301  -0.057  9.847   1.00 22.16 ? 7   FA2 A P      1 
HETATM 190 O OP1    . FA2 A 1 7  ? -6.635  0.139   11.276  1.00 25.72 ? 7   FA2 A OP1    1 
HETATM 191 O OP2    . FA2 A 1 7  ? -7.352  -0.370  8.877   1.00 25.52 ? 7   FA2 A OP2    1 
HETATM 192 O "O3'"  . FA2 A 1 7  ? -5.496  1.146   9.309   1.00 21.45 ? 7   FA2 A "O3'"  1 
HETATM 193 N N9     . FA2 A 1 7  ? -2.908  2.484   7.308   1.00 18.75 ? 7   FA2 A N9     1 
HETATM 194 C C4     . FA2 A 1 7  ? -1.972  2.942   6.406   1.00 18.15 ? 7   FA2 A C4     1 
HETATM 195 N N3     . FA2 A 1 7  ? -0.823  3.640   6.678   1.00 17.89 ? 7   FA2 A N3     1 
HETATM 196 C C2     . FA2 A 1 7  ? -0.184  3.920   5.579   1.00 17.76 ? 7   FA2 A C2     1 
HETATM 197 N N1     . FA2 A 1 7  ? -0.475  3.629   4.302   1.00 17.21 ? 7   FA2 A N1     1 
HETATM 198 C C6     . FA2 A 1 7  ? -1.612  2.945   4.078   1.00 17.08 ? 7   FA2 A C6     1 
HETATM 199 N N6     . FA2 A 1 7  ? -1.900  2.653   2.811   1.00 18.98 ? 7   FA2 A N6     1 
HETATM 200 C C5     . FA2 A 1 7  ? -2.410  2.573   5.157   1.00 17.83 ? 7   FA2 A C5     1 
HETATM 201 N N7     . FA2 A 1 7  ? -3.607  1.877   5.264   1.00 18.85 ? 7   FA2 A N7     1 
HETATM 202 C C8     . FA2 A 1 7  ? -3.857  1.854   6.573   1.00 18.95 ? 7   FA2 A C8     1 
HETATM 203 C "C2'"  . FA2 A 1 7  ? -4.279  3.179   9.253   1.00 19.70 ? 7   FA2 A "C2'"  1 
HETATM 204 C "C4'"  . FA2 A 1 7  ? -3.440  1.443   10.619  1.00 20.40 ? 7   FA2 A "C4'"  1 
HETATM 205 O "O4'"  . FA2 A 1 7  ? -2.571  1.537   9.486   1.00 19.50 ? 7   FA2 A "O4'"  1 
HETATM 206 C "C1'"  . FA2 A 1 7  ? -2.904  2.625   8.760   1.00 19.85 ? 7   FA2 A "C1'"  1 
HETATM 207 C "C3'"  . FA2 A 1 7  ? -4.736  2.040   10.158  1.00 19.47 ? 7   FA2 A "C3'"  1 
HETATM 208 O "O2'"  . FA2 A 1 7  ? -4.100  4.364   10.004  1.00 21.51 ? 7   FA2 A "O2'"  1 
HETATM 209 H H2     . FA2 A 1 7  ? 0.603   4.401   5.698   1.00 21.31 ? 7   FA2 A H2     1 
HETATM 210 H H6A    . FA2 A 1 7  ? -1.369  2.900   2.181   1.00 22.77 ? 7   FA2 A H6A    1 
HETATM 211 H H6B    . FA2 A 1 7  ? -2.617  2.217   2.622   1.00 22.77 ? 7   FA2 A H6B    1 
HETATM 212 H H8     . FA2 A 1 7  ? -4.607  1.447   6.943   1.00 22.74 ? 7   FA2 A H8     1 
HETATM 213 H "H2'"  . FA2 A 1 7  ? -4.899  3.317   8.506   1.00 23.64 ? 7   FA2 A "H2'"  1 
HETATM 214 H "H4'1" . FA2 A 1 7  ? -3.080  1.940   11.371  1.00 24.49 ? 7   FA2 A "H4'1" 1 
HETATM 215 H "H4'2" . FA2 A 1 7  ? -3.562  0.518   10.884  1.00 24.49 ? 7   FA2 A "H4'2" 1 
HETATM 216 H "H1'"  . FA2 A 1 7  ? -2.237  3.313   8.970   1.00 23.83 ? 7   FA2 A "H1'"  1 
HETATM 217 H "H3'"  . FA2 A 1 7  ? -5.271  2.368   10.911  1.00 23.37 ? 7   FA2 A "H3'"  1 
ATOM   218 P P      . DC  A 1 8  ? -5.189  5.532   10.131  1.00 21.18 ? 8   DC  A P      1 
ATOM   219 O OP1    . DC  A 1 8  ? -5.575  5.525   11.561  1.00 26.77 ? 8   DC  A OP1    1 
ATOM   220 O OP2    . DC  A 1 8  ? -6.219  5.457   9.025   1.00 25.44 ? 8   DC  A OP2    1 
ATOM   221 O "O5'"  . DC  A 1 8  ? -4.322  6.780   9.845   1.00 19.34 ? 8   DC  A "O5'"  1 
ATOM   222 C "C5'"  . DC  A 1 8  ? -3.292  7.244   10.674  1.00 19.21 ? 8   DC  A "C5'"  1 
ATOM   223 C "C4'"  . DC  A 1 8  ? -2.214  7.887   9.847   1.00 16.79 ? 8   DC  A "C4'"  1 
ATOM   224 O "O4'"  . DC  A 1 8  ? -1.605  6.894   8.978   1.00 17.30 ? 8   DC  A "O4'"  1 
ATOM   225 C "C3'"  . DC  A 1 8  ? -2.649  8.951   8.878   1.00 16.00 ? 8   DC  A "C3'"  1 
ATOM   226 O "O3'"  . DC  A 1 8  ? -2.884  10.173  9.599   1.00 16.75 ? 8   DC  A "O3'"  1 
ATOM   227 C "C2'"  . DC  A 1 8  ? -1.491  8.988   7.918   1.00 16.35 ? 8   DC  A "C2'"  1 
ATOM   228 C "C1'"  . DC  A 1 8  ? -1.176  7.541   7.786   1.00 16.91 ? 8   DC  A "C1'"  1 
ATOM   229 N N1     . DC  A 1 8  ? -1.894  6.973   6.615   1.00 16.95 ? 8   DC  A N1     1 
ATOM   230 C C2     . DC  A 1 8  ? -1.385  7.254   5.372   1.00 16.50 ? 8   DC  A C2     1 
ATOM   231 O O2     . DC  A 1 8  ? -0.359  7.957   5.291   1.00 17.85 ? 8   DC  A O2     1 
ATOM   232 N N3     . DC  A 1 8  ? -2.029  6.751   4.267   1.00 17.09 ? 8   DC  A N3     1 
ATOM   233 C C4     . DC  A 1 8  ? -3.114  6.033   4.432   1.00 17.08 ? 8   DC  A C4     1 
ATOM   234 N N4     . DC  A 1 8  ? -3.716  5.543   3.345   1.00 19.64 ? 8   DC  A N4     1 
ATOM   235 C C5     . DC  A 1 8  ? -3.659  5.713   5.719   1.00 17.99 ? 8   DC  A C5     1 
ATOM   236 C C6     . DC  A 1 8  ? -3.014  6.224   6.788   1.00 17.49 ? 8   DC  A C6     1 
ATOM   237 H "H5'"  . DC  A 1 8  ? -2.920  6.504   11.176  1.00 23.05 ? 8   DC  A "H5'"  1 
ATOM   238 H "H5''" . DC  A 1 8  ? -3.647  7.890   11.305  1.00 23.05 ? 8   DC  A "H5''" 1 
ATOM   239 H "H4'"  . DC  A 1 8  ? -1.530  8.255   10.443  1.00 20.15 ? 8   DC  A "H4'"  1 
ATOM   240 H "H3'"  . DC  A 1 8  ? -3.466  8.671   8.412   1.00 19.20 ? 8   DC  A "H3'"  1 
ATOM   241 H "H2'"  . DC  A 1 8  ? -1.747  9.376   7.067   1.00 19.62 ? 8   DC  A "H2'"  1 
ATOM   242 H "H2''" . DC  A 1 8  ? -0.742  9.482   8.285   1.00 19.62 ? 8   DC  A "H2''" 1 
ATOM   243 H "H1'"  . DC  A 1 8  ? -0.210  7.422   7.672   1.00 20.29 ? 8   DC  A "H1'"  1 
ATOM   244 H H41    . DC  A 1 8  ? -3.391  5.704   2.564   1.00 23.57 ? 8   DC  A H41    1 
ATOM   245 H H42    . DC  A 1 8  ? -4.430  5.070   3.425   1.00 23.57 ? 8   DC  A H42    1 
ATOM   246 H H5     . DC  A 1 8  ? -4.417  5.182   5.811   1.00 21.59 ? 8   DC  A H5     1 
ATOM   247 H H6     . DC  A 1 8  ? -3.337  6.063   7.645   1.00 20.98 ? 8   DC  A H6     1 
ATOM   248 P P      . DG  A 1 9  ? -3.782  11.329  9.051   1.00 16.83 ? 9   DG  A P      1 
ATOM   249 O OP1    . DG  A 1 9  ? -3.847  12.328  10.136  1.00 18.95 ? 9   DG  A OP1    1 
ATOM   250 O OP2    . DG  A 1 9  ? -5.022  10.787  8.468   1.00 19.65 ? 9   DG  A OP2    1 
ATOM   251 O "O5'"  . DG  A 1 9  ? -2.992  11.940  7.838   1.00 15.96 ? 9   DG  A "O5'"  1 
ATOM   252 C "C5'"  . DG  A 1 9  ? -1.812  12.725  8.015   1.00 15.42 ? 9   DG  A "C5'"  1 
ATOM   253 C "C4'"  . DG  A 1 9  ? -1.314  13.183  6.697   1.00 16.06 ? 9   DG  A "C4'"  1 
ATOM   254 O "O4'"  . DG  A 1 9  ? -0.905  12.025  5.918   1.00 16.42 ? 9   DG  A "O4'"  1 
ATOM   255 C "C3'"  . DG  A 1 9  ? -2.314  13.864  5.791   1.00 15.87 ? 9   DG  A "C3'"  1 
ATOM   256 O "O3'"  . DG  A 1 9  ? -2.532  15.199  6.230   1.00 16.25 ? 9   DG  A "O3'"  1 
ATOM   257 C "C2'"  . DG  A 1 9  ? -1.614  13.775  4.475   1.00 17.11 ? 9   DG  A "C2'"  1 
ATOM   258 C "C1'"  . DG  A 1 9  ? -1.133  12.389  4.539   1.00 16.54 ? 9   DG  A "C1'"  1 
ATOM   259 N N9     . DG  A 1 9  ? -2.108  11.384  4.077   1.00 16.83 ? 9   DG  A N9     1 
ATOM   260 C C8     . DG  A 1 9  ? -2.859  10.508  4.770   1.00 17.79 ? 9   DG  A C8     1 
ATOM   261 N N7     . DG  A 1 9  ? -3.620  9.763   3.996   1.00 17.85 ? 9   DG  A N7     1 
ATOM   262 C C5     . DG  A 1 9  ? -3.342  10.198  2.714   1.00 16.60 ? 9   DG  A C5     1 
ATOM   263 C C6     . DG  A 1 9  ? -3.819  9.818   1.454   1.00 16.23 ? 9   DG  A C6     1 
ATOM   264 O O6     . DG  A 1 9  ? -4.680  8.914   1.214   1.00 18.45 ? 9   DG  A O6     1 
ATOM   265 N N1     . DG  A 1 9  ? -3.274  10.520  0.390   1.00 16.62 ? 9   DG  A N1     1 
ATOM   266 C C2     . DG  A 1 9  ? -2.343  11.509  0.532   1.00 17.12 ? 9   DG  A C2     1 
ATOM   267 N N2     . DG  A 1 9  ? -1.928  12.078  -0.590  1.00 18.86 ? 9   DG  A N2     1 
ATOM   268 N N3     . DG  A 1 9  ? -1.884  11.882  1.714   1.00 16.96 ? 9   DG  A N3     1 
ATOM   269 C C4     . DG  A 1 9  ? -2.409  11.206  2.743   1.00 16.15 ? 9   DG  A C4     1 
ATOM   270 H "H5'"  . DG  A 1 9  ? -1.130  12.196  8.457   1.00 18.50 ? 9   DG  A "H5'"  1 
ATOM   271 H "H5''" . DG  A 1 9  ? -2.010  13.492  8.575   1.00 18.50 ? 9   DG  A "H5''" 1 
ATOM   272 H "H4'"  . DG  A 1 9  ? -0.542  13.773  6.831   1.00 19.27 ? 9   DG  A "H4'"  1 
ATOM   273 H "H3'"  . DG  A 1 9  ? -3.157  13.365  5.769   1.00 19.04 ? 9   DG  A "H3'"  1 
ATOM   274 H "H2'"  . DG  A 1 9  ? -2.223  13.911  3.733   1.00 20.53 ? 9   DG  A "H2'"  1 
ATOM   275 H "H2''" . DG  A 1 9  ? -0.881  14.408  4.415   1.00 20.53 ? 9   DG  A "H2''" 1 
ATOM   276 H "H1'"  . DG  A 1 9  ? -0.301  12.303  4.030   1.00 19.85 ? 9   DG  A "H1'"  1 
ATOM   277 H H8     . DG  A 1 9  ? -2.841  10.436  5.698   1.00 21.35 ? 9   DG  A H8     1 
ATOM   278 H H1     . DG  A 1 9  ? -3.535  10.321  -0.405  1.00 19.95 ? 9   DG  A H1     1 
ATOM   279 H H21    . DG  A 1 9  ? -1.344  12.708  -0.563  1.00 22.63 ? 9   DG  A H21    1 
ATOM   280 H H22    . DG  A 1 9  ? -2.244  11.817  -1.347  1.00 22.63 ? 9   DG  A H22    1 
ATOM   281 P P      . DC  A 1 10 ? -3.929  15.884  5.897   1.00 16.99 ? 10  DC  A P      1 
ATOM   282 O OP1    . DC  A 1 10 ? -3.798  17.191  6.586   1.00 18.38 ? 10  DC  A OP1    1 
ATOM   283 O OP2    . DC  A 1 10 ? -5.044  14.982  6.204   1.00 17.62 ? 10  DC  A OP2    1 
ATOM   284 O "O5'"  . DC  A 1 10 ? -3.922  16.100  4.331   1.00 15.83 ? 10  DC  A "O5'"  1 
ATOM   285 C "C5'"  . DC  A 1 10 ? -2.960  16.926  3.705   1.00 16.50 ? 10  DC  A "C5'"  1 
ATOM   286 C "C4'"  . DC  A 1 10 ? -3.229  17.011  2.225   1.00 16.02 ? 10  DC  A "C4'"  1 
ATOM   287 O "O4'"  . DC  A 1 10 ? -3.004  15.691  1.628   1.00 16.67 ? 10  DC  A "O4'"  1 
ATOM   288 C "C3'"  . DC  A 1 10 ? -4.626  17.332  1.794   1.00 15.95 ? 10  DC  A "C3'"  1 
ATOM   289 O "O3'"  . DC  A 1 10 ? -4.882  18.761  1.770   1.00 17.20 ? 10  DC  A "O3'"  1 
ATOM   290 C "C2'"  . DC  A 1 10 ? -4.706  16.777  0.416   1.00 15.81 ? 10  DC  A "C2'"  1 
ATOM   291 C "C1'"  . DC  A 1 10 ? -3.913  15.527  0.535   1.00 16.29 ? 10  DC  A "C1'"  1 
ATOM   292 N N1     . DC  A 1 10 ? -4.741  14.322  0.842   1.00 16.24 ? 10  DC  A N1     1 
ATOM   293 C C2     . DC  A 1 10 ? -5.359  13.651  -0.203  1.00 15.70 ? 10  DC  A C2     1 
ATOM   294 O O2     . DC  A 1 10 ? -5.182  14.108  -1.342  1.00 17.21 ? 10  DC  A O2     1 
ATOM   295 N N3     . DC  A 1 10 ? -6.113  12.577  0.005   1.00 16.36 ? 10  DC  A N3     1 
ATOM   296 C C4     . DC  A 1 10 ? -6.275  12.139  1.284   1.00 15.92 ? 10  DC  A C4     1 
ATOM   297 N N4     . DC  A 1 10 ? -7.014  11.093  1.502   1.00 17.39 ? 10  DC  A N4     1 
ATOM   298 C C5     . DC  A 1 10 ? -5.660  12.822  2.360   1.00 16.10 ? 10  DC  A C5     1 
ATOM   299 C C6     . DC  A 1 10 ? -4.913  13.884  2.113   1.00 15.95 ? 10  DC  A C6     1 
ATOM   300 H "H5'"  . DC  A 1 10 ? -2.072  16.563  3.855   1.00 19.80 ? 10  DC  A "H5'"  1 
ATOM   301 H "H5''" . DC  A 1 10 ? -2.991  17.813  4.094   1.00 19.80 ? 10  DC  A "H5''" 1 
ATOM   302 H "H4'"  . DC  A 1 10 ? -2.610  17.655  1.821   1.00 19.23 ? 10  DC  A "H4'"  1 
ATOM   303 H "H3'"  . DC  A 1 10 ? -5.272  16.883  2.377   1.00 19.14 ? 10  DC  A "H3'"  1 
ATOM   304 H "HO3'" . DC  A 1 10 ? -5.686  18.893  1.677   1.00 25.80 ? 10  DC  A "HO3'" 1 
ATOM   305 H "H2'"  . DC  A 1 10 ? -5.623  16.590  0.163   1.00 18.97 ? 10  DC  A "H2'"  1 
ATOM   306 H "H2''" . DC  A 1 10 ? -4.313  17.383  -0.231  1.00 18.97 ? 10  DC  A "H2''" 1 
ATOM   307 H "H1'"  . DC  A 1 10 ? -3.410  15.377  -0.292  1.00 19.55 ? 10  DC  A "H1'"  1 
ATOM   308 H H41    . DC  A 1 10 ? -7.392  10.689  0.844   1.00 20.87 ? 10  DC  A H41    1 
ATOM   309 H H42    . DC  A 1 10 ? -7.126  10.805  2.305   1.00 20.87 ? 10  DC  A H42    1 
ATOM   310 H H5     . DC  A 1 10 ? -5.780  12.526  3.234   1.00 19.32 ? 10  DC  A H5     1 
ATOM   311 H H6     . DC  A 1 10 ? -4.503  14.334  2.816   1.00 19.14 ? 10  DC  A H6     1 
ATOM   312 O "O5'"  . DG  B 1 1  ? -8.966  5.408   -6.653  1.00 35.84 ? 111 DG  B "O5'"  1 
ATOM   313 C "C5'"  . DG  B 1 1  ? -9.001  5.851   -8.015  1.00 31.00 ? 111 DG  B "C5'"  1 
ATOM   314 C "C4'"  . DG  B 1 1  ? -8.464  7.253   -8.180  1.00 26.74 ? 111 DG  B "C4'"  1 
ATOM   315 O "O4'"  . DG  B 1 1  ? -9.237  8.177   -7.365  1.00 24.90 ? 111 DG  B "O4'"  1 
ATOM   316 C "C3'"  . DG  B 1 1  ? -7.049  7.504   -7.715  1.00 24.86 ? 111 DG  B "C3'"  1 
ATOM   317 O "O3'"  . DG  B 1 1  ? -6.120  7.165   -8.782  1.00 23.46 ? 111 DG  B "O3'"  1 
ATOM   318 C "C2'"  . DG  B 1 1  ? -6.974  8.940   -7.381  1.00 20.70 ? 111 DG  B "C2'"  1 
ATOM   319 C "C1'"  . DG  B 1 1  ? -8.320  9.150   -6.783  1.00 23.27 ? 111 DG  B "C1'"  1 
ATOM   320 N N9     . DG  B 1 1  ? -8.502  8.951   -5.315  1.00 21.63 ? 111 DG  B N9     1 
ATOM   321 C C8     . DG  B 1 1  ? -9.201  8.018   -4.620  1.00 23.67 ? 111 DG  B C8     1 
ATOM   322 N N7     . DG  B 1 1  ? -9.116  8.189   -3.316  1.00 22.21 ? 111 DG  B N7     1 
ATOM   323 C C5     . DG  B 1 1  ? -8.321  9.302   -3.145  1.00 20.60 ? 111 DG  B C5     1 
ATOM   324 C C6     . DG  B 1 1  ? -7.882  9.967   -1.960  1.00 18.72 ? 111 DG  B C6     1 
ATOM   325 O O6     . DG  B 1 1  ? -8.121  9.684   -0.779  1.00 19.95 ? 111 DG  B O6     1 
ATOM   326 N N1     . DG  B 1 1  ? -7.099  11.043  -2.255  1.00 17.88 ? 111 DG  B N1     1 
ATOM   327 C C2     . DG  B 1 1  ? -6.767  11.447  -3.530  1.00 17.60 ? 111 DG  B C2     1 
ATOM   328 N N2     . DG  B 1 1  ? -5.995  12.516  -3.594  1.00 16.81 ? 111 DG  B N2     1 
ATOM   329 N N3     . DG  B 1 1  ? -7.155  10.857  -4.632  1.00 18.36 ? 111 DG  B N3     1 
ATOM   330 C C4     . DG  B 1 1  ? -7.931  9.797   -4.370  1.00 19.63 ? 111 DG  B C4     1 
ATOM   331 H "H5'"  . DG  B 1 1  ? -9.917  5.822   -8.336  1.00 37.20 ? 111 DG  B "H5'"  1 
ATOM   332 H "H5''" . DG  B 1 1  ? -8.477  5.243   -8.560  1.00 37.20 ? 111 DG  B "H5''" 1 
ATOM   333 H "H4'"  . DG  B 1 1  ? -8.542  7.517   -9.121  1.00 32.09 ? 111 DG  B "H4'"  1 
ATOM   334 H "H3'"  . DG  B 1 1  ? -6.856  6.965   -6.920  1.00 29.83 ? 111 DG  B "H3'"  1 
ATOM   335 H "H2'"  . DG  B 1 1  ? -6.266  9.123   -6.744  1.00 24.83 ? 111 DG  B "H2'"  1 
ATOM   336 H "H2''" . DG  B 1 1  ? -6.844  9.486   -8.172  1.00 24.83 ? 111 DG  B "H2''" 1 
ATOM   337 H "H1'"  . DG  B 1 1  ? -8.629  10.050  -7.017  1.00 27.92 ? 111 DG  B "H1'"  1 
ATOM   338 H H8     . DG  B 1 1  ? -9.687  7.332   -5.020  1.00 28.41 ? 111 DG  B H8     1 
ATOM   339 H H1     . DG  B 1 1  ? -6.789  11.503  -1.599  1.00 21.45 ? 111 DG  B H1     1 
ATOM   340 H H21    . DG  B 1 1  ? -5.748  12.823  -4.359  1.00 20.17 ? 111 DG  B H21    1 
ATOM   341 H H22    . DG  B 1 1  ? -5.740  12.907  -2.872  1.00 20.17 ? 111 DG  B H22    1 
ATOM   342 P P      . DC  B 1 2  ? -4.705  6.542   -8.401  1.00 22.87 ? 112 DC  B P      1 
ATOM   343 O OP1    . DC  B 1 2  ? -4.161  6.126   -9.697  1.00 28.62 ? 112 DC  B OP1    1 
ATOM   344 O OP2    . DC  B 1 2  ? -4.788  5.565   -7.286  1.00 25.89 ? 112 DC  B OP2    1 
ATOM   345 O "O5'"  . DC  B 1 2  ? -3.929  7.796   -7.826  1.00 21.81 ? 112 DC  B "O5'"  1 
ATOM   346 C "C5'"  . DC  B 1 2  ? -3.594  8.923   -8.655  1.00 20.99 ? 112 DC  B "C5'"  1 
ATOM   347 C "C4'"  . DC  B 1 2  ? -2.972  9.997   -7.824  1.00 19.65 ? 112 DC  B "C4'"  1 
ATOM   348 O "O4'"  . DC  B 1 2  ? -3.961  10.502  -6.885  1.00 19.22 ? 112 DC  B "O4'"  1 
ATOM   349 C "C3'"  . DC  B 1 2  ? -1.812  9.581   -6.942  1.00 19.89 ? 112 DC  B "C3'"  1 
ATOM   350 O "O3'"  . DC  B 1 2  ? -0.588  9.499   -7.754  1.00 20.82 ? 112 DC  B "O3'"  1 
ATOM   351 C "C2'"  . DC  B 1 2  ? -1.816  10.643  -5.931  1.00 18.82 ? 112 DC  B "C2'"  1 
ATOM   352 C "C1'"  . DC  B 1 2  ? -3.259  10.866  -5.681  1.00 18.70 ? 112 DC  B "C1'"  1 
ATOM   353 N N1     . DC  B 1 2  ? -3.780  10.022  -4.587  1.00 18.08 ? 112 DC  B N1     1 
ATOM   354 C C2     . DC  B 1 2  ? -3.552  10.444  -3.266  1.00 16.92 ? 112 DC  B C2     1 
ATOM   355 O O2     . DC  B 1 2  ? -2.929  11.501  -3.094  1.00 17.47 ? 112 DC  B O2     1 
ATOM   356 N N3     . DC  B 1 2  ? -4.009  9.722   -2.229  1.00 17.39 ? 112 DC  B N3     1 
ATOM   357 C C4     . DC  B 1 2  ? -4.678  8.577   -2.470  1.00 17.40 ? 112 DC  B C4     1 
ATOM   358 N N4     . DC  B 1 2  ? -5.132  7.856   -1.457  1.00 19.49 ? 112 DC  B N4     1 
ATOM   359 C C5     . DC  B 1 2  ? -4.931  8.115   -3.791  1.00 19.13 ? 112 DC  B C5     1 
ATOM   360 C C6     . DC  B 1 2  ? -4.461  8.857   -4.801  1.00 19.23 ? 112 DC  B C6     1 
ATOM   361 H "H5'"  . DC  B 1 2  ? -4.394  9.263   -9.084  1.00 25.19 ? 112 DC  B "H5'"  1 
ATOM   362 H "H5''" . DC  B 1 2  ? -2.974  8.646   -9.348  1.00 25.19 ? 112 DC  B "H5''" 1 
ATOM   363 H "H4'"  . DC  B 1 2  ? -2.684  10.728  -8.410  1.00 23.57 ? 112 DC  B "H4'"  1 
ATOM   364 H "H3'"  . DC  B 1 2  ? -1.998  8.716   -6.524  1.00 23.86 ? 112 DC  B "H3'"  1 
ATOM   365 H "H2'"  . DC  B 1 2  ? -1.362  10.359  -5.122  1.00 22.59 ? 112 DC  B "H2'"  1 
ATOM   366 H "H2''" . DC  B 1 2  ? -1.392  11.448  -6.266  1.00 22.59 ? 112 DC  B "H2''" 1 
ATOM   367 H "H1'"  . DC  B 1 2  ? -3.417  11.811  -5.477  1.00 22.44 ? 112 DC  B "H1'"  1 
ATOM   368 H H41    . DC  B 1 2  ? -5.000  8.118   -0.648  1.00 23.38 ? 112 DC  B H41    1 
ATOM   369 H H42    . DC  B 1 2  ? -5.559  7.125   -1.607  1.00 23.38 ? 112 DC  B H42    1 
ATOM   370 H H5     . DC  B 1 2  ? -5.404  7.330   -3.946  1.00 22.95 ? 112 DC  B H5     1 
ATOM   371 H H6     . DC  B 1 2  ? -4.601  8.569   -5.675  1.00 23.08 ? 112 DC  B H6     1 
ATOM   372 P P      . DG  B 1 3  ? 0.491   8.414   -7.294  1.00 21.79 ? 113 DG  B P      1 
ATOM   373 O OP1    . DG  B 1 3  ? 1.652   8.699   -8.231  1.00 24.76 ? 113 DG  B OP1    1 
ATOM   374 O OP2    . DG  B 1 3  ? -0.140  7.108   -7.221  1.00 25.00 ? 113 DG  B OP2    1 
ATOM   375 O "O5'"  . DG  B 1 3  ? 0.952   8.784   -5.815  1.00 19.47 ? 113 DG  B "O5'"  1 
ATOM   376 C "C5'"  . DG  B 1 3  ? 1.689   9.987   -5.631  1.00 19.54 ? 113 DG  B "C5'"  1 
ATOM   377 C "C4'"  . DG  B 1 3  ? 1.916   10.290  -4.182  1.00 19.31 ? 113 DG  B "C4'"  1 
ATOM   378 O "O4'"  . DG  B 1 3  ? 0.607   10.500  -3.542  1.00 19.10 ? 113 DG  B "O4'"  1 
ATOM   379 C "C3'"  . DG  B 1 3  ? 2.523   9.219   -3.355  1.00 17.78 ? 113 DG  B "C3'"  1 
ATOM   380 O "O3'"  . DG  B 1 3  ? 3.923   9.070   -3.657  1.00 18.03 ? 113 DG  B "O3'"  1 
ATOM   381 C "C2'"  . DG  B 1 3  ? 2.232   9.764   -1.976  1.00 18.04 ? 113 DG  B "C2'"  1 
ATOM   382 C "C1'"  . DG  B 1 3  ? 0.782   10.214  -2.170  1.00 18.18 ? 113 DG  B "C1'"  1 
ATOM   383 N N9     . DG  B 1 3  ? -0.140  9.148   -1.826  1.00 18.75 ? 113 DG  B N9     1 
ATOM   384 C C8     . DG  B 1 3  ? -0.918  8.340   -2.621  1.00 17.60 ? 113 DG  B C8     1 
ATOM   385 N N7     . DG  B 1 3  ? -1.624  7.480   -1.925  1.00 18.12 ? 113 DG  B N7     1 
ATOM   386 C C5     . DG  B 1 3  ? -1.296  7.727   -0.590  1.00 16.80 ? 113 DG  B C5     1 
ATOM   387 C C6     . DG  B 1 3  ? -1.737  7.106   0.610   1.00 17.22 ? 113 DG  B C6     1 
ATOM   388 O O6     . DG  B 1 3  ? -2.556  6.174   0.723   1.00 17.72 ? 113 DG  B O6     1 
ATOM   389 N N1     . DG  B 1 3  ? -1.137  7.678   1.718   1.00 17.57 ? 113 DG  B N1     1 
ATOM   390 C C2     . DG  B 1 3  ? -0.230  8.712   1.671   1.00 16.99 ? 113 DG  B C2     1 
ATOM   391 N N2     . DG  B 1 3  ? 0.244   9.130   2.827   1.00 18.26 ? 113 DG  B N2     1 
ATOM   392 N N3     . DG  B 1 3  ? 0.182   9.287   0.555   1.00 18.07 ? 113 DG  B N3     1 
ATOM   393 C C4     . DG  B 1 3  ? -0.389  8.742   -0.532  1.00 17.54 ? 113 DG  B C4     1 
ATOM   394 H "H5'"  . DG  B 1 3  ? 1.206   10.722  -6.038  1.00 23.44 ? 113 DG  B "H5'"  1 
ATOM   395 H "H5''" . DG  B 1 3  ? 2.545   9.908   -6.079  1.00 23.44 ? 113 DG  B "H5''" 1 
ATOM   396 H "H4'"  . DG  B 1 3  ? 2.452   11.106  -4.101  1.00 23.17 ? 113 DG  B "H4'"  1 
ATOM   397 H "H3'"  . DG  B 1 3  ? 2.051   8.372   -3.493  1.00 21.33 ? 113 DG  B "H3'"  1 
ATOM   398 H "H2'"  . DG  B 1 3  ? 2.308   9.078   -1.295  1.00 21.65 ? 113 DG  B "H2'"  1 
ATOM   399 H "H2''" . DG  B 1 3  ? 2.813   10.508  -1.753  1.00 21.65 ? 113 DG  B "H2''" 1 
ATOM   400 H "H1'"  . DG  B 1 3  ? 0.596   11.011  -1.629  1.00 21.81 ? 113 DG  B "H1'"  1 
ATOM   401 H H8     . DG  B 1 3  ? -0.940  8.397   -3.549  1.00 21.12 ? 113 DG  B H8     1 
ATOM   402 H H1     . DG  B 1 3  ? -1.347  7.365   2.491   1.00 21.08 ? 113 DG  B H1     1 
ATOM   403 H H21    . DG  B 1 3  ? 0.816   9.772   2.850   1.00 21.91 ? 113 DG  B H21    1 
ATOM   404 H H22    . DG  B 1 3  ? -0.019  8.761   3.558   1.00 21.91 ? 113 DG  B H22    1 
ATOM   405 P P      . DT  B 1 4  ? 4.669   7.716   -3.329  1.00 19.17 ? 114 DT  B P      1 
ATOM   406 O OP1    . DT  B 1 4  ? 6.055   7.951   -3.844  1.00 21.42 ? 114 DT  B OP1    1 
ATOM   407 O OP2    . DT  B 1 4  ? 3.915   6.534   -3.823  1.00 20.23 ? 114 DT  B OP2    1 
ATOM   408 O "O5'"  . DT  B 1 4  ? 4.615   7.577   -1.766  1.00 19.11 ? 114 DT  B "O5'"  1 
ATOM   409 C "C5'"  . DT  B 1 4  ? 5.378   8.547   -0.975  1.00 18.71 ? 114 DT  B "C5'"  1 
ATOM   410 C "C4'"  . DT  B 1 4  ? 5.277   8.198   0.475   1.00 19.44 ? 114 DT  B "C4'"  1 
ATOM   411 O "O4'"  . DT  B 1 4  ? 3.869   8.362   0.896   1.00 18.97 ? 114 DT  B "O4'"  1 
ATOM   412 C "C3'"  . DT  B 1 4  ? 5.546   6.783   0.959   1.00 19.06 ? 114 DT  B "C3'"  1 
ATOM   413 O "O3'"  . DT  B 1 4  ? 6.974   6.547   0.944   1.00 21.22 ? 114 DT  B "O3'"  1 
ATOM   414 C "C2'"  . DT  B 1 4  ? 4.890   6.794   2.302   1.00 20.25 ? 114 DT  B "C2'"  1 
ATOM   415 C "C1'"  . DT  B 1 4  ? 3.607   7.506   1.990   1.00 18.94 ? 114 DT  B "C1'"  1 
ATOM   416 N N1     . DT  B 1 4  ? 2.553   6.532   1.618   1.00 17.78 ? 114 DT  B N1     1 
ATOM   417 C C2     . DT  B 1 4  ? 1.897   5.867   2.636   1.00 17.24 ? 114 DT  B C2     1 
ATOM   418 O O2     . DT  B 1 4  ? 2.134   6.042   3.813   1.00 18.18 ? 114 DT  B O2     1 
ATOM   419 N N3     . DT  B 1 4  ? 0.942   4.984   2.227   1.00 17.11 ? 114 DT  B N3     1 
ATOM   420 C C4     . DT  B 1 4  ? 0.594   4.695   0.886   1.00 16.61 ? 114 DT  B C4     1 
ATOM   421 O O4     . DT  B 1 4  ? -0.286  3.855   0.703   1.00 17.93 ? 114 DT  B O4     1 
ATOM   422 C C5     . DT  B 1 4  ? 1.325   5.414   -0.103  1.00 17.42 ? 114 DT  B C5     1 
ATOM   423 C C7     . DT  B 1 4  ? 1.007   5.160   -1.568  1.00 20.08 ? 114 DT  B C7     1 
ATOM   424 C C6     . DT  B 1 4  ? 2.255   6.296   0.272   1.00 16.83 ? 114 DT  B C6     1 
ATOM   425 H "H5'"  . DT  B 1 4  ? 5.029   9.439   -1.123  1.00 22.45 ? 114 DT  B "H5'"  1 
ATOM   426 H "H5''" . DT  B 1 4  ? 6.308   8.535   -1.251  1.00 22.45 ? 114 DT  B "H5''" 1 
ATOM   427 H "H4'"  . DT  B 1 4  ? 5.834   8.818   0.988   1.00 23.33 ? 114 DT  B "H4'"  1 
ATOM   428 H "H3'"  . DT  B 1 4  ? 5.096   6.139   0.373   1.00 22.87 ? 114 DT  B "H3'"  1 
ATOM   429 H "H2'"  . DT  B 1 4  ? 4.727   5.894   2.627   1.00 24.30 ? 114 DT  B "H2'"  1 
ATOM   430 H "H2''" . DT  B 1 4  ? 5.418   7.280   2.953   1.00 24.30 ? 114 DT  B "H2''" 1 
ATOM   431 H "H1'"  . DT  B 1 4  ? 3.318   8.031   2.765   1.00 22.72 ? 114 DT  B "H1'"  1 
ATOM   432 H H3     . DT  B 1 4  ? 0.512   4.563   2.841   1.00 20.53 ? 114 DT  B H3     1 
ATOM   433 H H71    . DT  B 1 4  ? 0.317   4.495   -1.635  1.00 30.11 ? 114 DT  B H71    1 
ATOM   434 H H72    . DT  B 1 4  ? 1.795   4.850   -2.018  1.00 30.11 ? 114 DT  B H72    1 
ATOM   435 H H73    . DT  B 1 4  ? 0.706   5.975   -1.976  1.00 30.11 ? 114 DT  B H73    1 
ATOM   436 H H6     . DT  B 1 4  ? 2.718   6.768   -0.382  1.00 20.19 ? 114 DT  B H6     1 
ATOM   437 P P      . DA  B 1 5  ? 7.539   5.061   0.742   1.00 25.60 ? 115 DA  B P      1 
ATOM   438 O OP1    . DA  B 1 5  ? 9.005   5.293   0.598   1.00 34.67 ? 115 DA  B OP1    1 
ATOM   439 O OP2    . DA  B 1 5  ? 6.778   4.399   -0.338  1.00 27.33 ? 115 DA  B OP2    1 
ATOM   440 O "O5'"  . DA  B 1 5  ? 7.175   4.382   2.122   1.00 22.53 ? 115 DA  B "O5'"  1 
ATOM   441 C "C5'"  . DA  B 1 5  ? 7.647   4.846   3.393   1.00 24.12 ? 115 DA  B "C5'"  1 
ATOM   442 C "C4'"  . DA  B 1 5  ? 6.970   4.132   4.517   1.00 20.65 ? 115 DA  B "C4'"  1 
ATOM   443 O "O4'"  . DA  B 1 5  ? 5.556   4.414   4.439   1.00 19.13 ? 115 DA  B "O4'"  1 
ATOM   444 C "C3'"  . DA  B 1 5  ? 6.971   2.634   4.496   1.00 19.98 ? 115 DA  B "C3'"  1 
ATOM   445 O "O3'"  . DA  B 1 5  ? 8.249   2.129   4.978   1.00 19.47 ? 115 DA  B "O3'"  1 
ATOM   446 C "C2'"  . DA  B 1 5  ? 5.824   2.305   5.382   1.00 18.97 ? 115 DA  B "C2'"  1 
ATOM   447 C "C1'"  . DA  B 1 5  ? 4.811   3.322   4.928   1.00 18.41 ? 115 DA  B "C1'"  1 
ATOM   448 N N9     . DA  B 1 5  ? 3.932   2.862   3.819   1.00 17.36 ? 115 DA  B N9     1 
ATOM   449 C C8     . DA  B 1 5  ? 4.014   3.090   2.466   1.00 17.83 ? 115 DA  B C8     1 
ATOM   450 N N7     . DA  B 1 5  ? 3.049   2.509   1.774   1.00 17.52 ? 115 DA  B N7     1 
ATOM   451 C C5     . DA  B 1 5  ? 2.304   1.881   2.730   1.00 16.63 ? 115 DA  B C5     1 
ATOM   452 C C6     . DA  B 1 5  ? 1.142   1.095   2.683   1.00 16.85 ? 115 DA  B C6     1 
ATOM   453 N N6     . DA  B 1 5  ? 0.493   0.797   1.541   1.00 18.50 ? 115 DA  B N6     1 
ATOM   454 N N1     . DA  B 1 5  ? 0.635   0.597   3.819   1.00 16.80 ? 115 DA  B N1     1 
ATOM   455 C C2     . DA  B 1 5  ? 1.248   0.878   4.974   1.00 17.10 ? 115 DA  B C2     1 
ATOM   456 N N3     . DA  B 1 5  ? 2.356   1.619   5.151   1.00 16.97 ? 115 DA  B N3     1 
ATOM   457 C C4     . DA  B 1 5  ? 2.829   2.089   4.003   1.00 16.54 ? 115 DA  B C4     1 
ATOM   458 H "H5'"  . DA  B 1 5  ? 7.479   5.798   3.471   1.00 28.94 ? 115 DA  B "H5'"  1 
ATOM   459 H "H5''" . DA  B 1 5  ? 8.605   4.704   3.453   1.00 28.94 ? 115 DA  B "H5''" 1 
ATOM   460 H "H4'"  . DA  B 1 5  ? 7.324   4.451   5.373   1.00 24.78 ? 115 DA  B "H4'"  1 
ATOM   461 H "H3'"  . DA  B 1 5  ? 6.800   2.308   3.587   1.00 23.98 ? 115 DA  B "H3'"  1 
ATOM   462 H "H2'"  . DA  B 1 5  ? 5.509   1.399   5.237   1.00 22.77 ? 115 DA  B "H2'"  1 
ATOM   463 H "H2''" . DA  B 1 5  ? 6.052   2.421   6.318   1.00 22.77 ? 115 DA  B "H2''" 1 
ATOM   464 H "H1'"  . DA  B 1 5  ? 4.264   3.608   5.690   1.00 22.09 ? 115 DA  B "H1'"  1 
ATOM   465 H H8     . DA  B 1 5  ? 4.684   3.603   2.075   1.00 21.40 ? 115 DA  B H8     1 
ATOM   466 H H61    . DA  B 1 5  ? -0.214  0.306   1.563   1.00 22.20 ? 115 DA  B H61    1 
ATOM   467 H H62    . DA  B 1 5  ? 0.784   1.097   0.790   1.00 22.20 ? 115 DA  B H62    1 
ATOM   468 H H2     . DA  B 1 5  ? 0.864   0.519   5.743   1.00 20.52 ? 115 DA  B H2     1 
HETATM 469 N N1     . 2MU B 1 6  ? 4.277   -1.749  5.725   1.00 16.70 ? 116 2MU B N1     1 
HETATM 470 C C2     . 2MU B 1 6  ? 3.032   -2.357  5.600   1.00 16.98 ? 116 2MU B C2     1 
HETATM 471 N N3     . 2MU B 1 6  ? 2.552   -2.285  4.314   1.00 16.98 ? 116 2MU B N3     1 
HETATM 472 C C4     . 2MU B 1 6  ? 3.160   -1.734  3.221   1.00 17.11 ? 116 2MU B C4     1 
HETATM 473 C C5     . 2MU B 1 6  ? 4.450   -1.131  3.417   1.00 16.38 ? 116 2MU B C5     1 
HETATM 474 C C5M    . 2MU B 1 6  ? 5.209   -0.494  2.292   1.00 18.03 ? 116 2MU B C5M    1 
HETATM 475 C C6     . 2MU B 1 6  ? 4.932   -1.188  4.664   1.00 17.13 ? 116 2MU B C6     1 
HETATM 476 O O2     . 2MU B 1 6  ? 2.458   -2.857  6.533   1.00 18.55 ? 116 2MU B O2     1 
HETATM 477 O O4     . 2MU B 1 6  ? 2.590   -1.759  2.121   1.00 18.51 ? 116 2MU B O4     1 
HETATM 478 C "C1'"  . 2MU B 1 6  ? 4.843   -1.800  7.121   1.00 17.15 ? 116 2MU B "C1'"  1 
HETATM 479 C "C2'"  . 2MU B 1 6  ? 5.592   -3.016  7.452   1.00 17.65 ? 116 2MU B "C2'"  1 
HETATM 480 O "O2'"  . 2MU B 1 6  ? 5.581   -3.231  8.839   1.00 19.52 ? 116 2MU B "O2'"  1 
HETATM 481 C "C3'"  . 2MU B 1 6  ? 6.967   -2.615  7.030   1.00 18.37 ? 116 2MU B "C3'"  1 
HETATM 482 C "C4'"  . 2MU B 1 6  ? 7.074   -1.217  7.557   1.00 18.53 ? 116 2MU B "C4'"  1 
HETATM 483 O "O3'"  . 2MU B 1 6  ? 8.005   -3.488  7.581   1.00 20.39 ? 116 2MU B "O3'"  1 
HETATM 484 O "O4'"  . 2MU B 1 6  ? 5.758   -0.672  7.235   1.00 18.19 ? 116 2MU B "O4'"  1 
HETATM 485 C "C5'"  . 2MU B 1 6  ? 8.111   -0.331  6.968   1.00 19.65 ? 116 2MU B "C5'"  1 
HETATM 486 O "O5'"  . 2MU B 1 6  ? 7.969   -0.279  5.549   1.00 18.85 ? 116 2MU B "O5'"  1 
HETATM 487 C "C6'"  . 2MU B 1 6  ? 4.399   -3.824  9.351   1.00 23.96 ? 116 2MU B "C6'"  1 
HETATM 488 P P      . 2MU B 1 6  ? 8.818   0.686   4.643   1.00 20.41 ? 116 2MU B P      1 
HETATM 489 O OP1    . 2MU B 1 6  ? 10.231  0.716   5.100   1.00 22.56 ? 116 2MU B OP1    1 
HETATM 490 O OP2    . 2MU B 1 6  ? 8.493   0.310   3.251   1.00 22.86 ? 116 2MU B OP2    1 
HETATM 491 H "H1'"  . 2MU B 1 6  ? 4.114   -1.688  7.766   1.00 20.58 ? 116 2MU B "H1'"  1 
HETATM 492 H "H2'"  . 2MU B 1 6  ? 5.267   -3.797  6.956   1.00 21.18 ? 116 2MU B "H2'"  1 
HETATM 493 H "H3'"  . 2MU B 1 6  ? 7.026   -2.607  6.052   1.00 22.05 ? 116 2MU B "H3'"  1 
HETATM 494 H "H4'"  . 2MU B 1 6  ? 7.185   -1.245  8.530   1.00 22.23 ? 116 2MU B "H4'"  1 
HETATM 495 H "H5'"  . 2MU B 1 6  ? 8.024   0.562   7.337   1.00 23.58 ? 116 2MU B "H5'"  1 
HETATM 496 H "H5''" . 2MU B 1 6  ? 8.993   -0.666  7.194   1.00 23.58 ? 116 2MU B "H5''" 1 
HETATM 497 H "H6'3" A 2MU B 1 6  ? 4.486   -3.944  10.300  0.33 35.94 ? 116 2MU B "H6'3" 1 
HETATM 498 H "H6'3" B 2MU B 1 6  ? 4.259   -4.676  8.932   0.33 35.94 ? 116 2MU B "H6'3" 1 
HETATM 499 H "H6'3" C 2MU B 1 6  ? 3.650   -3.252  9.169   0.33 35.94 ? 116 2MU B "H6'3" 1 
HETATM 500 P P      . FA2 B 1 7  ? 8.841   -4.447  6.620   1.00 21.56 ? 117 FA2 B P      1 
HETATM 501 O OP1    . FA2 B 1 7  ? 9.731   -5.186  7.504   1.00 24.67 ? 117 FA2 B OP1    1 
HETATM 502 O OP2    . FA2 B 1 7  ? 9.281   -3.646  5.460   1.00 23.32 ? 117 FA2 B OP2    1 
HETATM 503 O "O3'"  . FA2 B 1 7  ? 7.757   -5.471  5.975   1.00 21.34 ? 117 FA2 B "O3'"  1 
HETATM 504 N N9     . FA2 B 1 7  ? 4.612   -6.367  4.673   1.00 19.37 ? 117 FA2 B N9     1 
HETATM 505 C C4     . FA2 B 1 7  ? 3.386   -6.533  4.072   1.00 18.36 ? 117 FA2 B C4     1 
HETATM 506 N N3     . FA2 B 1 7  ? 2.428   -7.407  4.405   1.00 19.02 ? 117 FA2 B N3     1 
HETATM 507 C C2     . FA2 B 1 7  ? 1.370   -7.295  3.594   1.00 18.06 ? 117 FA2 B C2     1 
HETATM 508 N N1     . FA2 B 1 7  ? 1.197   -6.470  2.577   1.00 17.41 ? 117 FA2 B N1     1 
HETATM 509 C C6     . FA2 B 1 7  ? 2.176   -5.593  2.254   1.00 17.07 ? 117 FA2 B C6     1 
HETATM 510 N N6     . FA2 B 1 7  ? 1.993   -4.773  1.229   1.00 17.44 ? 117 FA2 B N6     1 
HETATM 511 C C5     . FA2 B 1 7  ? 3.343   -5.628  3.047   1.00 18.83 ? 117 FA2 B C5     1 
HETATM 512 N N7     . FA2 B 1 7  ? 4.506   -4.861  2.971   1.00 19.30 ? 117 FA2 B N7     1 
HETATM 513 C C8     . FA2 B 1 7  ? 5.229   -5.347  3.959   1.00 19.47 ? 117 FA2 B C8     1 
HETATM 514 C "C2'"  . FA2 B 1 7  ? 6.666   -7.511  5.578   1.00 23.92 ? 117 FA2 B "C2'"  1 
HETATM 515 C "C4'"  . FA2 B 1 7  ? 6.347   -6.548  7.690   1.00 23.38 ? 117 FA2 B "C4'"  1 
HETATM 516 O "O4'"  . FA2 B 1 7  ? 5.146   -6.247  6.936   1.00 21.06 ? 117 FA2 B "O4'"  1 
HETATM 517 C "C1'"  . FA2 B 1 7  ? 5.178   -7.084  5.830   1.00 20.78 ? 117 FA2 B "C1'"  1 
HETATM 518 C "C3'"  . FA2 B 1 7  ? 7.401   -6.669  6.631   1.00 22.72 ? 117 FA2 B "C3'"  1 
HETATM 519 O "O2'"  . FA2 B 1 7  ? 6.844   -8.868  5.916   1.00 28.38 ? 117 FA2 B "O2'"  1 
HETATM 520 H H2     . FA2 B 1 7  ? 0.663   -7.872  3.770   1.00 21.67 ? 117 FA2 B H2     1 
HETATM 521 H H6A    . FA2 B 1 7  ? 1.260   -4.804  0.779   1.00 20.93 ? 117 FA2 B H6A    1 
HETATM 522 H H6B    . FA2 B 1 7  ? 2.607   -4.211  1.014   1.00 20.93 ? 117 FA2 B H6B    1 
HETATM 523 H H8     . FA2 B 1 7  ? 6.080   -5.034  4.162   1.00 23.36 ? 117 FA2 B H8     1 
HETATM 524 H "H2'"  . FA2 B 1 7  ? 6.963   -7.311  4.665   1.00 28.70 ? 117 FA2 B "H2'"  1 
HETATM 525 H "H4'1" . FA2 B 1 7  ? 6.250   -7.377  8.183   1.00 28.06 ? 117 FA2 B "H4'1" 1 
HETATM 526 H "H4'2" . FA2 B 1 7  ? 6.557   -5.833  8.311   1.00 28.06 ? 117 FA2 B "H4'2" 1 
HETATM 527 H "H1'"  . FA2 B 1 7  ? 4.639   -7.881  6.011   1.00 24.94 ? 117 FA2 B "H1'"  1 
HETATM 528 H "H3'"  . FA2 B 1 7  ? 8.192   -7.137  6.970   1.00 27.27 ? 117 FA2 B "H3'"  1 
ATOM   529 P P      . DC  B 1 8  ? 7.824   -9.848  5.038   1.00 28.29 ? 118 DC  B P      1 
ATOM   530 O OP1    . DC  B 1 8  ? 8.579   -10.491 6.124   1.00 36.60 ? 118 DC  B OP1    1 
ATOM   531 O OP2    . DC  B 1 8  ? 8.531   -9.102  3.956   1.00 32.91 ? 118 DC  B OP2    1 
ATOM   532 O "O5'"  . DC  B 1 8  ? 6.852   -10.884 4.426   1.00 22.74 ? 118 DC  B "O5'"  1 
ATOM   533 C "C5'"  . DC  B 1 8  ? 5.951   -11.611 5.271   1.00 21.48 ? 118 DC  B "C5'"  1 
ATOM   534 C "C4'"  . DC  B 1 8  ? 4.674   -11.873 4.500   1.00 19.87 ? 118 DC  B "C4'"  1 
ATOM   535 O "O4'"  . DC  B 1 8  ? 4.024   -10.593 4.258   1.00 18.12 ? 118 DC  B "O4'"  1 
ATOM   536 C "C3'"  . DC  B 1 8  ? 4.811   -12.470 3.142   1.00 18.49 ? 118 DC  B "C3'"  1 
ATOM   537 O "O3'"  . DC  B 1 8  ? 4.921   -13.905 3.331   1.00 20.83 ? 118 DC  B "O3'"  1 
ATOM   538 C "C2'"  . DC  B 1 8  ? 3.575   -12.027 2.455   1.00 17.39 ? 118 DC  B "C2'"  1 
ATOM   539 C "C1'"  . DC  B 1 8  ? 3.287   -10.698 3.022   1.00 16.99 ? 118 DC  B "C1'"  1 
ATOM   540 N N1     . DC  B 1 8  ? 3.725   -9.582  2.170   1.00 16.44 ? 118 DC  B N1     1 
ATOM   541 C C2     . DC  B 1 8  ? 2.848   -9.121  1.175   1.00 16.00 ? 118 DC  B C2     1 
ATOM   542 O O2     . DC  B 1 8  ? 1.766   -9.716  1.095   1.00 17.29 ? 118 DC  B O2     1 
ATOM   543 N N3     . DC  B 1 8  ? 3.205   -8.122  0.386   1.00 16.58 ? 118 DC  B N3     1 
ATOM   544 C C4     . DC  B 1 8  ? 4.399   -7.538  0.534   1.00 15.87 ? 118 DC  B C4     1 
ATOM   545 N N4     . DC  B 1 8  ? 4.708   -6.547  -0.286  1.00 17.75 ? 118 DC  B N4     1 
ATOM   546 C C5     . DC  B 1 8  ? 5.336   -7.979  1.524   1.00 17.09 ? 118 DC  B C5     1 
ATOM   547 C C6     . DC  B 1 8  ? 4.946   -8.990  2.307   1.00 17.69 ? 118 DC  B C6     1 
ATOM   548 H "H5'"  . DC  B 1 8  ? 5.756   -11.096 6.070   1.00 25.78 ? 118 DC  B "H5'"  1 
ATOM   549 H "H5''" . DC  B 1 8  ? 6.354   -12.451 5.541   1.00 25.78 ? 118 DC  B "H5''" 1 
ATOM   550 H "H4'"  . DC  B 1 8  ? 4.083   -12.437 5.041   1.00 23.84 ? 118 DC  B "H4'"  1 
ATOM   551 H "H3'"  . DC  B 1 8  ? 5.604   -12.120 2.686   1.00 22.19 ? 118 DC  B "H3'"  1 
ATOM   552 H "H2'"  . DC  B 1 8  ? 3.714   -11.970 1.497   1.00 20.87 ? 118 DC  B "H2'"  1 
ATOM   553 H "H2''" . DC  B 1 8  ? 2.845   -12.641 2.629   1.00 20.87 ? 118 DC  B "H2''" 1 
ATOM   554 H "H1'"  . DC  B 1 8  ? 2.327   -10.618 3.201   1.00 20.39 ? 118 DC  B "H1'"  1 
ATOM   555 H H41    . DC  B 1 8  ? 4.149   -6.297  -0.889  1.00 21.30 ? 118 DC  B H41    1 
ATOM   556 H H42    . DC  B 1 8  ? 5.469   -6.152  -0.216  1.00 21.30 ? 118 DC  B H42    1 
ATOM   557 H H5     . DC  B 1 8  ? 6.172   -7.583  1.617   1.00 20.51 ? 118 DC  B H5     1 
ATOM   558 H H6     . DC  B 1 8  ? 5.526   -9.298  2.967   1.00 21.23 ? 118 DC  B H6     1 
ATOM   559 P P      . DG  B 1 9  ? 5.393   -14.882 2.202   1.00 21.36 ? 119 DG  B P      1 
ATOM   560 O OP1    . DG  B 1 9  ? 5.489   -16.264 2.706   1.00 26.30 ? 119 DG  B OP1    1 
ATOM   561 O OP2    . DG  B 1 9  ? 6.609   -14.302 1.537   1.00 22.78 ? 119 DG  B OP2    1 
ATOM   562 O "O5'"  . DG  B 1 9  ? 4.196   -14.796 1.187   1.00 19.95 ? 119 DG  B "O5'"  1 
ATOM   563 C "C5'"  . DG  B 1 9  ? 4.413   -14.796 -0.230  1.00 20.20 ? 119 DG  B "C5'"  1 
ATOM   564 C "C4'"  . DG  B 1 9  ? 3.103   -14.464 -0.912  1.00 17.26 ? 119 DG  B "C4'"  1 
ATOM   565 O "O4'"  . DG  B 1 9  ? 2.771   -13.110 -0.640  1.00 16.60 ? 119 DG  B "O4'"  1 
ATOM   566 C "C3'"  . DG  B 1 9  ? 3.184   -14.543 -2.401  1.00 16.35 ? 119 DG  B "C3'"  1 
ATOM   567 O "O3'"  . DG  B 1 9  ? 2.845   -15.894 -2.828  1.00 18.00 ? 119 DG  B "O3'"  1 
ATOM   568 C "C2'"  . DG  B 1 9  ? 2.200   -13.580 -2.891  1.00 15.71 ? 119 DG  B "C2'"  1 
ATOM   569 C "C1'"  . DG  B 1 9  ? 2.266   -12.534 -1.929  1.00 16.26 ? 119 DG  B "C1'"  1 
ATOM   570 N N9     . DG  B 1 9  ? 3.154   -11.326 -2.111  1.00 15.15 ? 119 DG  B N9     1 
ATOM   571 C C8     . DG  B 1 9  ? 4.224   -10.858 -1.388  1.00 16.50 ? 119 DG  B C8     1 
ATOM   572 N N7     . DG  B 1 9  ? 4.716   -9.771  -1.865  1.00 16.39 ? 119 DG  B N7     1 
ATOM   573 C C5     . DG  B 1 9  ? 3.925   -9.461  -2.982  1.00 15.04 ? 119 DG  B C5     1 
ATOM   574 C C6     . DG  B 1 9  ? 3.955   -8.408  -3.913  1.00 15.80 ? 119 DG  B C6     1 
ATOM   575 O O6     . DG  B 1 9  ? 4.766   -7.433  -3.942  1.00 17.27 ? 119 DG  B O6     1 
ATOM   576 N N1     . DG  B 1 9  ? 2.973   -8.515  -4.846  1.00 15.44 ? 119 DG  B N1     1 
ATOM   577 C C2     . DG  B 1 9  ? 2.037   -9.551  -4.908  1.00 15.65 ? 119 DG  B C2     1 
ATOM   578 N N2     . DG  B 1 9  ? 1.188   -9.425  -5.930  1.00 16.28 ? 119 DG  B N2     1 
ATOM   579 N N3     . DG  B 1 9  ? 2.008   -10.524 -4.049  1.00 15.31 ? 119 DG  B N3     1 
ATOM   580 C C4     . DG  B 1 9  ? 2.959   -10.441 -3.117  1.00 15.18 ? 119 DG  B C4     1 
ATOM   581 H "H5'"  . DG  B 1 9  ? 4.726   -15.668 -0.518  1.00 24.24 ? 119 DG  B "H5'"  1 
ATOM   582 H "H5''" . DG  B 1 9  ? 5.087   -14.138 -0.463  1.00 24.24 ? 119 DG  B "H5''" 1 
ATOM   583 H "H4'"  . DG  B 1 9  ? 2.394   -15.055 -0.583  1.00 20.71 ? 119 DG  B "H4'"  1 
ATOM   584 H "H3'"  . DG  B 1 9  ? 4.082   -14.302 -2.709  1.00 19.62 ? 119 DG  B "H3'"  1 
ATOM   585 H "H2'"  . DG  B 1 9  ? 2.435   -13.258 -3.774  1.00 18.86 ? 119 DG  B "H2'"  1 
ATOM   586 H "H2''" . DG  B 1 9  ? 1.312   -13.972 -2.921  1.00 18.86 ? 119 DG  B "H2''" 1 
ATOM   587 H "H1'"  . DG  B 1 9  ? 1.352   -12.212 -1.775  1.00 19.52 ? 119 DG  B "H1'"  1 
ATOM   588 H H8     . DG  B 1 9  ? 4.557   -11.284 -0.632  1.00 19.80 ? 119 DG  B H8     1 
ATOM   589 H H1     . DG  B 1 9  ? 2.925   -7.899  -5.443  1.00 18.53 ? 119 DG  B H1     1 
ATOM   590 H H21    . DG  B 1 9  ? 0.571   -10.012 -6.051  1.00 19.54 ? 119 DG  B H21    1 
ATOM   591 H H22    . DG  B 1 9  ? 1.258   -8.758  -6.467  1.00 19.54 ? 119 DG  B H22    1 
ATOM   592 P P      . DC  B 1 10 ? 3.557   -16.517 -4.111  1.00 18.54 ? 120 DC  B P      1 
ATOM   593 O OP1    . DC  B 1 10 ? 3.050   -17.881 -4.227  1.00 20.76 ? 120 DC  B OP1    1 
ATOM   594 O OP2    . DC  B 1 10 ? 5.008   -16.288 -4.082  1.00 21.41 ? 120 DC  B OP2    1 
ATOM   595 O "O5'"  . DC  B 1 10 ? 3.029   -15.669 -5.344  1.00 17.96 ? 120 DC  B "O5'"  1 
ATOM   596 C "C5'"  . DC  B 1 10 ? 1.638   -15.744 -5.747  1.00 17.82 ? 120 DC  B "C5'"  1 
ATOM   597 C "C4'"  . DC  B 1 10 ? 1.505   -14.879 -6.964  1.00 17.46 ? 120 DC  B "C4'"  1 
ATOM   598 O "O4'"  . DC  B 1 10 ? 1.673   -13.506 -6.542  1.00 16.32 ? 120 DC  B "O4'"  1 
ATOM   599 C "C3'"  . DC  B 1 10 ? 2.553   -15.020 -8.044  1.00 20.48 ? 120 DC  B "C3'"  1 
ATOM   600 O "O3'"  . DC  B 1 10 ? 2.191   -16.021 -9.046  1.00 20.70 ? 120 DC  B "O3'"  1 
ATOM   601 C "C2'"  . DC  B 1 10 ? 2.600   -13.747 -8.712  1.00 19.64 ? 120 DC  B "C2'"  1 
ATOM   602 C "C1'"  . DC  B 1 10 ? 2.259   -12.795 -7.690  1.00 16.84 ? 120 DC  B "C1'"  1 
ATOM   603 N N1     . DC  B 1 10 ? 3.383   -12.037 -7.063  1.00 16.13 ? 120 DC  B N1     1 
ATOM   604 C C2     . DC  B 1 10 ? 3.702   -10.844 -7.680  1.00 16.06 ? 120 DC  B C2     1 
ATOM   605 O O2     . DC  B 1 10 ? 3.091   -10.452 -8.668  1.00 16.41 ? 120 DC  B O2     1 
ATOM   606 N N3     . DC  B 1 10 ? 4.704   -10.062 -7.172  1.00 15.96 ? 120 DC  B N3     1 
ATOM   607 C C4     . DC  B 1 10 ? 5.363   -10.514 -6.115  1.00 16.58 ? 120 DC  B C4     1 
ATOM   608 N N4     . DC  B 1 10 ? 6.355   -9.710  -5.658  1.00 17.82 ? 120 DC  B N4     1 
ATOM   609 C C5     . DC  B 1 10 ? 5.044   -11.722 -5.514  1.00 16.89 ? 120 DC  B C5     1 
ATOM   610 C C6     . DC  B 1 10 ? 4.047   -12.509 -5.976  1.00 16.02 ? 120 DC  B C6     1 
ATOM   611 H "H5'"  . DC  B 1 10 ? 1.061   -15.421 -5.037  1.00 21.39 ? 120 DC  B "H5'"  1 
ATOM   612 H "H5''" . DC  B 1 10 ? 1.393   -16.659 -5.954  1.00 21.39 ? 120 DC  B "H5''" 1 
ATOM   613 H "H4'"  . DC  B 1 10 ? 0.613   -14.995 -7.354  1.00 20.95 ? 120 DC  B "H4'"  1 
ATOM   614 H "H3'"  . DC  B 1 10 ? 3.424   -15.231 -7.649  1.00 24.58 ? 120 DC  B "H3'"  1 
ATOM   615 H "HO3'" . DC  B 1 10 ? 1.579   -16.485 -8.759  1.00 31.06 ? 120 DC  B "HO3'" 1 
ATOM   616 H "H2'"  . DC  B 1 10 ? 3.487   -13.573 -9.064  1.00 23.56 ? 120 DC  B "H2'"  1 
ATOM   617 H "H2''" . DC  B 1 10 ? 1.961   -13.715 -9.440  1.00 23.56 ? 120 DC  B "H2''" 1 
ATOM   618 H "H1'"  . DC  B 1 10 ? 1.602   -12.163 -8.046  1.00 20.21 ? 120 DC  B "H1'"  1 
ATOM   619 H H41    . DC  B 1 10 ? 6.520   -8.963  -6.052  1.00 21.39 ? 120 DC  B H41    1 
ATOM   620 H H42    . DC  B 1 10 ? 6.821   -9.947  -4.975  1.00 21.39 ? 120 DC  B H42    1 
ATOM   621 H H5     . DC  B 1 10 ? 5.531   -11.999 -4.770  1.00 20.27 ? 120 DC  B H5     1 
ATOM   622 H H6     . DC  B 1 10 ? 3.830   -13.321 -5.577  1.00 19.23 ? 120 DC  B H6     1 
HETATM 623 N N1     . SPM C 2 .  ? 0.448   4.750   -11.515 1.00 61.44 ? 201 SPM B N1     1 
HETATM 624 C C2     . SPM C 2 .  ? 1.510   5.826   -11.501 1.00 53.02 ? 201 SPM B C2     1 
HETATM 625 C C3     . SPM C 2 .  ? 2.235   5.932   -10.191 1.00 50.30 ? 201 SPM B C3     1 
HETATM 626 C C4     . SPM C 2 .  ? 3.353   6.959   -10.252 1.00 46.89 ? 201 SPM B C4     1 
HETATM 627 N N5     . SPM C 2 .  ? 3.947   7.246   -8.892  1.00 43.44 ? 201 SPM B N5     1 
HETATM 628 C C6     . SPM C 2 .  ? 5.084   8.221   -8.979  1.00 47.53 ? 201 SPM B C6     1 
HETATM 629 C C7     . SPM C 2 .  ? 5.341   8.978   -7.699  1.00 42.99 ? 201 SPM B C7     1 
HETATM 630 C C8     . SPM C 2 .  ? 6.670   8.539   -7.088  1.00 33.81 ? 201 SPM B C8     1 
HETATM 631 C C9     . SPM C 2 .  ? 7.421   9.660   -6.413  1.00 22.96 ? 201 SPM B C9     1 
HETATM 632 N N10    . SPM C 2 .  ? 6.601   10.193  -5.266  1.00 19.80 ? 201 SPM B N10    1 
HETATM 633 C C11    . SPM C 2 .  ? 7.341   11.166  -4.407  1.00 19.65 ? 201 SPM B C11    1 
HETATM 634 C C12    . SPM C 2 .  ? 6.501   11.558  -3.204  1.00 19.32 ? 201 SPM B C12    1 
HETATM 635 C C13    . SPM C 2 .  ? 7.119   12.767  -2.563  1.00 19.28 ? 201 SPM B C13    1 
HETATM 636 N N14    . SPM C 2 .  ? 6.402   12.999  -1.205  1.00 17.61 ? 201 SPM B N14    1 
HETATM 637 O O      . HOH D 3 .  ? -5.099  19.789  4.272   1.00 19.49 ? 501 HOH A O      1 
HETATM 638 O O      . HOH D 3 .  ? -3.123  16.777  9.288   1.00 18.69 ? 504 HOH A O      1 
HETATM 639 O O      . HOH D 3 .  ? -0.476  -8.798  -9.734  1.00 20.26 ? 506 HOH A O      1 
HETATM 640 O O      . HOH D 3 .  ? -9.734  -8.134  -3.147  1.00 48.20 ? 509 HOH A O      1 
HETATM 641 O O      . HOH D 3 .  ? -6.003  -5.163  -0.786  1.00 20.88 ? 512 HOH A O      1 
HETATM 642 O O      . HOH D 3 .  ? -0.314  14.226  1.069   1.00 25.42 ? 513 HOH A O      1 
HETATM 643 O O      . HOH D 3 .  ? -1.137  -2.710  -6.740  1.00 23.51 ? 516 HOH A O      1 
HETATM 644 O O      . HOH D 3 .  ? -5.897  12.357  6.038   1.00 23.82 ? 517 HOH A O      1 
HETATM 645 O O      . HOH D 3 .  ? -6.452  14.978  8.641   1.00 28.60 ? 520 HOH A O      1 
HETATM 646 O O      . HOH D 3 .  ? -10.964 -8.327  3.174   1.00 21.35 ? 521 HOH A O      1 
HETATM 647 O O      . HOH D 3 .  ? -10.115 -10.691 -0.766  1.00 30.61 ? 522 HOH A O      1 
HETATM 648 O O      . HOH D 3 .  ? -3.422  11.560  12.717  1.00 25.82 ? 526 HOH A O      1 
HETATM 649 O O      . HOH D 3 .  ? 1.858   -2.563  -4.561  1.00 25.92 ? 529 HOH A O      1 
HETATM 650 O O      . HOH D 3 .  ? -6.011  18.669  6.601   1.00 25.75 ? 531 HOH A O      1 
HETATM 651 O O      . HOH D 3 .  ? -5.866  8.172   4.777   1.00 26.92 ? 532 HOH A O      1 
HETATM 652 O O      . HOH D 3 .  ? -6.837  3.782   6.612   1.00 31.93 ? 535 HOH A O      1 
HETATM 653 O O      . HOH D 3 .  ? -6.558  7.080   2.021   1.00 39.28 ? 536 HOH A O      1 
HETATM 654 O O      . HOH D 3 .  ? 1.042   -0.927  -6.889  1.00 27.27 ? 539 HOH A O      1 
HETATM 655 O O      . HOH D 3 .  ? -1.317  18.335  6.450   1.00 44.75 ? 541 HOH A O      1 
HETATM 656 O O      . HOH D 3 .  ? -5.020  -3.076  -4.445  1.00 27.31 ? 542 HOH A O      1 
HETATM 657 O O      . HOH D 3 .  ? -7.383  10.470  4.393   1.00 26.47 ? 543 HOH A O      1 
HETATM 658 O O      . HOH D 3 .  ? -2.121  -6.833  7.013   1.00 28.47 ? 544 HOH A O      1 
HETATM 659 O O      . HOH D 3 .  ? -2.130  -2.188  -4.139  1.00 36.90 ? 547 HOH A O      1 
HETATM 660 O O      . HOH D 3 .  ? -6.012  -2.350  -0.373  1.00 36.90 ? 548 HOH A O      1 
HETATM 661 O O      . HOH D 3 .  ? -0.208  -2.655  -1.641  1.00 41.49 ? 549 HOH A O      1 
HETATM 662 O O      . HOH D 3 .  ? -6.367  4.360   3.881   1.00 29.85 ? 552 HOH A O      1 
HETATM 663 O O      . HOH D 3 .  ? -3.364  -2.700  12.188  1.00 37.15 ? 553 HOH A O      1 
HETATM 664 O O      . HOH D 3 .  ? -5.798  1.657   3.590   1.00 37.07 ? 555 HOH A O      1 
HETATM 665 O O      . HOH D 3 .  ? 0.139   17.397  1.965   1.00 49.92 ? 556 HOH A O      1 
HETATM 666 O O      . HOH D 3 .  ? -1.328  0.771   -11.253 1.00 35.30 ? 557 HOH A O      1 
HETATM 667 O O      . HOH D 3 .  ? -9.837  -4.590  0.377   1.00 35.16 ? 560 HOH A O      1 
HETATM 668 O O      . HOH D 3 .  ? -11.668 -7.098  -0.105  1.00 41.62 ? 561 HOH A O      1 
HETATM 669 O O      . HOH D 3 .  ? -3.312  -1.548  -0.257  1.00 35.26 ? 562 HOH A O      1 
HETATM 670 O O      . HOH D 3 .  ? -9.639  -1.773  8.509   1.00 62.25 ? 563 HOH A O      1 
HETATM 671 O O      . HOH D 3 .  ? 4.154   -3.482  -2.326  1.00 38.85 ? 565 HOH A O      1 
HETATM 672 O O      . HOH D 3 .  ? -8.984  -4.118  -4.035  1.00 87.86 ? 567 HOH A O      1 
HETATM 673 O O      . HOH D 3 .  ? -6.297  7.885   7.478   1.00 39.37 ? 568 HOH A O      1 
HETATM 674 O O      . HOH D 3 .  ? -4.103  -6.826  9.009   1.00 37.60 ? 570 HOH A O      1 
HETATM 675 O O      . HOH D 3 .  ? 5.647   -2.611  -5.292  1.00 70.68 ? 572 HOH A O      1 
HETATM 676 O O      . HOH D 3 .  ? 0.479   1.385   8.639   1.00 24.63 ? 576 HOH A O      1 
HETATM 677 O O      . HOH D 3 .  ? 8.693   -6.461  -5.265  1.00 40.16 ? 579 HOH A O      1 
HETATM 678 O O      . HOH D 3 .  ? 0.146   -7.507  8.233   1.00 41.52 ? 581 HOH A O      1 
HETATM 679 O O      . HOH D 3 .  ? -5.719  -2.302  -6.931  1.00 51.68 ? 582 HOH A O      1 
HETATM 680 O O      . HOH D 3 .  ? -3.961  9.248   13.884  1.00 41.96 ? 584 HOH A O      1 
HETATM 681 O O      . HOH D 3 .  ? -9.049  -3.104  2.355   1.00 49.86 ? 588 HOH A O      1 
HETATM 682 O O      . HOH D 3 .  ? 3.970   2.650   -12.999 1.00 60.12 ? 590 HOH A O      1 
HETATM 683 O O      . HOH D 3 .  ? -2.661  -9.468  -8.305  1.00 29.01 ? 592 HOH A O      1 
HETATM 684 O O      . HOH D 3 .  ? -12.337 -1.498  5.792   0.50 49.23 ? 593 HOH A O      1 
HETATM 685 O O      . HOH D 3 .  ? -1.070  -4.424  12.155  1.00 52.18 ? 596 HOH A O      1 
HETATM 686 O O      . HOH D 3 .  ? -11.087 -10.492 -4.414  1.00 37.48 ? 597 HOH A O      1 
HETATM 687 O O      . HOH D 3 .  ? -7.283  1.117   6.626   0.50 29.80 ? 598 HOH A O      1 
HETATM 688 O O      . HOH D 3 .  ? 3.873   -0.631  -14.628 1.00 46.88 ? 599 HOH A O      1 
HETATM 689 O O      . HOH D 3 .  ? 2.087   1.303   -13.728 1.00 46.92 ? 600 HOH A O      1 
HETATM 690 O O      . HOH D 3 .  ? -10.346 10.265  4.275   1.00 43.93 ? 602 HOH A O      1 
HETATM 691 O O      . HOH D 3 .  ? -6.814  -1.299  -2.430  1.00 55.78 ? 603 HOH A O      1 
HETATM 692 O O      . HOH D 3 .  ? -11.911 -1.514  3.059   1.00 51.96 ? 604 HOH A O      1 
HETATM 693 O O      . HOH D 3 .  ? -7.661  0.806   2.612   0.50 33.98 ? 606 HOH A O      1 
HETATM 694 O O      . HOH D 3 .  ? -5.376  -1.318  -11.805 0.50 47.58 ? 607 HOH A O      1 
HETATM 695 O O      . HOH D 3 .  ? 4.710   1.156   -8.132  0.50 52.75 ? 608 HOH A O      1 
HETATM 696 O O      . HOH D 3 .  ? -8.781  6.978   10.785  1.00 91.32 ? 609 HOH A O      1 
HETATM 697 O O      . HOH E 3 .  ? 1.189   1.157   -1.371  1.00 37.97 ? 502 HOH B O      1 
HETATM 698 O O      . HOH E 3 .  ? 6.844   -12.826 -2.478  1.00 21.68 ? 503 HOH B O      1 
HETATM 699 O O      . HOH E 3 .  ? 2.934   2.718   7.679   1.00 21.01 ? 505 HOH B O      1 
HETATM 700 O O      . HOH E 3 .  ? 6.760   -12.095 0.209   1.00 20.75 ? 507 HOH B O      1 
HETATM 701 O O      . HOH E 3 .  ? 1.139   -11.015 -10.548 1.00 19.37 ? 508 HOH B O      1 
HETATM 702 O O      . HOH E 3 .  ? 7.212   -8.798  -1.378  1.00 20.95 ? 510 HOH B O      1 
HETATM 703 O O      . HOH E 3 .  ? 7.008   -6.480  -2.763  1.00 29.15 ? 511 HOH B O      1 
HETATM 704 O O      . HOH E 3 .  ? 8.008   -10.592 -3.432  1.00 23.56 ? 514 HOH B O      1 
HETATM 705 O O      . HOH E 3 .  ? -2.711  5.214   -2.967  1.00 29.17 ? 515 HOH B O      1 
HETATM 706 O O      . HOH E 3 .  ? 1.890   -0.985  8.669   1.00 27.15 ? 518 HOH B O      1 
HETATM 707 O O      . HOH E 3 .  ? 7.617   -3.654  10.651  1.00 39.15 ? 519 HOH B O      1 
HETATM 708 O O      . HOH E 3 .  ? 3.128   -1.304  -0.519  1.00 34.11 ? 523 HOH B O      1 
HETATM 709 O O      . HOH E 3 .  ? 3.187   2.341   -1.030  1.00 25.67 ? 524 HOH B O      1 
HETATM 710 O O      . HOH E 3 .  ? 11.191  1.755   7.412   1.00 31.72 ? 525 HOH B O      1 
HETATM 711 O O      . HOH E 3 .  ? 8.559   -16.771 3.213   1.00 34.07 ? 527 HOH B O      1 
HETATM 712 O O      . HOH E 3 .  ? 7.211   -15.439 -2.904  1.00 23.90 ? 528 HOH B O      1 
HETATM 713 O O      . HOH E 3 .  ? 4.504   4.344   -2.242  1.00 37.07 ? 530 HOH B O      1 
HETATM 714 O O      . HOH E 3 .  ? 7.890   -16.171 -0.221  1.00 28.75 ? 533 HOH B O      1 
HETATM 715 O O      . HOH E 3 .  ? 3.326   11.058  -8.397  1.00 27.89 ? 534 HOH B O      1 
HETATM 716 O O      . HOH E 3 .  ? 8.376   -9.970  0.947   1.00 22.85 ? 537 HOH B O      1 
HETATM 717 O O      . HOH E 3 .  ? 6.312   -3.654  1.127   1.00 27.54 ? 538 HOH B O      1 
HETATM 718 O O      . HOH E 3 .  ? -4.899  4.870   0.144   1.00 31.95 ? 540 HOH B O      1 
HETATM 719 O O      . HOH E 3 .  ? 2.571   -18.523 -8.000  1.00 27.83 ? 545 HOH B O      1 
HETATM 720 O O      . HOH E 3 .  ? 8.162   -2.541  3.222   1.00 30.71 ? 546 HOH B O      1 
HETATM 721 O O      . HOH E 3 .  ? 4.002   -9.391  8.285   1.00 39.37 ? 550 HOH B O      1 
HETATM 722 O O      . HOH E 3 .  ? 2.138   -8.735  6.892   1.00 31.82 ? 551 HOH B O      1 
HETATM 723 O O      . HOH E 3 .  ? 1.634   12.334  0.308   1.00 57.80 ? 554 HOH B O      1 
HETATM 724 O O      . HOH E 3 .  ? 11.050  -9.830  -0.044  1.00 33.24 ? 558 HOH B O      1 
HETATM 725 O O      . HOH E 3 .  ? 7.710   -5.876  -0.095  1.00 34.07 ? 559 HOH B O      1 
HETATM 726 O O      . HOH E 3 .  ? 11.405  -9.258  5.663   1.00 40.48 ? 564 HOH B O      1 
HETATM 727 O O      . HOH E 3 .  ? 5.016   -19.592 -5.080  1.00 30.84 ? 566 HOH B O      1 
HETATM 728 O O      . HOH E 3 .  ? 4.305   -7.442  10.532  0.50 51.57 ? 569 HOH B O      1 
HETATM 729 O O      . HOH E 3 .  ? -2.401  1.102   -3.698  1.00 78.59 ? 571 HOH B O      1 
HETATM 730 O O      . HOH E 3 .  ? -0.858  5.544   -9.480  1.00 89.84 ? 573 HOH B O      1 
HETATM 731 O O      . HOH E 3 .  ? 1.880   5.521   -5.122  1.00 43.62 ? 574 HOH B O      1 
HETATM 732 O O      . HOH E 3 .  ? 9.983   7.744   -0.276  1.00 33.37 ? 575 HOH B O      1 
HETATM 733 O O      . HOH E 3 .  ? 4.968   5.068   -7.044  1.00 56.37 ? 577 HOH B O      1 
HETATM 734 O O      . HOH E 3 .  ? 11.462  -1.755  5.605   1.00 35.03 ? 578 HOH B O      1 
HETATM 735 O O      . HOH E 3 .  ? 5.502   0.557   -1.187  0.50 49.38 ? 580 HOH B O      1 
HETATM 736 O O      . HOH E 3 .  ? 10.912  3.377   1.571   1.00 56.42 ? 583 HOH B O      1 
HETATM 737 O O      . HOH E 3 .  ? 1.479   -19.419 -5.871  1.00 38.06 ? 585 HOH B O      1 
HETATM 738 O O      . HOH E 3 .  ? 12.985  -9.037  3.933   1.00 51.17 ? 586 HOH B O      1 
HETATM 739 O O      . HOH E 3 .  ? -3.842  1.453   -0.920  1.00 64.50 ? 587 HOH B O      1 
HETATM 740 O O      . HOH E 3 .  ? -6.309  3.536   -7.401  0.00 9.34  ? 589 HOH B O      1 
HETATM 741 O O      . HOH E 3 .  ? 5.471   -14.905 6.111   1.00 57.28 ? 591 HOH B O      1 
HETATM 742 O O      . HOH E 3 .  ? 9.190   -5.881  10.112  1.00 84.60 ? 594 HOH B O      1 
HETATM 743 O O      . HOH E 3 .  ? -5.913  7.879   -12.002 1.00 73.30 ? 595 HOH B O      1 
HETATM 744 O O      . HOH E 3 .  ? -1.798  3.033   -1.429  1.00 39.46 ? 601 HOH B O      1 
HETATM 745 O O      . HOH E 3 .  ? -8.425  7.222   0.223   1.00 38.70 ? 605 HOH B O      1 
# 
loop_
_atom_site_anisotrop.id 
_atom_site_anisotrop.type_symbol 
_atom_site_anisotrop.pdbx_label_atom_id 
_atom_site_anisotrop.pdbx_label_alt_id 
_atom_site_anisotrop.pdbx_label_comp_id 
_atom_site_anisotrop.pdbx_label_asym_id 
_atom_site_anisotrop.pdbx_label_seq_id 
_atom_site_anisotrop.pdbx_PDB_ins_code 
_atom_site_anisotrop.U[1][1] 
_atom_site_anisotrop.U[2][2] 
_atom_site_anisotrop.U[3][3] 
_atom_site_anisotrop.U[1][2] 
_atom_site_anisotrop.U[1][3] 
_atom_site_anisotrop.U[2][3] 
_atom_site_anisotrop.pdbx_auth_seq_id 
_atom_site_anisotrop.pdbx_auth_comp_id 
_atom_site_anisotrop.pdbx_auth_asym_id 
_atom_site_anisotrop.pdbx_auth_atom_id 
1   O "O5'" . DG  A 1  ? 0.6511 0.3509 0.6331 0.0777  -0.2881 -0.1778 1   DG  A "O5'" 
2   C "C5'" . DG  A 1  ? 0.4274 0.2729 0.5458 -0.0768 -0.0743 -0.0467 1   DG  A "C5'" 
3   C "C4'" . DG  A 1  ? 0.2466 0.2805 0.4010 -0.0303 -0.0239 -0.0343 1   DG  A "C4'" 
4   O "O4'" . DG  A 1  ? 0.2479 0.2779 0.3061 -0.0329 -0.0213 -0.0061 1   DG  A "O4'" 
5   C "C3'" . DG  A 1  ? 0.2728 0.2723 0.2713 0.0029  -0.0205 0.0046  1   DG  A "C3'" 
6   O "O3'" . DG  A 1  ? 0.2441 0.2692 0.3236 -0.0208 -0.0282 0.0144  1   DG  A "O3'" 
7   C "C2'" . DG  A 1  ? 0.2277 0.2752 0.2564 -0.0086 -0.0222 0.0044  1   DG  A "C2'" 
8   C "C1'" . DG  A 1  ? 0.2109 0.2825 0.2768 -0.0268 -0.0052 0.0044  1   DG  A "C1'" 
9   N N9    . DG  A 1  ? 0.1984 0.2772 0.2665 -0.0303 -0.0188 -0.0150 1   DG  A N9    
10  C C8    . DG  A 1  ? 0.2882 0.3349 0.2562 -0.0916 -0.0337 0.0052  1   DG  A C8    
11  N N7    . DG  A 1  ? 0.2727 0.2887 0.2830 -0.0388 -0.0484 -0.0023 1   DG  A N7    
12  C C5    . DG  A 1  ? 0.2024 0.2381 0.3092 0.0233  -0.0361 -0.0164 1   DG  A C5    
13  C C6    . DG  A 1  ? 0.2121 0.2395 0.2649 0.0214  -0.0181 -0.0397 1   DG  A C6    
14  O O6    . DG  A 1  ? 0.2460 0.2640 0.2736 -0.0119 -0.0329 -0.0132 1   DG  A O6    
15  N N1    . DG  A 1  ? 0.2032 0.2297 0.2434 0.0253  -0.0007 -0.0418 1   DG  A N1    
16  C C2    . DG  A 1  ? 0.2130 0.2166 0.2439 0.0240  -0.0054 -0.0387 1   DG  A C2    
17  N N2    . DG  A 1  ? 0.1881 0.2481 0.2549 -0.0089 0.0096  -0.0135 1   DG  A N2    
18  N N3    . DG  A 1  ? 0.1976 0.2368 0.2720 -0.0018 -0.0014 -0.0215 1   DG  A N3    
19  C C4    . DG  A 1  ? 0.1870 0.2474 0.2765 0.0070  -0.0104 -0.0229 1   DG  A C4    
31  P P     . DC  A 2  ? 0.2715 0.2596 0.3327 0.0031  -0.0100 -0.0088 2   DC  A P     
32  O OP1   . DC  A 2  ? 0.3050 0.2727 0.4024 0.0244  -0.0320 0.0180  2   DC  A OP1   
33  O OP2   . DC  A 2  ? 0.2864 0.2926 0.3571 -0.0034 -0.0353 -0.0625 2   DC  A OP2   
34  O "O5'" . DC  A 2  ? 0.2479 0.2673 0.2394 0.0021  -0.0123 -0.0133 2   DC  A "O5'" 
35  C "C5'" . DC  A 2  ? 0.2986 0.2686 0.2236 0.0083  -0.0104 -0.0092 2   DC  A "C5'" 
36  C "C4'" . DC  A 2  ? 0.2173 0.2572 0.2430 0.0223  -0.0040 -0.0158 2   DC  A "C4'" 
37  O "O4'" . DC  A 2  ? 0.2253 0.2751 0.2170 0.0229  -0.0018 -0.0121 2   DC  A "O4'" 
38  C "C3'" . DC  A 2  ? 0.2126 0.2840 0.2388 0.0259  -0.0155 0.0019  2   DC  A "C3'" 
39  O "O3'" . DC  A 2  ? 0.2101 0.3186 0.2292 0.0222  -0.0167 0.0045  2   DC  A "O3'" 
40  C "C2'" . DC  A 2  ? 0.2042 0.2887 0.2244 0.0291  -0.0078 -0.0080 2   DC  A "C2'" 
41  C "C1'" . DC  A 2  ? 0.2117 0.2694 0.2185 0.0126  -0.0070 -0.0129 2   DC  A "C1'" 
42  N N1    . DC  A 2  ? 0.1912 0.2430 0.2215 -0.0044 0.0038  -0.0059 2   DC  A N1    
43  C C2    . DC  A 2  ? 0.1761 0.2427 0.2090 0.0030  0.0013  -0.0162 2   DC  A C2    
44  O O2    . DC  A 2  ? 0.1962 0.2419 0.2215 -0.0068 -0.0163 -0.0115 2   DC  A O2    
45  N N3    . DC  A 2  ? 0.1832 0.2387 0.2167 0.0176  -0.0077 -0.0379 2   DC  A N3    
46  C C4    . DC  A 2  ? 0.2020 0.2443 0.2455 0.0081  -0.0133 -0.0309 2   DC  A C4    
47  N N4    . DC  A 2  ? 0.2179 0.2246 0.2729 -0.0055 -0.0340 -0.0337 2   DC  A N4    
48  C C5    . DC  A 2  ? 0.2392 0.2429 0.2598 0.0057  -0.0248 -0.0298 2   DC  A C5    
49  C C6    . DC  A 2  ? 0.2301 0.2666 0.2653 -0.0314 -0.0268 0.0201  2   DC  A C6    
61  P P     . DG  A 3  ? 0.2350 0.3156 0.2305 0.0511  -0.0099 0.0124  3   DG  A P     
62  O OP1   . DG  A 3  ? 0.2347 0.4114 0.2213 0.0802  -0.0074 0.0238  3   DG  A OP1   
63  O OP2   . DG  A 3  ? 0.2797 0.3140 0.2591 0.0637  -0.0004 -0.0088 3   DG  A OP2   
64  O "O5'" . DG  A 3  ? 0.2271 0.3241 0.2096 0.0537  -0.0090 0.0017  3   DG  A "O5'" 
65  C "C5'" . DG  A 3  ? 0.2324 0.2986 0.2151 0.0613  0.0158  -0.0060 3   DG  A "C5'" 
66  C "C4'" . DG  A 3  ? 0.1907 0.2748 0.2020 0.0258  -0.0145 -0.0292 3   DG  A "C4'" 
67  O "O4'" . DG  A 3  ? 0.2020 0.2984 0.2153 0.0394  -0.0022 -0.0159 3   DG  A "O4'" 
68  C "C3'" . DG  A 3  ? 0.1827 0.3271 0.1903 0.0367  -0.0320 -0.0046 3   DG  A "C3'" 
69  O "O3'" . DG  A 3  ? 0.1849 0.3545 0.2127 0.0272  -0.0179 0.0052  3   DG  A "O3'" 
70  C "C2'" . DG  A 3  ? 0.1866 0.2859 0.2179 0.0333  -0.0053 -0.0176 3   DG  A "C2'" 
71  C "C1'" . DG  A 3  ? 0.1946 0.2652 0.2322 0.0280  -0.0218 -0.0141 3   DG  A "C1'" 
72  N N9    . DG  A 3  ? 0.2093 0.2445 0.1884 0.0293  -0.0068 -0.0228 3   DG  A N9    
73  C C8    . DG  A 3  ? 0.1966 0.2351 0.2229 0.0461  -0.0046 -0.0228 3   DG  A C8    
74  N N7    . DG  A 3  ? 0.2099 0.2640 0.2011 0.0215  0.0046  -0.0231 3   DG  A N7    
75  C C5    . DG  A 3  ? 0.2067 0.2532 0.1894 0.0377  -0.0046 -0.0416 3   DG  A C5    
76  C C6    . DG  A 3  ? 0.1959 0.2412 0.2098 0.0435  -0.0123 -0.0529 3   DG  A C6    
77  O O6    . DG  A 3  ? 0.1963 0.2815 0.2174 0.0087  -0.0101 -0.0339 3   DG  A O6    
78  N N1    . DG  A 3  ? 0.1727 0.2548 0.2150 0.0431  -0.0122 -0.0341 3   DG  A N1    
79  C C2    . DG  A 3  ? 0.1569 0.2457 0.2097 0.0614  -0.0105 -0.0358 3   DG  A C2    
80  N N2    . DG  A 3  ? 0.1903 0.2471 0.1856 0.0457  -0.0205 -0.0388 3   DG  A N2    
81  N N3    . DG  A 3  ? 0.1873 0.2459 0.2016 0.0488  -0.0230 -0.0297 3   DG  A N3    
82  C C4    . DG  A 3  ? 0.1986 0.2294 0.1848 0.0493  -0.0051 -0.0428 3   DG  A C4    
94  P P     . DT  A 4  ? 0.1935 0.3109 0.2264 0.0258  -0.0148 -0.0052 4   DT  A P     
95  O OP1   . DT  A 4  ? 0.1751 0.3838 0.2842 0.0147  -0.0148 0.0070  4   DT  A OP1   
96  O OP2   . DT  A 4  ? 0.2087 0.2890 0.2555 0.0391  0.0034  0.0157  4   DT  A OP2   
97  O "O5'" . DT  A 4  ? 0.1951 0.2685 0.2187 0.0013  -0.0211 -0.0170 4   DT  A "O5'" 
98  C "C5'" . DT  A 4  ? 0.2107 0.2825 0.2319 -0.0153 -0.0383 -0.0141 4   DT  A "C5'" 
99  C "C4'" . DT  A 4  ? 0.1829 0.2485 0.2273 0.0068  -0.0158 -0.0275 4   DT  A "C4'" 
100 O "O4'" . DT  A 4  ? 0.1789 0.2625 0.2174 0.0168  -0.0073 -0.0398 4   DT  A "O4'" 
101 C "C3'" . DT  A 4  ? 0.1641 0.2533 0.2244 -0.0093 -0.0122 -0.0308 4   DT  A "C3'" 
102 O "O3'" . DT  A 4  ? 0.1759 0.2872 0.2241 -0.0138 -0.0111 -0.0223 4   DT  A "O3'" 
103 C "C2'" . DT  A 4  ? 0.1730 0.2280 0.2200 0.0077  0.0034  -0.0275 4   DT  A "C2'" 
104 C "C1'" . DT  A 4  ? 0.1730 0.2614 0.2132 -0.0070 -0.0050 -0.0262 4   DT  A "C1'" 
105 N N1    . DT  A 4  ? 0.1465 0.2489 0.2044 0.0154  -0.0069 -0.0289 4   DT  A N1    
106 C C2    . DT  A 4  ? 0.1679 0.1993 0.2164 0.0250  -0.0121 -0.0424 4   DT  A C2    
107 O O2    . DT  A 4  ? 0.1700 0.2418 0.2045 0.0064  -0.0138 -0.0221 4   DT  A O2    
108 N N3    . DT  A 4  ? 0.1618 0.2210 0.2139 0.0117  -0.0119 -0.0346 4   DT  A N3    
109 C C4    . DT  A 4  ? 0.1743 0.2154 0.2022 0.0144  0.0014  -0.0409 4   DT  A C4    
110 O O4    . DT  A 4  ? 0.1734 0.2285 0.2399 0.0010  0.0138  -0.0381 4   DT  A O4    
111 C C5    . DT  A 4  ? 0.1679 0.2356 0.2196 0.0197  -0.0082 -0.0341 4   DT  A C5    
112 C C7    . DT  A 4  ? 0.2111 0.2639 0.2230 0.0132  -0.0094 -0.0121 4   DT  A C7    
113 C C6    . DT  A 4  ? 0.1652 0.2532 0.1984 0.0065  0.0016  -0.0292 4   DT  A C6    
126 P P     . DA  A 5  ? 0.1738 0.2979 0.2574 0.0038  0.0020  -0.0065 5   DA  A P     
127 O OP1   . DA  A 5  ? 0.1782 0.3415 0.2523 -0.0106 0.0084  -0.0142 5   DA  A OP1   
128 O OP2   . DA  A 5  ? 0.1820 0.3440 0.2923 0.0418  0.0422  0.0413  5   DA  A OP2   
129 O "O5'" . DA  A 5  ? 0.1848 0.2756 0.2374 0.0194  0.0066  -0.0297 5   DA  A "O5'" 
130 C "C5'" . DA  A 5  ? 0.2021 0.2531 0.2506 0.0443  0.0265  -0.0161 5   DA  A "C5'" 
131 C "C4'" . DA  A 5  ? 0.1853 0.2787 0.2592 -0.0073 0.0243  -0.0500 5   DA  A "C4'" 
132 O "O4'" . DA  A 5  ? 0.1727 0.2588 0.3051 -0.0025 0.0008  -0.0875 5   DA  A "O4'" 
133 C "C3'" . DA  A 5  ? 0.2009 0.2581 0.3278 -0.0162 0.0494  -0.0666 5   DA  A "C3'" 
134 O "O3'" . DA  A 5  ? 0.2073 0.2764 0.3305 -0.0470 0.0692  -0.0767 5   DA  A "O3'" 
135 C "C2'" . DA  A 5  ? 0.1972 0.2727 0.3024 -0.0231 0.0421  -0.0923 5   DA  A "C2'" 
136 C "C1'" . DA  A 5  ? 0.1891 0.2681 0.2566 -0.0268 0.0210  -0.0779 5   DA  A "C1'" 
137 N N9    . DA  A 5  ? 0.1594 0.2543 0.2487 0.0014  -0.0070 -0.0572 5   DA  A N9    
138 C C8    . DA  A 5  ? 0.1585 0.2525 0.2563 0.0144  0.0021  -0.0627 5   DA  A C8    
139 N N7    . DA  A 5  ? 0.1617 0.2430 0.2666 0.0178  0.0008  -0.0504 5   DA  A N7    
140 C C5    . DA  A 5  ? 0.1546 0.2323 0.2613 0.0171  0.0104  -0.0559 5   DA  A C5    
141 C C6    . DA  A 5  ? 0.1412 0.2435 0.2599 0.0176  0.0270  -0.0558 5   DA  A C6    
142 N N6    . DA  A 5  ? 0.1662 0.2478 0.2580 -0.0009 0.0349  -0.0719 5   DA  A N6    
143 N N1    . DA  A 5  ? 0.1639 0.2718 0.2552 -0.0097 0.0216  -0.0689 5   DA  A N1    
144 C C2    . DA  A 5  ? 0.1589 0.2603 0.2502 0.0011  0.0149  -0.0632 5   DA  A C2    
145 N N3    . DA  A 5  ? 0.1666 0.2790 0.2396 -0.0136 0.0029  -0.0595 5   DA  A N3    
146 C C4    . DA  A 5  ? 0.1629 0.2384 0.2437 0.0024  0.0084  -0.0658 5   DA  A C4    
158 N N1    . 2MU A 6  ? 0.1844 0.2461 0.2665 0.0033  0.0253  -0.0360 6   2MU A N1    
159 C C2    . 2MU A 6  ? 0.1892 0.2345 0.2706 -0.0052 0.0187  -0.0303 6   2MU A C2    
160 N N3    . 2MU A 6  ? 0.1710 0.2496 0.2570 0.0212  0.0251  -0.0391 6   2MU A N3    
161 C C4    . 2MU A 6  ? 0.1725 0.2433 0.2701 0.0205  0.0230  -0.0472 6   2MU A C4    
162 C C5    . 2MU A 6  ? 0.1869 0.2811 0.2571 -0.0054 0.0199  -0.0627 6   2MU A C5    
163 C C5M   . 2MU A 6  ? 0.1964 0.2446 0.3054 0.0007  -0.0129 -0.0366 6   2MU A C5M   
164 C C6    . 2MU A 6  ? 0.1902 0.2616 0.2595 0.0031  0.0231  -0.0590 6   2MU A C6    
165 O O2    . 2MU A 6  ? 0.2088 0.3055 0.2560 -0.0323 0.0150  -0.0280 6   2MU A O2    
166 O O4    . 2MU A 6  ? 0.2028 0.2424 0.2575 0.0074  0.0077  -0.0461 6   2MU A O4    
167 C "C1'" . 2MU A 6  ? 0.2278 0.2141 0.2645 -0.0151 0.0151  -0.0375 6   2MU A "C1'" 
168 C "C2'" . 2MU A 6  ? 0.2484 0.2322 0.2649 -0.0144 0.0215  -0.0437 6   2MU A "C2'" 
169 O "O2'" . 2MU A 6  ? 0.2968 0.2590 0.2525 -0.0138 0.0262  -0.0343 6   2MU A "O2'" 
170 C "C3'" . 2MU A 6  ? 0.2579 0.2779 0.2781 -0.0337 0.0552  -0.0657 6   2MU A "C3'" 
171 C "C4'" . 2MU A 6  ? 0.2751 0.2844 0.2878 -0.0580 0.0517  -0.0691 6   2MU A "C4'" 
172 O "O3'" . 2MU A 6  ? 0.2740 0.3064 0.2571 -0.0252 0.0466  -0.0584 6   2MU A "O3'" 
173 O "O4'" . 2MU A 6  ? 0.2474 0.2502 0.2874 -0.0409 0.0410  -0.0535 6   2MU A "O4'" 
174 C "C5'" . 2MU A 6  ? 0.2305 0.2652 0.3723 -0.0063 0.0416  -0.0737 6   2MU A "C5'" 
175 O "O5'" . 2MU A 6  ? 0.2154 0.2645 0.3525 -0.0145 0.0497  -0.0875 6   2MU A "O5'" 
176 C "C6'" . 2MU A 6  ? 0.3124 0.2976 0.2986 -0.0586 -0.0439 -0.0360 6   2MU A "C6'" 
177 P P     . 2MU A 6  ? 0.2015 0.3063 0.3621 -0.0257 0.0604  -0.0975 6   2MU A P     
178 O OP1   . 2MU A 6  ? 0.2355 0.3643 0.4289 -0.0402 0.1178  -0.1127 6   2MU A OP1   
179 O OP2   . 2MU A 6  ? 0.1963 0.3105 0.3763 0.0157  0.0367  -0.1003 6   2MU A OP2   
189 P P     . FA2 A 7  ? 0.2446 0.2939 0.3035 -0.0355 0.0730  -0.0706 7   FA2 A P     
190 O OP1   . FA2 A 7  ? 0.3101 0.3445 0.3227 -0.0420 0.1233  -0.0653 7   FA2 A OP1   
191 O OP2   . FA2 A 7  ? 0.2077 0.3755 0.3866 -0.0440 0.0504  -0.0883 7   FA2 A OP2   
192 O "O3'" . FA2 A 7  ? 0.2214 0.3045 0.2889 -0.0402 0.0648  -0.0736 7   FA2 A "O3'" 
193 N N9    . FA2 A 7  ? 0.2048 0.2569 0.2507 -0.0055 0.0294  0.0003  7   FA2 A N9    
194 C C4    . FA2 A 7  ? 0.2161 0.2174 0.2562 -0.0074 0.0497  -0.0325 7   FA2 A C4    
195 N N3    . FA2 A 7  ? 0.1951 0.2377 0.2471 0.0053  0.0331  -0.0274 7   FA2 A N3    
196 C C2    . FA2 A 7  ? 0.1741 0.2438 0.2568 0.0045  0.0344  -0.0311 7   FA2 A C2    
197 N N1    . FA2 A 7  ? 0.1796 0.2208 0.2536 0.0113  0.0386  -0.0380 7   FA2 A N1    
198 C C6    . FA2 A 7  ? 0.1740 0.2258 0.2494 0.0182  0.0308  -0.0304 7   FA2 A C6    
199 N N6    . FA2 A 7  ? 0.2041 0.2603 0.2566 -0.0016 0.0248  -0.0412 7   FA2 A N6    
200 C C5    . FA2 A 7  ? 0.1759 0.2451 0.2565 0.0090  0.0254  -0.0112 7   FA2 A C5    
201 N N7    . FA2 A 7  ? 0.1790 0.2773 0.2599 0.0001  0.0243  -0.0085 7   FA2 A N7    
202 C C8    . FA2 A 7  ? 0.1949 0.2635 0.2616 -0.0018 0.0203  0.0076  7   FA2 A C8    
203 C "C2'" . FA2 A 7  ? 0.2313 0.2636 0.2537 -0.0054 0.0278  -0.0222 7   FA2 A "C2'" 
204 C "C4'" . FA2 A 7  ? 0.2622 0.3033 0.2098 0.0167  0.0343  -0.0204 7   FA2 A "C4'" 
205 O "O4'" . FA2 A 7  ? 0.2237 0.2834 0.2337 -0.0021 0.0273  -0.0063 7   FA2 A "O4'" 
206 C "C1'" . FA2 A 7  ? 0.2174 0.2862 0.2508 -0.0023 0.0310  -0.0035 7   FA2 A "C1'" 
207 C "C3'" . FA2 A 7  ? 0.2371 0.2599 0.2428 -0.0081 0.0458  -0.0405 7   FA2 A "C3'" 
208 O "O2'" . FA2 A 7  ? 0.2241 0.2532 0.3401 0.0146  -0.0069 -0.0374 7   FA2 A "O2'" 
218 P P     . DC  A 8  ? 0.2125 0.2713 0.3209 0.0066  0.0482  -0.0152 8   DC  A P     
219 O OP1   . DC  A 8  ? 0.3458 0.3130 0.3582 0.0006  0.1360  0.0286  8   DC  A OP1   
220 O OP2   . DC  A 8  ? 0.1734 0.3458 0.4475 0.0013  -0.0068 -0.0165 8   DC  A OP2   
221 O "O5'" . DC  A 8  ? 0.2143 0.2694 0.2512 -0.0037 0.0172  0.0038  8   DC  A "O5'" 
222 C "C5'" . DC  A 8  ? 0.2307 0.2763 0.2229 0.0099  0.0065  -0.0061 8   DC  A "C5'" 
223 C "C4'" . DC  A 8  ? 0.2226 0.2348 0.1807 0.0067  -0.0233 -0.0121 8   DC  A "C4'" 
224 O "O4'" . DC  A 8  ? 0.1992 0.2263 0.2318 0.0141  -0.0079 -0.0126 8   DC  A "O4'" 
225 C "C3'" . DC  A 8  ? 0.1665 0.2296 0.2119 0.0188  -0.0150 -0.0172 8   DC  A "C3'" 
226 O "O3'" . DC  A 8  ? 0.2062 0.2333 0.1969 0.0079  -0.0063 -0.0199 8   DC  A "O3'" 
227 C "C2'" . DC  A 8  ? 0.1861 0.2346 0.2004 0.0112  -0.0060 -0.0086 8   DC  A "C2'" 
228 C "C1'" . DC  A 8  ? 0.1945 0.2413 0.2068 0.0249  -0.0131 -0.0258 8   DC  A "C1'" 
229 N N1    . DC  A 8  ? 0.1726 0.2525 0.2187 0.0117  0.0004  -0.0336 8   DC  A N1    
230 C C2    . DC  A 8  ? 0.1670 0.2480 0.2119 0.0405  0.0115  -0.0375 8   DC  A C2    
231 O O2    . DC  A 8  ? 0.2058 0.2706 0.2020 0.0075  0.0107  -0.0297 8   DC  A O2    
232 N N3    . DC  A 8  ? 0.1941 0.2333 0.2218 0.0179  0.0128  -0.0333 8   DC  A N3    
233 C C4    . DC  A 8  ? 0.1940 0.2235 0.2316 0.0178  0.0165  -0.0432 8   DC  A C4    
234 N N4    . DC  A 8  ? 0.2502 0.2643 0.2320 -0.0215 0.0127  -0.0366 8   DC  A N4    
235 C C5    . DC  A 8  ? 0.1998 0.2513 0.2325 -0.0114 0.0045  -0.0337 8   DC  A C5    
236 C C6    . DC  A 8  ? 0.2014 0.2290 0.2339 0.0063  0.0146  -0.0444 8   DC  A C6    
248 P P     . DG  A 9  ? 0.1774 0.2411 0.2211 0.0190  0.0036  -0.0186 9   DG  A P     
249 O OP1   . DG  A 9  ? 0.2310 0.2448 0.2439 0.0152  0.0375  -0.0409 9   DG  A OP1   
250 O OP2   . DG  A 9  ? 0.1666 0.2673 0.3128 0.0032  0.0026  -0.0273 9   DG  A OP2   
251 O "O5'" . DG  A 9  ? 0.1853 0.2203 0.2009 0.0120  -0.0041 -0.0246 9   DG  A "O5'" 
252 C "C5'" . DG  A 9  ? 0.1980 0.2060 0.1818 0.0051  -0.0152 -0.0090 9   DG  A "C5'" 
253 C "C4'" . DG  A 9  ? 0.1918 0.2356 0.1829 0.0214  -0.0121 -0.0029 9   DG  A "C4'" 
254 O "O4'" . DG  A 9  ? 0.1792 0.2512 0.1935 0.0187  -0.0088 -0.0145 9   DG  A "O4'" 
255 C "C3'" . DG  A 9  ? 0.1850 0.2410 0.1769 0.0201  -0.0071 -0.0054 9   DG  A "C3'" 
256 O "O3'" . DG  A 9  ? 0.1866 0.2455 0.1855 0.0169  -0.0168 -0.0137 9   DG  A "O3'" 
257 C "C2'" . DG  A 9  ? 0.2184 0.2574 0.1743 0.0147  -0.0068 -0.0094 9   DG  A "C2'" 
258 C "C1'" . DG  A 9  ? 0.1814 0.2674 0.1797 0.0201  0.0002  -0.0145 9   DG  A "C1'" 
259 N N9    . DG  A 9  ? 0.1877 0.2574 0.1945 0.0196  -0.0072 -0.0080 9   DG  A N9    
260 C C8    . DG  A 9  ? 0.2046 0.2884 0.1829 0.0063  0.0005  0.0048  9   DG  A C8    
261 N N7    . DG  A 9  ? 0.2342 0.2420 0.2021 0.0131  -0.0128 0.0022  9   DG  A N7    
262 C C5    . DG  A 9  ? 0.1935 0.2479 0.1896 0.0259  -0.0109 -0.0066 9   DG  A C5    
263 C C6    . DG  A 9  ? 0.1878 0.2327 0.1960 0.0249  -0.0011 -0.0231 9   DG  A C6    
264 O O6    . DG  A 9  ? 0.2139 0.2600 0.2272 0.0016  0.0002  -0.0259 9   DG  A O6    
265 N N1    . DG  A 9  ? 0.2039 0.2326 0.1952 0.0270  0.0068  -0.0266 9   DG  A N1    
266 C C2    . DG  A 9  ? 0.2328 0.2359 0.1819 0.0115  0.0170  -0.0294 9   DG  A C2    
267 N N2    . DG  A 9  ? 0.2460 0.2814 0.1891 -0.0063 0.0186  -0.0180 9   DG  A N2    
268 N N3    . DG  A 9  ? 0.1947 0.2653 0.1846 0.0169  0.0181  -0.0365 9   DG  A N3    
269 C C4    . DG  A 9  ? 0.1950 0.2376 0.1810 0.0304  0.0070  -0.0262 9   DG  A C4    
281 P P     . DC  A 10 ? 0.1963 0.2491 0.2000 0.0284  0.0012  -0.0152 10  DC  A P     
282 O OP1   . DC  A 10 ? 0.2249 0.2502 0.2232 0.0257  0.0097  -0.0370 10  DC  A OP1   
283 O OP2   . DC  A 10 ? 0.1780 0.2585 0.2329 0.0269  0.0200  -0.0024 10  DC  A OP2   
284 O "O5'" . DC  A 10 ? 0.1848 0.2211 0.1956 0.0179  -0.0181 -0.0013 10  DC  A "O5'" 
285 C "C5'" . DC  A 10 ? 0.1954 0.2330 0.1985 0.0124  -0.0103 -0.0116 10  DC  A "C5'" 
286 C "C4'" . DC  A 10 ? 0.1881 0.2293 0.1913 -0.0030 -0.0083 0.0023  10  DC  A "C4'" 
287 O "O4'" . DC  A 10 ? 0.1812 0.2476 0.2045 0.0082  -0.0144 -0.0180 10  DC  A "O4'" 
288 C "C3'" . DC  A 10 ? 0.1757 0.2410 0.1895 0.0013  0.0065  -0.0064 10  DC  A "C3'" 
289 O "O3'" . DC  A 10 ? 0.1901 0.2505 0.2129 0.0227  -0.0144 -0.0266 10  DC  A "O3'" 
290 C "C2'" . DC  A 10 ? 0.1499 0.2471 0.2037 0.0013  -0.0026 -0.0213 10  DC  A "C2'" 
291 C "C1'" . DC  A 10 ? 0.1680 0.2486 0.2025 0.0024  -0.0065 -0.0113 10  DC  A "C1'" 
292 N N1    . DC  A 10 ? 0.1641 0.2439 0.2091 0.0021  -0.0028 -0.0106 10  DC  A N1    
293 C C2    . DC  A 10 ? 0.1686 0.2304 0.1975 0.0164  0.0219  -0.0276 10  DC  A C2    
294 O O2    . DC  A 10 ? 0.1680 0.2876 0.1982 -0.0094 0.0172  -0.0159 10  DC  A O2    
295 N N3    . DC  A 10 ? 0.1693 0.2366 0.2159 0.0082  -0.0058 -0.0148 10  DC  A N3    
296 C C4    . DC  A 10 ? 0.1594 0.2292 0.2165 0.0112  0.0019  -0.0132 10  DC  A C4    
297 N N4    . DC  A 10 ? 0.1683 0.2534 0.2389 -0.0086 -0.0120 -0.0042 10  DC  A N4    
298 C C5    . DC  A 10 ? 0.1649 0.2269 0.2199 0.0082  -0.0055 -0.0090 10  DC  A C5    
299 C C6    . DC  A 10 ? 0.1620 0.2378 0.2061 0.0039  -0.0153 -0.0110 10  DC  A C6    
312 O "O5'" . DG  B 1  ? 0.5353 0.4114 0.4152 -0.1678 0.0485  -0.1185 111 DG  B "O5'" 
313 C "C5'" . DG  B 1  ? 0.3568 0.4304 0.3905 -0.1233 0.0389  -0.1506 111 DG  B "C5'" 
314 C "C4'" . DG  B 1  ? 0.2977 0.4191 0.2992 -0.0879 0.0055  -0.1303 111 DG  B "C4'" 
315 O "O4'" . DG  B 1  ? 0.2400 0.4089 0.2972 -0.0411 -0.0140 -0.0761 111 DG  B "O4'" 
316 C "C3'" . DG  B 1  ? 0.2673 0.3189 0.3581 -0.0282 0.0106  -0.0927 111 DG  B "C3'" 
317 O "O3'" . DG  B 1  ? 0.2848 0.3172 0.2894 0.0064  -0.0379 -0.1032 111 DG  B "O3'" 
318 C "C2'" . DG  B 1  ? 0.2324 0.3044 0.2496 -0.0066 -0.0042 -0.0639 111 DG  B "C2'" 
319 C "C1'" . DG  B 1  ? 0.2463 0.3608 0.2769 -0.0292 0.0164  -0.0861 111 DG  B "C1'" 
320 N N9    . DG  B 1  ? 0.2036 0.3372 0.2809 -0.0297 0.0071  -0.0722 111 DG  B N9    
321 C C8    . DG  B 1  ? 0.2441 0.3572 0.2981 -0.0732 0.0070  -0.0793 111 DG  B C8    
322 N N7    . DG  B 1  ? 0.2412 0.3105 0.2922 -0.0537 0.0025  -0.0552 111 DG  B N7    
323 C C5    . DG  B 1  ? 0.2439 0.2644 0.2745 -0.0288 0.0199  -0.0625 111 DG  B C5    
324 C C6    . DG  B 1  ? 0.2147 0.2414 0.2552 -0.0077 -0.0157 -0.0108 111 DG  B C6    
325 O O6    . DG  B 1  ? 0.2337 0.2660 0.2583 -0.0403 -0.0012 -0.0039 111 DG  B O6    
326 N N1    . DG  B 1  ? 0.1982 0.2524 0.2285 -0.0143 0.0003  -0.0256 111 DG  B N1    
327 C C2    . DG  B 1  ? 0.1932 0.2597 0.2158 0.0075  -0.0155 -0.0151 111 DG  B C2    
328 N N2    . DG  B 1  ? 0.1952 0.2592 0.1842 0.0105  -0.0013 -0.0178 111 DG  B N2    
329 N N3    . DG  B 1  ? 0.1810 0.2803 0.2363 0.0073  -0.0091 -0.0396 111 DG  B N3    
330 C C4    . DG  B 1  ? 0.1893 0.2910 0.2656 -0.0095 0.0049  -0.0541 111 DG  B C4    
342 P P     . DC  B 2  ? 0.2751 0.3046 0.2894 -0.0026 -0.0082 -0.0732 112 DC  B P     
343 O OP1   . DC  B 2  ? 0.3184 0.4373 0.3317 0.0035  0.0141  -0.1548 112 DC  B OP1   
344 O OP2   . DC  B 2  ? 0.3522 0.2409 0.3903 0.0203  0.0086  -0.0394 112 DC  B OP2   
345 O "O5'" . DC  B 2  ? 0.2769 0.2990 0.2526 -0.0255 -0.0031 -0.0491 112 DC  B "O5'" 
346 C "C5'" . DC  B 2  ? 0.2425 0.3441 0.2109 -0.0398 -0.0008 -0.0501 112 DC  B "C5'" 
347 C "C4'" . DC  B 2  ? 0.2270 0.2922 0.2273 0.0037  -0.0176 -0.0511 112 DC  B "C4'" 
348 O "O4'" . DC  B 2  ? 0.2270 0.2864 0.2168 -0.0017 -0.0210 -0.0331 112 DC  B "O4'" 
349 C "C3'" . DC  B 2  ? 0.2182 0.3033 0.2341 -0.0089 -0.0114 -0.0379 112 DC  B "C3'" 
350 O "O3'" . DC  B 2  ? 0.2256 0.3363 0.2293 0.0290  -0.0106 -0.0471 112 DC  B "O3'" 
351 C "C2'" . DC  B 2  ? 0.2199 0.3186 0.1767 0.0015  -0.0001 -0.0133 112 DC  B "C2'" 
352 C "C1'" . DC  B 2  ? 0.2202 0.2907 0.1995 0.0041  -0.0229 -0.0215 112 DC  B "C1'" 
353 N N1    . DC  B 2  ? 0.1994 0.2844 0.2031 -0.0041 -0.0093 -0.0403 112 DC  B N1    
354 C C2    . DC  B 2  ? 0.1948 0.2520 0.1962 0.0075  -0.0180 -0.0259 112 DC  B C2    
355 O O2    . DC  B 2  ? 0.2021 0.2659 0.1957 -0.0032 -0.0086 -0.0296 112 DC  B O2    
356 N N3    . DC  B 2  ? 0.1944 0.2599 0.2066 0.0044  -0.0143 -0.0165 112 DC  B N3    
357 C C4    . DC  B 2  ? 0.1979 0.2623 0.2011 0.0075  -0.0100 -0.0208 112 DC  B C4    
358 N N4    . DC  B 2  ? 0.2614 0.2728 0.2062 -0.0188 -0.0067 -0.0145 112 DC  B N4    
359 C C5    . DC  B 2  ? 0.2159 0.3099 0.2007 -0.0108 -0.0129 -0.0288 112 DC  B C5    
360 C C6    . DC  B 2  ? 0.2431 0.2921 0.1956 -0.0202 -0.0242 -0.0347 112 DC  B C6    
372 P P     . DG  B 3  ? 0.2406 0.3347 0.2528 0.0204  -0.0170 -0.0590 113 DG  B P     
373 O OP1   . DG  B 3  ? 0.2405 0.4323 0.2679 0.0417  0.0190  -0.0808 113 DG  B OP1   
374 O OP2   . DG  B 3  ? 0.2860 0.3057 0.3584 0.0115  -0.0472 -0.0873 113 DG  B OP2   
375 O "O5'" . DG  B 3  ? 0.2127 0.2953 0.2318 -0.0045 -0.0137 -0.0209 113 DG  B "O5'" 
376 C "C5'" . DG  B 3  ? 0.1984 0.3199 0.2240 -0.0279 -0.0094 0.0020  113 DG  B "C5'" 
377 C "C4'" . DG  B 3  ? 0.2180 0.2992 0.2163 -0.0261 -0.0048 0.0056  113 DG  B "C4'" 
378 O "O4'" . DG  B 3  ? 0.2149 0.2815 0.2293 0.0006  -0.0115 -0.0008 113 DG  B "O4'" 
379 C "C3'" . DG  B 3  ? 0.1919 0.2624 0.2213 -0.0178 0.0039  -0.0188 113 DG  B "C3'" 
380 O "O3'" . DG  B 3  ? 0.2020 0.2702 0.2130 -0.0240 0.0198  -0.0166 113 DG  B "O3'" 
381 C "C2'" . DG  B 3  ? 0.1920 0.2794 0.2140 -0.0006 0.0036  -0.0106 113 DG  B "C2'" 
382 C "C1'" . DG  B 3  ? 0.1925 0.2649 0.2333 0.0104  0.0049  -0.0052 113 DG  B "C1'" 
383 N N9    . DG  B 3  ? 0.2017 0.2862 0.2247 -0.0120 0.0042  -0.0212 113 DG  B N9    
384 C C8    . DG  B 3  ? 0.1857 0.2680 0.2150 0.0244  -0.0072 -0.0243 113 DG  B C8    
385 N N7    . DG  B 3  ? 0.1995 0.2733 0.2158 0.0053  0.0050  -0.0388 113 DG  B N7    
386 C C5    . DG  B 3  ? 0.1711 0.2562 0.2112 0.0229  0.0085  -0.0336 113 DG  B C5    
387 C C6    . DG  B 3  ? 0.1743 0.2640 0.2159 0.0123  0.0152  -0.0367 113 DG  B C6    
388 O O6    . DG  B 3  ? 0.2012 0.2508 0.2213 0.0077  -0.0080 -0.0212 113 DG  B O6    
389 N N1    . DG  B 3  ? 0.1786 0.2754 0.2136 0.0134  0.0128  -0.0380 113 DG  B N1    
390 C C2    . DG  B 3  ? 0.1763 0.2443 0.2249 0.0305  0.0052  -0.0452 113 DG  B C2    
391 N N2    . DG  B 3  ? 0.2125 0.2533 0.2280 0.0134  0.0174  -0.0517 113 DG  B N2    
392 N N3    . DG  B 3  ? 0.1977 0.2563 0.2327 0.0102  0.0101  -0.0462 113 DG  B N3    
393 C C4    . DG  B 3  ? 0.1749 0.2757 0.2157 0.0077  0.0058  -0.0232 113 DG  B C4    
405 P P     . DT  B 4  ? 0.2089 0.2786 0.2407 -0.0095 0.0151  -0.0057 114 DT  B P     
406 O OP1   . DT  B 4  ? 0.2227 0.3074 0.2839 -0.0130 0.0571  0.0106  114 DT  B OP1   
407 O OP2   . DT  B 4  ? 0.2483 0.2780 0.2425 -0.0297 0.0313  -0.0134 114 DT  B OP2   
408 O "O5'" . DT  B 4  ? 0.2095 0.2832 0.2333 -0.0184 0.0137  0.0056  114 DT  B "O5'" 
409 C "C5'" . DT  B 4  ? 0.1919 0.2728 0.2460 -0.0090 0.0083  -0.0011 114 DT  B "C5'" 
410 C "C4'" . DT  B 4  ? 0.2200 0.2724 0.2463 -0.0329 0.0236  -0.0128 114 DT  B "C4'" 
411 O "O4'" . DT  B 4  ? 0.2074 0.2830 0.2302 -0.0214 0.0033  0.0014  114 DT  B "O4'" 
412 C "C3'" . DT  B 4  ? 0.1945 0.2963 0.2333 -0.0233 0.0025  0.0067  114 DT  B "C3'" 
413 O "O3'" . DT  B 4  ? 0.1951 0.3545 0.2565 -0.0306 0.0243  0.0597  114 DT  B "O3'" 
414 C "C2'" . DT  B 4  ? 0.2019 0.3366 0.2308 -0.0015 0.0001  0.0194  114 DT  B "C2'" 
415 C "C1'" . DT  B 4  ? 0.1869 0.3044 0.2281 -0.0197 -0.0084 0.0142  114 DT  B "C1'" 
416 N N1    . DT  B 4  ? 0.2005 0.2458 0.2293 0.0010  0.0184  -0.0135 114 DT  B N1    
417 C C2    . DT  B 4  ? 0.1962 0.2336 0.2251 0.0060  0.0200  -0.0187 114 DT  B C2    
418 O O2    . DT  B 4  ? 0.1878 0.2731 0.2298 -0.0043 0.0085  -0.0242 114 DT  B O2    
419 N N3    . DT  B 4  ? 0.1630 0.2657 0.2212 0.0134  0.0039  -0.0069 114 DT  B N3    
420 C C4    . DT  B 4  ? 0.1720 0.2376 0.2214 0.0182  0.0027  -0.0076 114 DT  B C4    
421 O O4    . DT  B 4  ? 0.1858 0.2544 0.2411 -0.0088 0.0019  -0.0102 114 DT  B O4    
422 C C5    . DT  B 4  ? 0.1903 0.2505 0.2212 0.0113  0.0093  -0.0071 114 DT  B C5    
423 C C7    . DT  B 4  ? 0.2111 0.3327 0.2190 -0.0328 -0.0315 0.0336  114 DT  B C7    
424 C C6    . DT  B 4  ? 0.1824 0.2286 0.2284 0.0208  -0.0072 0.0068  114 DT  B C6    
437 P P     . DA  B 5  ? 0.2171 0.3998 0.3556 0.0256  0.0803  0.0733  115 DA  B P     
438 O OP1   . DA  B 5  ? 0.2077 0.5650 0.5446 0.0448  0.1042  0.1691  115 DA  B OP1   
439 O OP2   . DA  B 5  ? 0.3176 0.3999 0.3211 0.0861  0.0801  -0.0061 115 DA  B OP2   
440 O "O5'" . DA  B 5  ? 0.1945 0.3339 0.3278 0.0251  0.0302  0.0462  115 DA  B "O5'" 
441 C "C5'" . DA  B 5  ? 0.1907 0.3635 0.3622 -0.0336 -0.0106 0.0577  115 DA  B "C5'" 
442 C "C4'" . DA  B 5  ? 0.1865 0.2894 0.3088 -0.0171 -0.0272 0.0163  115 DA  B "C4'" 
443 O "O4'" . DA  B 5  ? 0.1977 0.2593 0.2698 -0.0109 -0.0032 -0.0141 115 DA  B "O4'" 
444 C "C3'" . DA  B 5  ? 0.1861 0.2943 0.2788 -0.0065 -0.0088 -0.0137 115 DA  B "C3'" 
445 O "O3'" . DA  B 5  ? 0.1924 0.2835 0.2640 -0.0097 -0.0161 0.0016  115 DA  B "O3'" 
446 C "C2'" . DA  B 5  ? 0.1967 0.2809 0.2433 -0.0062 -0.0143 -0.0005 115 DA  B "C2'" 
447 C "C1'" . DA  B 5  ? 0.1936 0.2591 0.2468 -0.0170 -0.0150 -0.0126 115 DA  B "C1'" 
448 N N9    . DA  B 5  ? 0.1753 0.2496 0.2346 -0.0082 -0.0018 -0.0030 115 DA  B N9    
449 C C8    . DA  B 5  ? 0.2062 0.2448 0.2265 -0.0126 0.0253  -0.0455 115 DA  B C8    
450 N N7    . DA  B 5  ? 0.1863 0.2423 0.2370 0.0011  0.0179  -0.0345 115 DA  B N7    
451 C C5    . DA  B 5  ? 0.1703 0.2329 0.2287 0.0178  0.0030  -0.0247 115 DA  B C5    
452 C C6    . DA  B 5  ? 0.1816 0.2260 0.2327 0.0065  0.0226  -0.0577 115 DA  B C6    
453 N N6    . DA  B 5  ? 0.1740 0.2879 0.2410 0.0031  0.0075  -0.0494 115 DA  B N6    
454 N N1    . DA  B 5  ? 0.1585 0.2404 0.2393 0.0262  0.0198  -0.0452 115 DA  B N1    
455 C C2    . DA  B 5  ? 0.1808 0.2332 0.2357 0.0070  0.0122  -0.0322 115 DA  B C2    
456 N N3    . DA  B 5  ? 0.2009 0.2148 0.2292 -0.0018 0.0164  -0.0313 115 DA  B N3    
457 C C4    . DA  B 5  ? 0.1667 0.2304 0.2312 0.0048  0.0036  -0.0217 115 DA  B C4    
469 N N1    . 2MU B 6  ? 0.1705 0.2183 0.2457 0.0067  0.0078  -0.0331 116 2MU B N1    
470 C C2    . 2MU B 6  ? 0.1696 0.2340 0.2415 0.0138  0.0147  -0.0524 116 2MU B C2    
471 N N3    . 2MU B 6  ? 0.1677 0.2208 0.2565 0.0165  0.0027  -0.0386 116 2MU B N3    
472 C C4    . 2MU B 6  ? 0.1604 0.2419 0.2479 0.0252  0.0100  -0.0355 116 2MU B C4    
473 C C5    . 2MU B 6  ? 0.1687 0.2204 0.2335 0.0166  0.0007  -0.0437 116 2MU B C5    
474 C C5M   . 2MU B 6  ? 0.1844 0.2602 0.2404 0.0000  0.0034  -0.0246 116 2MU B C5M   
475 C C6    . 2MU B 6  ? 0.1886 0.2336 0.2284 0.0169  0.0086  -0.0346 116 2MU B C6    
476 O O2    . 2MU B 6  ? 0.1766 0.2764 0.2519 -0.0066 0.0228  -0.0361 116 2MU B O2    
477 O O4    . 2MU B 6  ? 0.1761 0.2647 0.2625 0.0086  -0.0126 -0.0447 116 2MU B O4    
478 C "C1'" . 2MU B 6  ? 0.1882 0.2281 0.2351 -0.0048 0.0063  -0.0290 116 2MU B "C1'" 
479 C "C2'" . 2MU B 6  ? 0.1942 0.2404 0.2360 0.0131  0.0069  -0.0284 116 2MU B "C2'" 
480 O "O2'" . 2MU B 6  ? 0.2122 0.2862 0.2431 0.0144  -0.0030 -0.0197 116 2MU B "O2'" 
481 C "C3'" . 2MU B 6  ? 0.1916 0.2657 0.2406 0.0073  -0.0058 -0.0526 116 2MU B "C3'" 
482 C "C4'" . 2MU B 6  ? 0.1901 0.2521 0.2616 0.0012  -0.0167 -0.0392 116 2MU B "C4'" 
483 O "O3'" . 2MU B 6  ? 0.1890 0.2677 0.3181 0.0129  -0.0247 -0.0623 116 2MU B "O3'" 
484 O "O4'" . 2MU B 6  ? 0.1888 0.2470 0.2553 -0.0045 -0.0036 -0.0376 116 2MU B "O4'" 
485 C "C5'" . 2MU B 6  ? 0.1865 0.2850 0.2750 0.0017  -0.0048 -0.0232 116 2MU B "C5'" 
486 O "O5'" . 2MU B 6  ? 0.1836 0.2604 0.2722 0.0106  0.0039  -0.0392 116 2MU B "O5'" 
487 C "C6'" . 2MU B 6  ? 0.3070 0.3164 0.2871 -0.0543 0.0098  0.0576  116 2MU B "C6'" 
488 P P     . 2MU B 6  ? 0.1783 0.3152 0.2821 -0.0083 0.0045  -0.0244 116 2MU B P     
489 O OP1   . 2MU B 6  ? 0.1779 0.3410 0.3383 -0.0006 -0.0145 -0.0169 116 2MU B OP1   
490 O OP2   . 2MU B 6  ? 0.1920 0.4057 0.2711 -0.0168 0.0290  -0.0656 116 2MU B OP2   
500 P P     . FA2 B 7  ? 0.2081 0.2699 0.3412 0.0229  -0.0342 -0.0648 117 FA2 B P     
501 O OP1   . FA2 B 7  ? 0.2364 0.2860 0.4151 0.0497  -0.0917 -0.0697 117 FA2 B OP1   
502 O OP2   . FA2 B 7  ? 0.2398 0.2948 0.3516 0.0214  0.0160  -0.0680 117 FA2 B OP2   
503 O "O3'" . FA2 B 7  ? 0.2084 0.2704 0.3319 0.0279  -0.0409 -0.0696 117 FA2 B "O3'" 
504 N N9    . FA2 B 7  ? 0.1843 0.2942 0.2575 0.0151  -0.0106 -0.0583 117 FA2 B N9    
505 C C4    . FA2 B 7  ? 0.2028 0.2420 0.2529 0.0084  -0.0257 -0.0767 117 FA2 B C4    
506 N N3    . FA2 B 7  ? 0.1867 0.2539 0.2820 0.0207  -0.0241 -0.0523 117 FA2 B N3    
507 C C2    . FA2 B 7  ? 0.1822 0.2269 0.2770 0.0165  -0.0137 -0.0365 117 FA2 B C2    
508 N N1    . FA2 B 7  ? 0.1757 0.2299 0.2559 0.0204  0.0164  -0.0429 117 FA2 B N1    
509 C C6    . FA2 B 7  ? 0.1668 0.1979 0.2838 0.0291  0.0032  -0.0578 117 FA2 B C6    
510 N N6    . FA2 B 7  ? 0.1714 0.2268 0.2644 0.0122  0.0184  -0.0469 117 FA2 B N6    
511 C C5    . FA2 B 7  ? 0.1866 0.2403 0.2888 0.0236  -0.0173 -0.0590 117 FA2 B C5    
512 N N7    . FA2 B 7  ? 0.1812 0.2637 0.2885 0.0187  -0.0201 -0.0547 117 FA2 B N7    
513 C C8    . FA2 B 7  ? 0.1892 0.2672 0.2833 0.0184  -0.0232 -0.0616 117 FA2 B C8    
514 C "C2'" . FA2 B 7  ? 0.2353 0.2790 0.3944 0.0427  -0.0832 -0.1154 117 FA2 B "C2'" 
515 C "C4'" . FA2 B 7  ? 0.2542 0.3438 0.2904 0.0079  -0.0801 -0.0265 117 FA2 B "C4'" 
516 O "O4'" . FA2 B 7  ? 0.2475 0.2760 0.2767 0.0343  -0.0536 -0.0399 117 FA2 B "O4'" 
517 C "C1'" . FA2 B 7  ? 0.2229 0.2440 0.3229 0.0179  -0.0690 -0.0608 117 FA2 B "C1'" 
518 C "C3'" . FA2 B 7  ? 0.2359 0.2915 0.3359 -0.0034 -0.0691 -0.0638 117 FA2 B "C3'" 
519 O "O2'" . FA2 B 7  ? 0.2610 0.2716 0.5457 0.0524  -0.0808 -0.1185 117 FA2 B "O2'" 
529 P P     . DC  B 8  ? 0.2193 0.2865 0.5690 0.0550  -0.1198 -0.1353 118 DC  B P     
530 O OP1   . DC  B 8  ? 0.3357 0.4321 0.6229 0.1644  -0.2485 -0.2251 118 DC  B OP1   
531 O OP2   . DC  B 8  ? 0.2034 0.3160 0.7311 -0.0125 0.0023  -0.1688 118 DC  B OP2   
532 O "O5'" . DC  B 8  ? 0.2507 0.2325 0.3808 0.0237  -0.0907 -0.0398 118 DC  B "O5'" 
533 C "C5'" . DC  B 8  ? 0.2636 0.2842 0.2685 0.0483  -0.0915 -0.0464 118 DC  B "C5'" 
534 C "C4'" . DC  B 8  ? 0.2489 0.2553 0.2507 0.0267  -0.0753 -0.0418 118 DC  B "C4'" 
535 O "O4'" . DC  B 8  ? 0.2124 0.2705 0.2056 0.0335  -0.0269 -0.0295 118 DC  B "O4'" 
536 C "C3'" . DC  B 8  ? 0.1844 0.2590 0.2594 0.0277  -0.0460 -0.0437 118 DC  B "C3'" 
537 O "O3'" . DC  B 8  ? 0.2465 0.2644 0.2803 0.0615  -0.0542 -0.0509 118 DC  B "O3'" 
538 C "C2'" . DC  B 8  ? 0.2023 0.2611 0.1973 0.0387  -0.0192 -0.0230 118 DC  B "C2'" 
539 C "C1'" . DC  B 8  ? 0.1729 0.2759 0.1968 0.0265  -0.0014 -0.0221 118 DC  B "C1'" 
540 N N1    . DC  B 8  ? 0.1711 0.2567 0.1967 0.0306  -0.0056 -0.0340 118 DC  B N1    
541 C C2    . DC  B 8  ? 0.1538 0.2515 0.2027 0.0288  0.0040  -0.0287 118 DC  B C2    
542 O O2    . DC  B 8  ? 0.1651 0.2763 0.2154 0.0088  -0.0121 -0.0209 118 DC  B O2    
543 N N3    . DC  B 8  ? 0.1758 0.2505 0.2034 0.0140  -0.0099 -0.0325 118 DC  B N3    
544 C C4    . DC  B 8  ? 0.1638 0.2461 0.1928 0.0210  0.0030  -0.0381 118 DC  B C4    
545 N N4    . DC  B 8  ? 0.1860 0.2851 0.2033 0.0087  -0.0016 -0.0147 118 DC  B N4    
546 C C5    . DC  B 8  ? 0.1936 0.2442 0.2116 0.0221  -0.0192 -0.0330 118 DC  B C5    
547 C C6    . DC  B 8  ? 0.1677 0.2830 0.2214 0.0246  -0.0021 -0.0173 118 DC  B C6    
559 P P     . DG  B 9  ? 0.2688 0.2712 0.2717 0.0568  -0.0567 -0.0387 119 DG  B P     
560 O OP1   . DG  B 9  ? 0.4070 0.2565 0.3358 0.0911  -0.1275 -0.0324 119 DG  B OP1   
561 O OP2   . DG  B 9  ? 0.2353 0.3159 0.3142 0.0451  -0.0353 -0.1162 119 DG  B OP2   
562 O "O5'" . DG  B 9  ? 0.2236 0.2963 0.2383 0.0542  -0.0330 -0.0191 119 DG  B "O5'" 
563 C "C5'" . DG  B 9  ? 0.2353 0.2946 0.2377 0.0613  -0.0273 -0.0036 119 DG  B "C5'" 
564 C "C4'" . DG  B 9  ? 0.2272 0.2292 0.1994 0.0245  -0.0108 -0.0101 119 DG  B "C4'" 
565 O "O4'" . DG  B 9  ? 0.2077 0.2338 0.1892 0.0175  -0.0036 -0.0213 119 DG  B "O4'" 
566 C "C3'" . DG  B 9  ? 0.1741 0.2508 0.1964 0.0075  0.0031  -0.0310 119 DG  B "C3'" 
567 O "O3'" . DG  B 9  ? 0.2136 0.2552 0.2151 -0.0055 -0.0013 -0.0316 119 DG  B "O3'" 
568 C "C2'" . DG  B 9  ? 0.1755 0.2333 0.1883 -0.0199 -0.0081 -0.0147 119 DG  B "C2'" 
569 C "C1'" . DG  B 9  ? 0.1774 0.2287 0.2119 0.0117  -0.0143 0.0008  119 DG  B "C1'" 
570 N N9    . DG  B 9  ? 0.1607 0.2175 0.1974 0.0187  0.0015  -0.0364 119 DG  B N9    
571 C C8    . DG  B 9  ? 0.1649 0.2583 0.2038 0.0089  0.0006  -0.0238 119 DG  B C8    
572 N N7    . DG  B 9  ? 0.1740 0.2407 0.2083 0.0043  -0.0043 -0.0265 119 DG  B N7    
573 C C5    . DG  B 9  ? 0.1706 0.1969 0.2040 0.0210  -0.0010 -0.0431 119 DG  B C5    
574 C C6    . DG  B 9  ? 0.1673 0.2238 0.2092 0.0150  0.0059  -0.0322 119 DG  B C6    
575 O O6    . DG  B 9  ? 0.2017 0.2212 0.2334 -0.0015 -0.0224 -0.0157 119 DG  B O6    
576 N N1    . DG  B 9  ? 0.1552 0.2259 0.2056 0.0173  0.0079  -0.0234 119 DG  B N1    
577 C C2    . DG  B 9  ? 0.1539 0.2366 0.2042 0.0118  0.0116  -0.0177 119 DG  B C2    
578 N N2    . DG  B 9  ? 0.1726 0.2385 0.2074 0.0056  -0.0022 -0.0231 119 DG  B N2    
579 N N3    . DG  B 9  ? 0.1655 0.2228 0.1933 0.0130  0.0048  -0.0308 119 DG  B N3    
580 C C4    . DG  B 9  ? 0.1761 0.2069 0.1939 0.0146  -0.0003 -0.0380 119 DG  B C4    
592 P P     . DC  B 10 ? 0.2462 0.2402 0.2181 0.0200  -0.0039 -0.0375 120 DC  B P     
593 O OP1   . DC  B 10 ? 0.3488 0.2357 0.2042 0.0147  -0.0052 -0.0196 120 DC  B OP1   
594 O OP2   . DC  B 10 ? 0.2319 0.3298 0.2518 0.0518  0.0018  -0.0458 120 DC  B OP2   
595 O "O5'" . DC  B 10 ? 0.2341 0.2322 0.2160 -0.0137 -0.0142 -0.0270 120 DC  B "O5'" 
596 C "C5'" . DC  B 10 ? 0.2368 0.2238 0.2167 -0.0098 -0.0106 -0.0295 120 DC  B "C5'" 
597 C "C4'" . DC  B 10 ? 0.2153 0.2443 0.2037 0.0044  0.0064  -0.0223 120 DC  B "C4'" 
598 O "O4'" . DC  B 10 ? 0.1802 0.2367 0.2034 0.0151  0.0008  -0.0160 120 DC  B "O4'" 
599 C "C3'" . DC  B 10 ? 0.2579 0.2828 0.2376 -0.0106 0.0420  -0.0633 120 DC  B "C3'" 
600 O "O3'" . DC  B 10 ? 0.2371 0.3199 0.2297 -0.0437 0.0223  -0.0575 120 DC  B "O3'" 
601 C "C2'" . DC  B 10 ? 0.2222 0.3172 0.2066 -0.0419 0.0242  -0.0494 120 DC  B "C2'" 
602 C "C1'" . DC  B 10 ? 0.1737 0.2647 0.2015 0.0011  0.0110  -0.0096 120 DC  B "C1'" 
603 N N1    . DC  B 10 ? 0.1827 0.2334 0.1968 0.0211  0.0086  -0.0232 120 DC  B N1    
604 C C2    . DC  B 10 ? 0.1529 0.2367 0.2207 0.0257  0.0037  -0.0111 120 DC  B C2    
605 O O2    . DC  B 10 ? 0.1707 0.2325 0.2203 0.0118  -0.0135 -0.0164 120 DC  B O2    
606 N N3    . DC  B 10 ? 0.1696 0.2327 0.2040 0.0232  0.0024  -0.0305 120 DC  B N3    
607 C C4    . DC  B 10 ? 0.1620 0.2571 0.2107 0.0165  0.0059  -0.0189 120 DC  B C4    
608 N N4    . DC  B 10 ? 0.1789 0.2775 0.2208 -0.0021 0.0091  -0.0360 120 DC  B N4    
609 C C5    . DC  B 10 ? 0.1711 0.2605 0.2102 0.0205  0.0108  -0.0121 120 DC  B C5    
610 C C6    . DC  B 10 ? 0.1826 0.2367 0.1894 0.0304  0.0102  -0.0244 120 DC  B C6    
623 N N1    . SPM C .  ? 0.3503 0.7614 1.2226 0.0637  -0.1460 -0.5548 201 SPM B N1    
624 C C2    . SPM C .  ? 0.3634 0.9171 0.7342 -0.0209 -0.0022 -0.5211 201 SPM B C2    
625 C C3    . SPM C .  ? 0.3479 0.8163 0.7471 0.0859  -0.0124 -0.5509 201 SPM B C3    
626 C C4    . SPM C .  ? 0.3974 0.7270 0.6572 0.1010  -0.0993 -0.4562 201 SPM B C4    
627 N N5    . SPM C .  ? 0.3940 0.6614 0.5951 0.0886  -0.0427 -0.4081 201 SPM B N5    
628 C C6    . SPM C .  ? 0.4680 0.8374 0.5007 -0.0289 -0.1128 -0.2990 201 SPM B C6    
629 C C7    . SPM C .  ? 0.3913 0.7691 0.4731 -0.0463 -0.0766 -0.2619 201 SPM B C7    
630 C C8    . SPM C .  ? 0.3146 0.5836 0.3864 -0.0702 0.0262  -0.2675 201 SPM B C8    
631 C C9    . SPM C .  ? 0.2614 0.3628 0.2483 -0.0659 0.0704  -0.0635 201 SPM B C9    
632 N N10   . SPM C .  ? 0.2123 0.2802 0.2598 -0.0115 0.0091  -0.0630 201 SPM B N10   
633 C C11   . SPM C .  ? 0.1981 0.3334 0.2151 -0.0305 -0.0022 -0.0443 201 SPM B C11   
634 C C12   . SPM C .  ? 0.2308 0.3092 0.1940 -0.0704 0.0243  -0.0203 201 SPM B C12   
635 C C13   . SPM C .  ? 0.2199 0.2899 0.2229 -0.0218 0.0112  -0.0336 201 SPM B C13   
636 N N14   . SPM C .  ? 0.1835 0.2754 0.2102 0.0017  -0.0042 -0.0229 201 SPM B N14   
637 O O     . HOH D .  ? 0.1931 0.2779 0.2695 0.0232  -0.0399 -0.0205 501 HOH A O     
638 O O     . HOH D .  ? 0.2496 0.2571 0.2034 0.0167  -0.0093 -0.0139 504 HOH A O     
639 O O     . HOH D .  ? 0.2612 0.2570 0.2517 -0.0181 -0.0479 -0.0156 506 HOH A O     
640 O O     . HOH D .  ? 0.3103 1.1407 0.3804 -0.0128 -0.0115 0.2844  509 HOH A O     
641 O O     . HOH D .  ? 0.2072 0.2988 0.2875 0.0037  0.0028  -0.0546 512 HOH A O     
642 O O     . HOH D .  ? 0.2797 0.4093 0.2766 0.0283  0.0311  -0.0094 513 HOH A O     
643 O O     . HOH D .  ? 0.3010 0.3003 0.2918 0.0213  -0.0191 -0.0223 516 HOH A O     
644 O O     . HOH D .  ? 0.2700 0.3182 0.3166 -0.0307 -0.0792 0.0132  517 HOH A O     
645 O O     . HOH D .  ? 0.2791 0.5341 0.2733 0.0549  0.0388  0.0244  520 HOH A O     
646 O O     . HOH D .  ? 0.2231 0.3032 0.2851 -0.0092 0.0115  -0.0508 521 HOH A O     
647 O O     . HOH D .  ? 0.1908 0.6064 0.3660 -0.0441 -0.0110 -0.1084 522 HOH A O     
648 O O     . HOH D .  ? 0.2242 0.3961 0.3608 0.0241  -0.0132 -0.0353 526 HOH A O     
649 O O     . HOH D .  ? 0.3100 0.3053 0.3697 -0.0081 0.0114  -0.0900 529 HOH A O     
650 O O     . HOH D .  ? 0.2978 0.3239 0.3566 0.0538  0.0041  -0.0333 531 HOH A O     
651 O O     . HOH D .  ? 0.3309 0.3464 0.3455 0.0367  -0.0355 -0.0494 532 HOH A O     
652 O O     . HOH D .  ? 0.4208 0.3916 0.4009 0.0581  0.0723  0.0203  535 HOH A O     
653 O O     . HOH D .  ? 0.3031 0.6328 0.5565 0.0617  0.1202  0.2212  536 HOH A O     
654 O O     . HOH D .  ? 0.3839 0.3533 0.2987 -0.0298 0.0038  -0.0477 539 HOH A O     
655 O O     . HOH D .  ? 0.4311 0.7132 0.5561 -0.3045 0.2126  -0.3881 541 HOH A O     
656 O O     . HOH D .  ? 0.3435 0.3785 0.3156 -0.0322 0.0087  -0.0509 542 HOH A O     
657 O O     . HOH D .  ? 0.2981 0.4250 0.2827 -0.0523 -0.0156 0.0330  543 HOH A O     
658 O O     . HOH D .  ? 0.3476 0.4074 0.3268 -0.1350 -0.0486 -0.0036 544 HOH A O     
659 O O     . HOH D .  ? 0.4641 0.6269 0.3109 0.1408  0.0943  0.0234  547 HOH A O     
660 O O     . HOH D .  ? 0.6132 0.4288 0.3600 0.0128  -0.0413 -0.0751 548 HOH A O     
661 O O     . HOH D .  ? 0.8061 0.2872 0.4832 -0.1298 -0.0417 0.0174  549 HOH A O     
662 O O     . HOH D .  ? 0.3120 0.3316 0.4905 -0.0243 -0.0177 -0.0981 552 HOH A O     
663 O O     . HOH D .  ? 0.3339 0.7289 0.3488 0.0214  0.0469  0.0833  553 HOH A O     
664 O O     . HOH D .  ? 0.3344 0.5564 0.5177 0.1495  -0.1199 -0.1580 555 HOH A O     
665 O O     . HOH D .  ? 0.3121 1.1663 0.4183 -0.2563 0.1383  -0.3777 556 HOH A O     
666 O O     . HOH D .  ? 0.5859 0.3945 0.3608 0.1203  0.1000  0.0063  557 HOH A O     
667 O O     . HOH D .  ? 0.3182 0.4576 0.5600 0.0602  -0.0453 0.0140  560 HOH A O     
668 O O     . HOH D .  ? 0.4226 0.3823 0.7765 -0.0807 -0.3347 0.1224  561 HOH A O     
669 O O     . HOH D .  ? 0.4938 0.5242 0.3218 0.0576  0.0082  -0.1285 562 HOH A O     
670 O O     . HOH D .  ? 0.4508 0.6932 1.2210 -0.2807 0.4322  -0.4201 563 HOH A O     
671 O O     . HOH D .  ? 0.5497 0.3821 0.5445 -0.1616 -0.1028 0.0204  565 HOH A O     
672 O O     . HOH D .  ? 0.4362 0.6418 2.2603 0.2914  -0.3685 0.0098  567 HOH A O     
673 O O     . HOH D .  ? 0.4296 0.6599 0.4063 0.2455  0.0881  0.1562  568 HOH A O     
674 O O     . HOH D .  ? 0.6417 0.4321 0.3548 0.0984  -0.0372 -0.0707 570 HOH A O     
675 O O     . HOH D .  ? 1.3542 0.5909 0.7405 -0.5872 -0.4975 0.1530  572 HOH A O     
676 O O     . HOH D .  ? 0.2303 0.4356 0.2699 0.0259  0.0128  0.0068  576 HOH A O     
677 O O     . HOH D .  ? 0.5090 0.4611 0.5559 -0.0878 -0.2134 -0.0493 579 HOH A O     
678 O O     . HOH D .  ? 0.5595 0.5504 0.4679 0.0306  -0.0377 -0.1194 581 HOH A O     
679 O O     . HOH D .  ? 0.8911 0.7663 0.3062 0.5367  -0.0480 -0.0246 582 HOH A O     
680 O O     . HOH D .  ? 0.7468 0.4209 0.4267 -0.0945 0.2478  -0.0669 584 HOH A O     
681 O O     . HOH D .  ? 0.6047 0.3667 0.9233 0.1116  -0.2768 -0.2503 588 HOH A O     
682 O O     . HOH D .  ? 0.5550 0.8818 0.8475 -0.0533 0.0535  -0.1007 590 HOH A O     
683 O O     . HOH D .  ? 0.3304 0.3957 0.3763 0.0105  0.0592  -0.1150 592 HOH A O     
684 O O     . HOH D .  ? 0.9406 0.2673 0.6625 0.0130  -0.2316 -0.0818 593 HOH A O     
685 O O     . HOH D .  ? 0.4190 0.6986 0.8649 0.0578  0.0982  0.4108  596 HOH A O     
686 O O     . HOH D .  ? 0.2775 0.6268 0.5197 0.1111  -0.0128 0.0344  597 HOH A O     
687 O O     . HOH D .  ? 0.4228 0.4215 0.2881 -0.1950 0.0436  -0.0221 598 HOH A O     
688 O O     . HOH D .  ? 0.7559 0.5398 0.4853 0.0440  0.0361  0.0701  599 HOH A O     
689 O O     . HOH D .  ? 0.4169 0.3903 0.9757 0.0540  0.1792  -0.1016 600 HOH A O     
690 O O     . HOH D .  ? 0.5178 0.4257 0.7257 0.1462  0.2469  0.0885  602 HOH A O     
691 O O     . HOH D .  ? 0.6799 0.6219 0.8178 0.0358  0.0234  0.2503  603 HOH A O     
692 O O     . HOH D .  ? 0.5981 0.5159 0.8604 0.0350  -0.1230 -0.0172 604 HOH A O     
693 O O     . HOH D .  ? 0.4144 0.4316 0.4450 0.0084  -0.1761 -0.0128 606 HOH A O     
694 O O     . HOH D .  ? 0.8075 0.4681 0.5321 0.2076  -0.3082 0.1013  607 HOH A O     
695 O O     . HOH D .  ? 0.5207 1.1188 0.3647 0.2012  -0.0704 -0.3768 608 HOH A O     
696 O O     . HOH D .  ? 0.5726 0.5054 2.3915 0.1205  0.0396  -0.1444 609 HOH A O     
697 O O     . HOH E .  ? 0.6384 0.3857 0.4186 -0.0588 0.0980  -0.0505 502 HOH B O     
698 O O     . HOH E .  ? 0.2149 0.3506 0.2580 0.0332  -0.0183 -0.0534 503 HOH B O     
699 O O     . HOH E .  ? 0.2674 0.2941 0.2368 -0.0056 -0.0046 -0.0370 505 HOH B O     
700 O O     . HOH E .  ? 0.2053 0.3271 0.2559 0.0333  -0.0092 -0.0586 507 HOH B O     
701 O O     . HOH E .  ? 0.2149 0.2994 0.2216 0.0170  -0.0019 -0.0189 508 HOH B O     
702 O O     . HOH E .  ? 0.2034 0.3269 0.2659 0.0071  0.0087  -0.0616 510 HOH B O     
703 O O     . HOH E .  ? 0.2998 0.3919 0.4159 -0.0675 -0.0930 -0.0112 511 HOH B O     
704 O O     . HOH E .  ? 0.2322 0.3525 0.3104 0.0117  -0.0261 -0.0066 514 HOH B O     
705 O O     . HOH E .  ? 0.3890 0.2866 0.4326 -0.0138 -0.1657 -0.0407 515 HOH B O     
706 O O     . HOH E .  ? 0.2284 0.4687 0.3346 0.0171  0.0131  -0.1376 518 HOH B O     
707 O O     . HOH E .  ? 0.4481 0.7504 0.2891 0.1926  -0.0732 0.0165  519 HOH B O     
708 O O     . HOH E .  ? 0.3613 0.6610 0.2735 0.0295  -0.0159 -0.0490 523 HOH B O     
709 O O     . HOH E .  ? 0.3841 0.3345 0.2566 0.0240  0.0097  -0.0747 524 HOH B O     
710 O O     . HOH E .  ? 0.2581 0.5433 0.4040 -0.0934 0.0193  -0.1847 525 HOH B O     
711 O O     . HOH E .  ? 0.3525 0.6037 0.3384 0.0666  -0.0134 -0.0240 527 HOH B O     
712 O O     . HOH E .  ? 0.2239 0.3830 0.3011 0.0319  0.0268  -0.0884 528 HOH B O     
713 O O     . HOH E .  ? 0.3650 0.4518 0.5918 0.0001  0.0794  0.1986  530 HOH B O     
714 O O     . HOH E .  ? 0.3194 0.3262 0.4467 0.0429  0.0609  -0.0480 533 HOH B O     
715 O O     . HOH E .  ? 0.3293 0.4468 0.2835 0.0834  0.0074  0.0557  534 HOH B O     
716 O O     . HOH E .  ? 0.2065 0.3009 0.3606 0.0395  -0.0299 -0.0746 537 HOH B O     
717 O O     . HOH E .  ? 0.3408 0.3245 0.3812 -0.0063 0.0303  -0.0415 538 HOH B O     
718 O O     . HOH E .  ? 0.3821 0.4176 0.4143 -0.0636 -0.1124 0.0252  540 HOH B O     
719 O O     . HOH E .  ? 0.3512 0.2978 0.4084 -0.0002 0.0569  -0.0932 545 HOH B O     
720 O O     . HOH E .  ? 0.2391 0.5474 0.3802 -0.0506 0.0316  -0.1716 546 HOH B O     
721 O O     . HOH E .  ? 0.3775 0.3269 0.7913 -0.0042 -0.1152 0.0435  550 HOH B O     
722 O O     . HOH E .  ? 0.3512 0.5724 0.2855 -0.1149 0.0253  0.0454  551 HOH B O     
723 O O     . HOH E .  ? 0.2593 1.1782 0.7589 -0.1601 0.0706  -0.6660 554 HOH B O     
724 O O     . HOH E .  ? 0.2895 0.5148 0.4585 0.0091  0.0682  -0.0806 558 HOH B O     
725 O O     . HOH E .  ? 0.3192 0.5296 0.4457 -0.0512 -0.0837 0.0382  559 HOH B O     
726 O O     . HOH E .  ? 0.3150 0.5118 0.7114 -0.0043 0.0834  0.0016  564 HOH B O     
727 O O     . HOH E .  ? 0.3850 0.3390 0.4475 0.0509  0.1221  -0.0127 566 HOH B O     
728 O O     . HOH E .  ? 0.7057 0.9289 0.3246 -0.4238 0.0254  0.1002  569 HOH B O     
729 O O     . HOH E .  ? 2.0464 0.4693 0.4703 0.1807  -0.2823 -0.0370 571 HOH B O     
730 O O     . HOH E .  ? 0.8358 1.6634 0.9144 -0.8236 0.3702  -0.8687 573 HOH B O     
731 O O     . HOH E .  ? 0.6122 0.6014 0.4438 -0.2272 0.0029  -0.1578 574 HOH B O     
732 O O     . HOH E .  ? 0.3605 0.3845 0.5229 -0.0199 0.0248  -0.1017 575 HOH B O     
733 O O     . HOH E .  ? 0.8389 0.4336 0.8692 -0.1251 -0.4053 0.1188  577 HOH B O     
734 O O     . HOH E .  ? 0.3462 0.5382 0.4465 -0.0825 0.0440  -0.0929 578 HOH B O     
735 O O     . HOH E .  ? 0.8345 0.6130 0.4288 0.4637  0.3738  0.2568  580 HOH B O     
736 O O     . HOH E .  ? 0.3059 0.6671 1.1706 -0.0337 0.0489  0.4442  583 HOH B O     
737 O O     . HOH E .  ? 0.5232 0.4449 0.4779 0.0123  -0.2370 -0.0636 585 HOH B O     
738 O O     . HOH E .  ? 0.3616 0.4753 1.1076 -0.0709 0.1265  -0.4380 586 HOH B O     
739 O O     . HOH E .  ? 0.5245 0.4123 1.5139 -0.0600 -0.4302 0.3594  587 HOH B O     
740 O O     . HOH E .  ? 1.7716 0.4909 1.1318 -0.3486 -0.7262 0.2086  589 HOH B O     
741 O O     . HOH E .  ? 0.6167 0.9201 0.6395 -0.4210 0.0946  -0.1414 591 HOH B O     
742 O O     . HOH E .  ? 0.6461 2.1186 0.4497 0.8360  -0.0755 -0.0120 594 HOH B O     
743 O O     . HOH E .  ? 1.9753 0.5210 0.2887 -0.2686 0.0024  -0.0296 595 HOH B O     
744 O O     . HOH E .  ? 0.3869 0.3135 0.7992 -0.0750 -0.2450 0.0153  601 HOH B O     
745 O O     . HOH E .  ? 0.4514 0.5331 0.4861 -0.0385 -0.0024 0.0211  605 HOH B O     
# 
loop_
_pdbx_poly_seq_scheme.asym_id 
_pdbx_poly_seq_scheme.entity_id 
_pdbx_poly_seq_scheme.seq_id 
_pdbx_poly_seq_scheme.mon_id 
_pdbx_poly_seq_scheme.ndb_seq_num 
_pdbx_poly_seq_scheme.pdb_seq_num 
_pdbx_poly_seq_scheme.auth_seq_num 
_pdbx_poly_seq_scheme.pdb_mon_id 
_pdbx_poly_seq_scheme.auth_mon_id 
_pdbx_poly_seq_scheme.pdb_strand_id 
_pdbx_poly_seq_scheme.pdb_ins_code 
_pdbx_poly_seq_scheme.hetero 
A 1 1  DG  1  1   1   DG  G   A . n 
A 1 2  DC  2  2   2   DC  C   A . n 
A 1 3  DG  3  3   3   DG  G   A . n 
A 1 4  DT  4  4   4   DT  T   A . n 
A 1 5  DA  5  5   5   DA  A   A . n 
A 1 6  2MU 6  6   6   2MU 2MU A . n 
A 1 7  FA2 7  7   7   FA2 FA2 A . n 
A 1 8  DC  8  8   8   DC  C   A . n 
A 1 9  DG  9  9   9   DG  G   A . n 
A 1 10 DC  10 10  10  DC  C   A . n 
B 1 1  DG  1  111 111 DG  G   B . n 
B 1 2  DC  2  112 112 DC  C   B . n 
B 1 3  DG  3  113 113 DG  G   B . n 
B 1 4  DT  4  114 114 DT  T   B . n 
B 1 5  DA  5  115 115 DA  A   B . n 
B 1 6  2MU 6  116 116 2MU 2MU B . n 
B 1 7  FA2 7  117 117 FA2 FA2 B . n 
B 1 8  DC  8  118 118 DC  C   B . n 
B 1 9  DG  9  119 119 DG  G   B . n 
B 1 10 DC  10 120 120 DC  C   B . n 
# 
loop_
_pdbx_nonpoly_scheme.asym_id 
_pdbx_nonpoly_scheme.entity_id 
_pdbx_nonpoly_scheme.mon_id 
_pdbx_nonpoly_scheme.ndb_seq_num 
_pdbx_nonpoly_scheme.pdb_seq_num 
_pdbx_nonpoly_scheme.auth_seq_num 
_pdbx_nonpoly_scheme.pdb_mon_id 
_pdbx_nonpoly_scheme.auth_mon_id 
_pdbx_nonpoly_scheme.pdb_strand_id 
_pdbx_nonpoly_scheme.pdb_ins_code 
C 2 SPM 1  201 201 SPM SPM B . 
D 3 HOH 1  501 501 HOH HOH A . 
D 3 HOH 2  504 504 HOH HOH A . 
D 3 HOH 3  506 506 HOH HOH A . 
D 3 HOH 4  509 509 HOH HOH A . 
D 3 HOH 5  512 512 HOH HOH A . 
D 3 HOH 6  513 513 HOH HOH A . 
D 3 HOH 7  516 516 HOH HOH A . 
D 3 HOH 8  517 517 HOH HOH A . 
D 3 HOH 9  520 520 HOH HOH A . 
D 3 HOH 10 521 521 HOH HOH A . 
D 3 HOH 11 522 522 HOH HOH A . 
D 3 HOH 12 526 526 HOH HOH A . 
D 3 HOH 13 529 529 HOH HOH A . 
D 3 HOH 14 531 531 HOH HOH A . 
D 3 HOH 15 532 532 HOH HOH A . 
D 3 HOH 16 535 535 HOH HOH A . 
D 3 HOH 17 536 536 HOH HOH A . 
D 3 HOH 18 539 539 HOH HOH A . 
D 3 HOH 19 541 541 HOH HOH A . 
D 3 HOH 20 542 542 HOH HOH A . 
D 3 HOH 21 543 543 HOH HOH A . 
D 3 HOH 22 544 544 HOH HOH A . 
D 3 HOH 23 547 547 HOH HOH A . 
D 3 HOH 24 548 548 HOH HOH A . 
D 3 HOH 25 549 549 HOH HOH A . 
D 3 HOH 26 552 552 HOH HOH A . 
D 3 HOH 27 553 553 HOH HOH A . 
D 3 HOH 28 555 555 HOH HOH A . 
D 3 HOH 29 556 556 HOH HOH A . 
D 3 HOH 30 557 557 HOH HOH A . 
D 3 HOH 31 560 560 HOH HOH A . 
D 3 HOH 32 561 561 HOH HOH A . 
D 3 HOH 33 562 562 HOH HOH A . 
D 3 HOH 34 563 563 HOH HOH A . 
D 3 HOH 35 565 565 HOH HOH A . 
D 3 HOH 36 567 567 HOH HOH A . 
D 3 HOH 37 568 568 HOH HOH A . 
D 3 HOH 38 570 570 HOH HOH A . 
D 3 HOH 39 572 572 HOH HOH A . 
D 3 HOH 40 576 576 HOH HOH A . 
D 3 HOH 41 579 579 HOH HOH A . 
D 3 HOH 42 581 581 HOH HOH A . 
D 3 HOH 43 582 582 HOH HOH A . 
D 3 HOH 44 584 584 HOH HOH A . 
D 3 HOH 45 588 588 HOH HOH A . 
D 3 HOH 46 590 590 HOH HOH A . 
D 3 HOH 47 592 592 HOH HOH A . 
D 3 HOH 48 593 593 HOH HOH A . 
D 3 HOH 49 596 596 HOH HOH A . 
D 3 HOH 50 597 597 HOH HOH A . 
D 3 HOH 51 598 598 HOH HOH A . 
D 3 HOH 52 599 599 HOH HOH A . 
D 3 HOH 53 600 600 HOH HOH A . 
D 3 HOH 54 602 602 HOH HOH A . 
D 3 HOH 55 603 603 HOH HOH A . 
D 3 HOH 56 604 604 HOH HOH A . 
D 3 HOH 57 606 606 HOH HOH A . 
D 3 HOH 58 607 607 HOH HOH A . 
D 3 HOH 59 608 608 HOH HOH A . 
D 3 HOH 60 609 609 HOH HOH A . 
E 3 HOH 1  502 502 HOH HOH B . 
E 3 HOH 2  503 503 HOH HOH B . 
E 3 HOH 3  505 505 HOH HOH B . 
E 3 HOH 4  507 507 HOH HOH B . 
E 3 HOH 5  508 508 HOH HOH B . 
E 3 HOH 6  510 510 HOH HOH B . 
E 3 HOH 7  511 511 HOH HOH B . 
E 3 HOH 8  514 514 HOH HOH B . 
E 3 HOH 9  515 515 HOH HOH B . 
E 3 HOH 10 518 518 HOH HOH B . 
E 3 HOH 11 519 519 HOH HOH B . 
E 3 HOH 12 523 523 HOH HOH B . 
E 3 HOH 13 524 524 HOH HOH B . 
E 3 HOH 14 525 525 HOH HOH B . 
E 3 HOH 15 527 527 HOH HOH B . 
E 3 HOH 16 528 528 HOH HOH B . 
E 3 HOH 17 530 530 HOH HOH B . 
E 3 HOH 18 533 533 HOH HOH B . 
E 3 HOH 19 534 534 HOH HOH B . 
E 3 HOH 20 537 537 HOH HOH B . 
E 3 HOH 21 538 538 HOH HOH B . 
E 3 HOH 22 540 540 HOH HOH B . 
E 3 HOH 23 545 545 HOH HOH B . 
E 3 HOH 24 546 546 HOH HOH B . 
E 3 HOH 25 550 550 HOH HOH B . 
E 3 HOH 26 551 551 HOH HOH B . 
E 3 HOH 27 554 554 HOH HOH B . 
E 3 HOH 28 558 558 HOH HOH B . 
E 3 HOH 29 559 559 HOH HOH B . 
E 3 HOH 30 564 564 HOH HOH B . 
E 3 HOH 31 566 566 HOH HOH B . 
E 3 HOH 32 569 569 HOH HOH B . 
E 3 HOH 33 571 571 HOH HOH B . 
E 3 HOH 34 573 573 HOH HOH B . 
E 3 HOH 35 574 574 HOH HOH B . 
E 3 HOH 36 575 575 HOH HOH B . 
E 3 HOH 37 577 577 HOH HOH B . 
E 3 HOH 38 578 578 HOH HOH B . 
E 3 HOH 39 580 580 HOH HOH B . 
E 3 HOH 40 583 583 HOH HOH B . 
E 3 HOH 41 585 585 HOH HOH B . 
E 3 HOH 42 586 586 HOH HOH B . 
E 3 HOH 43 587 587 HOH HOH B . 
E 3 HOH 44 589 589 HOH HOH B . 
E 3 HOH 45 591 591 HOH HOH B . 
E 3 HOH 46 594 594 HOH HOH B . 
E 3 HOH 47 595 595 HOH HOH B . 
E 3 HOH 48 601 601 HOH HOH B . 
E 3 HOH 49 605 605 HOH HOH B . 
# 
loop_
_pdbx_struct_mod_residue.id 
_pdbx_struct_mod_residue.label_asym_id 
_pdbx_struct_mod_residue.label_comp_id 
_pdbx_struct_mod_residue.label_seq_id 
_pdbx_struct_mod_residue.auth_asym_id 
_pdbx_struct_mod_residue.auth_comp_id 
_pdbx_struct_mod_residue.auth_seq_id 
_pdbx_struct_mod_residue.PDB_ins_code 
_pdbx_struct_mod_residue.parent_comp_id 
_pdbx_struct_mod_residue.details 
1 A 2MU 6 A 2MU 6   ? U  "2',5-DIMETHYLURIDINE-5'-MONOPHOSPHATE" 
2 A FA2 7 A FA2 7   ? DA ?                                       
3 B 2MU 6 B 2MU 116 ? U  "2',5-DIMETHYLURIDINE-5'-MONOPHOSPHATE" 
4 B FA2 7 B FA2 117 ? DA ?                                       
# 
_pdbx_struct_assembly.id                   1 
_pdbx_struct_assembly.details              author_defined_assembly 
_pdbx_struct_assembly.method_details       ? 
_pdbx_struct_assembly.oligomeric_details   dimeric 
_pdbx_struct_assembly.oligomeric_count     2 
# 
_pdbx_struct_assembly_gen.assembly_id       1 
_pdbx_struct_assembly_gen.oper_expression   1 
_pdbx_struct_assembly_gen.asym_id_list      A,B,C,D,E 
# 
_pdbx_struct_oper_list.id                   1 
_pdbx_struct_oper_list.type                 'identity operation' 
_pdbx_struct_oper_list.name                 1_555 
_pdbx_struct_oper_list.symmetry_operation   x,y,z 
_pdbx_struct_oper_list.matrix[1][1]         1.0000000000 
_pdbx_struct_oper_list.matrix[1][2]         0.0000000000 
_pdbx_struct_oper_list.matrix[1][3]         0.0000000000 
_pdbx_struct_oper_list.vector[1]            0.0000000000 
_pdbx_struct_oper_list.matrix[2][1]         0.0000000000 
_pdbx_struct_oper_list.matrix[2][2]         1.0000000000 
_pdbx_struct_oper_list.matrix[2][3]         0.0000000000 
_pdbx_struct_oper_list.vector[2]            0.0000000000 
_pdbx_struct_oper_list.matrix[3][1]         0.0000000000 
_pdbx_struct_oper_list.matrix[3][2]         0.0000000000 
_pdbx_struct_oper_list.matrix[3][3]         1.0000000000 
_pdbx_struct_oper_list.vector[3]            0.0000000000 
# 
loop_
_pdbx_audit_revision_history.ordinal 
_pdbx_audit_revision_history.data_content_type 
_pdbx_audit_revision_history.major_revision 
_pdbx_audit_revision_history.minor_revision 
_pdbx_audit_revision_history.revision_date 
1 'Structure model' 1 0 2004-07-13 
2 'Structure model' 1 1 2008-04-29 
3 'Structure model' 1 2 2011-07-13 
4 'Structure model' 1 3 2017-10-11 
5 'Structure model' 1 4 2019-07-24 
6 'Structure model' 1 5 2023-08-16 
# 
_pdbx_audit_revision_details.ordinal             1 
_pdbx_audit_revision_details.revision_ordinal    1 
_pdbx_audit_revision_details.data_content_type   'Structure model' 
_pdbx_audit_revision_details.provider            repository 
_pdbx_audit_revision_details.type                'Initial release' 
_pdbx_audit_revision_details.description         ? 
_pdbx_audit_revision_details.details             ? 
# 
loop_
_pdbx_audit_revision_group.ordinal 
_pdbx_audit_revision_group.revision_ordinal 
_pdbx_audit_revision_group.data_content_type 
_pdbx_audit_revision_group.group 
1  2 'Structure model' 'Version format compliance' 
2  3 'Structure model' 'Version format compliance' 
3  4 'Structure model' Advisory                    
4  4 'Structure model' 'Refinement description'    
5  5 'Structure model' 'Data collection'           
6  5 'Structure model' 'Derived calculations'      
7  5 'Structure model' 'Refinement description'    
8  6 'Structure model' Advisory                    
9  6 'Structure model' 'Data collection'           
10 6 'Structure model' 'Database references'       
11 6 'Structure model' 'Derived calculations'      
12 6 'Structure model' 'Refinement description'    
# 
loop_
_pdbx_audit_revision_category.ordinal 
_pdbx_audit_revision_category.revision_ordinal 
_pdbx_audit_revision_category.data_content_type 
_pdbx_audit_revision_category.category 
1  4 'Structure model' pdbx_unobs_or_zero_occ_residues 
2  4 'Structure model' pdbx_validate_polymer_linkage   
3  4 'Structure model' software                        
4  5 'Structure model' software                        
5  5 'Structure model' struct_conn                     
6  6 'Structure model' chem_comp_atom                  
7  6 'Structure model' chem_comp_bond                  
8  6 'Structure model' database_2                      
9  6 'Structure model' pdbx_initial_refinement_model   
10 6 'Structure model' pdbx_unobs_or_zero_occ_residues 
11 6 'Structure model' struct_conn                     
12 6 'Structure model' struct_site                     
# 
loop_
_pdbx_audit_revision_item.ordinal 
_pdbx_audit_revision_item.revision_ordinal 
_pdbx_audit_revision_item.data_content_type 
_pdbx_audit_revision_item.item 
1  4 'Structure model' '_software.classification'            
2  4 'Structure model' '_software.name'                      
3  5 'Structure model' '_software.classification'            
4  5 'Structure model' '_software.name'                      
5  5 'Structure model' '_struct_conn.pdbx_leaving_atom_flag' 
6  6 'Structure model' '_database_2.pdbx_DOI'                
7  6 'Structure model' '_database_2.pdbx_database_accession' 
8  6 'Structure model' '_struct_conn.pdbx_dist_value'        
9  6 'Structure model' '_struct_conn.pdbx_leaving_atom_flag' 
10 6 'Structure model' '_struct_conn.ptnr1_auth_asym_id'     
11 6 'Structure model' '_struct_conn.ptnr1_auth_comp_id'     
12 6 'Structure model' '_struct_conn.ptnr1_auth_seq_id'      
13 6 'Structure model' '_struct_conn.ptnr1_label_asym_id'    
14 6 'Structure model' '_struct_conn.ptnr1_label_atom_id'    
15 6 'Structure model' '_struct_conn.ptnr1_label_comp_id'    
16 6 'Structure model' '_struct_conn.ptnr1_label_seq_id'     
17 6 'Structure model' '_struct_conn.ptnr2_auth_asym_id'     
18 6 'Structure model' '_struct_conn.ptnr2_auth_comp_id'     
19 6 'Structure model' '_struct_conn.ptnr2_auth_seq_id'      
20 6 'Structure model' '_struct_conn.ptnr2_label_asym_id'    
21 6 'Structure model' '_struct_conn.ptnr2_label_comp_id'    
22 6 'Structure model' '_struct_conn.ptnr2_label_seq_id'     
23 6 'Structure model' '_struct_site.pdbx_auth_asym_id'      
24 6 'Structure model' '_struct_site.pdbx_auth_comp_id'      
25 6 'Structure model' '_struct_site.pdbx_auth_seq_id'       
# 
loop_
_software.name 
_software.classification 
_software.version 
_software.citation_id 
_software.pdbx_ordinal 
SHELXL-97 refinement       . ? 1 
SCALEPACK 'data scaling'   . ? 2 
CNS       refinement       . ? 3 
XDS       'data scaling'   . ? 4 
XDS       'data reduction' . ? 5 
CNS       phasing          . ? 6 
# 
loop_
_pdbx_validate_rmsd_bond.id 
_pdbx_validate_rmsd_bond.PDB_model_num 
_pdbx_validate_rmsd_bond.auth_atom_id_1 
_pdbx_validate_rmsd_bond.auth_asym_id_1 
_pdbx_validate_rmsd_bond.auth_comp_id_1 
_pdbx_validate_rmsd_bond.auth_seq_id_1 
_pdbx_validate_rmsd_bond.PDB_ins_code_1 
_pdbx_validate_rmsd_bond.label_alt_id_1 
_pdbx_validate_rmsd_bond.auth_atom_id_2 
_pdbx_validate_rmsd_bond.auth_asym_id_2 
_pdbx_validate_rmsd_bond.auth_comp_id_2 
_pdbx_validate_rmsd_bond.auth_seq_id_2 
_pdbx_validate_rmsd_bond.PDB_ins_code_2 
_pdbx_validate_rmsd_bond.label_alt_id_2 
_pdbx_validate_rmsd_bond.bond_value 
_pdbx_validate_rmsd_bond.bond_target_value 
_pdbx_validate_rmsd_bond.bond_deviation 
_pdbx_validate_rmsd_bond.bond_standard_deviation 
_pdbx_validate_rmsd_bond.linker_flag 
1  1 "C3'" A DG 1   ? ? "C2'" A DG 1   ? ? 1.459 1.516 -0.057 0.008 N 
2  1 "C3'" A DC 2   ? ? "C2'" A DC 2   ? ? 1.448 1.516 -0.068 0.008 N 
3  1 "C2'" A DC 2   ? ? "C1'" A DC 2   ? ? 1.454 1.518 -0.064 0.010 N 
4  1 "C2'" A DG 3   ? ? "C1'" A DG 3   ? ? 1.437 1.518 -0.081 0.010 N 
5  1 "O4'" A DG 3   ? ? "C1'" A DG 3   ? ? 1.500 1.420 0.080  0.011 N 
6  1 "C2'" A DT 4   ? ? "C1'" A DT 4   ? ? 1.445 1.518 -0.073 0.010 N 
7  1 "C3'" B DC 112 ? ? "C2'" B DC 112 ? ? 1.466 1.516 -0.050 0.008 N 
8  1 "C3'" B DG 119 ? ? "C2'" B DG 119 ? ? 1.461 1.516 -0.055 0.008 N 
9  1 "C2'" B DG 119 ? ? "C1'" B DG 119 ? ? 1.422 1.518 -0.096 0.010 N 
10 1 "O4'" B DG 119 ? ? "C1'" B DG 119 ? ? 1.499 1.420 0.079  0.011 N 
11 1 "C3'" B DC 120 ? ? "C2'" B DC 120 ? ? 1.439 1.516 -0.077 0.008 N 
12 1 "C2'" B DC 120 ? ? "C1'" B DC 120 ? ? 1.437 1.518 -0.081 0.010 N 
# 
loop_
_pdbx_validate_rmsd_angle.id 
_pdbx_validate_rmsd_angle.PDB_model_num 
_pdbx_validate_rmsd_angle.auth_atom_id_1 
_pdbx_validate_rmsd_angle.auth_asym_id_1 
_pdbx_validate_rmsd_angle.auth_comp_id_1 
_pdbx_validate_rmsd_angle.auth_seq_id_1 
_pdbx_validate_rmsd_angle.PDB_ins_code_1 
_pdbx_validate_rmsd_angle.label_alt_id_1 
_pdbx_validate_rmsd_angle.auth_atom_id_2 
_pdbx_validate_rmsd_angle.auth_asym_id_2 
_pdbx_validate_rmsd_angle.auth_comp_id_2 
_pdbx_validate_rmsd_angle.auth_seq_id_2 
_pdbx_validate_rmsd_angle.PDB_ins_code_2 
_pdbx_validate_rmsd_angle.label_alt_id_2 
_pdbx_validate_rmsd_angle.auth_atom_id_3 
_pdbx_validate_rmsd_angle.auth_asym_id_3 
_pdbx_validate_rmsd_angle.auth_comp_id_3 
_pdbx_validate_rmsd_angle.auth_seq_id_3 
_pdbx_validate_rmsd_angle.PDB_ins_code_3 
_pdbx_validate_rmsd_angle.label_alt_id_3 
_pdbx_validate_rmsd_angle.angle_value 
_pdbx_validate_rmsd_angle.angle_target_value 
_pdbx_validate_rmsd_angle.angle_deviation 
_pdbx_validate_rmsd_angle.angle_standard_deviation 
_pdbx_validate_rmsd_angle.linker_flag 
1  1 "O4'" A DG 1   ? ? "C4'" A DG 1   ? ? "C3'" A DG 1   ? ? 101.95 104.50 -2.55 0.40 N 
2  1 N3    A DG 1   ? ? C4    A DG 1   ? ? C5    A DG 1   ? ? 125.37 128.60 -3.23 0.50 N 
3  1 "O4'" A DG 3   ? ? "C1'" A DG 3   ? ? "C2'" A DG 3   ? ? 110.33 106.80 3.53  0.50 N 
4  1 "O4'" A DG 3   ? ? "C1'" A DG 3   ? ? N9    A DG 3   ? ? 101.17 108.00 -6.83 0.70 N 
5  1 "O4'" A DG 9   ? ? "C1'" A DG 9   ? ? N9    A DG 9   ? ? 103.40 108.00 -4.60 0.70 N 
6  1 C5    A DG 9   ? ? C6    A DG 9   ? ? N1    A DG 9   ? ? 114.74 111.50 3.24  0.50 N 
7  1 "O4'" B DG 111 ? ? "C1'" B DG 111 ? ? N9    B DG 111 ? ? 103.09 108.00 -4.91 0.70 N 
8  1 "O4'" B DT 114 ? ? "C4'" B DT 114 ? ? "C3'" B DT 114 ? ? 100.46 104.50 -4.04 0.40 N 
9  1 "O4'" B DA 115 ? ? "C4'" B DA 115 ? ? "C3'" B DA 115 ? ? 101.24 104.50 -3.26 0.40 N 
10 1 "O4'" B DG 119 ? ? "C1'" B DG 119 ? ? N9    B DG 119 ? ? 102.26 108.00 -5.74 0.70 N 
11 1 C4    B DG 119 ? ? C5    B DG 119 ? ? N7    B DG 119 ? ? 108.38 110.80 -2.42 0.40 N 
12 1 N3    B DG 119 ? ? C2    B DG 119 ? ? N2    B DG 119 ? ? 124.25 119.90 4.35  0.70 N 
13 1 "O4'" B DC 120 ? ? "C1'" B DC 120 ? ? N1    B DC 120 ? ? 102.60 108.00 -5.40 0.70 N 
14 1 C6    B DC 120 ? ? N1    B DC 120 ? ? C2    B DC 120 ? ? 123.02 120.30 2.72  0.40 N 
15 1 C4    B DC 120 ? ? C5    B DC 120 ? ? C6    B DC 120 ? ? 121.88 117.40 4.48  0.50 N 
16 1 C5    B DC 120 ? ? C6    B DC 120 ? ? N1    B DC 120 ? ? 115.62 121.00 -5.38 0.50 N 
# 
_pdbx_unobs_or_zero_occ_residues.id               1 
_pdbx_unobs_or_zero_occ_residues.PDB_model_num    1 
_pdbx_unobs_or_zero_occ_residues.polymer_flag     N 
_pdbx_unobs_or_zero_occ_residues.occupancy_flag   0 
_pdbx_unobs_or_zero_occ_residues.auth_asym_id     B 
_pdbx_unobs_or_zero_occ_residues.auth_comp_id     HOH 
_pdbx_unobs_or_zero_occ_residues.auth_seq_id      589 
_pdbx_unobs_or_zero_occ_residues.PDB_ins_code     ? 
_pdbx_unobs_or_zero_occ_residues.label_asym_id    E 
_pdbx_unobs_or_zero_occ_residues.label_comp_id    HOH 
_pdbx_unobs_or_zero_occ_residues.label_seq_id     ? 
# 
loop_
_chem_comp_atom.comp_id 
_chem_comp_atom.atom_id 
_chem_comp_atom.type_symbol 
_chem_comp_atom.pdbx_aromatic_flag 
_chem_comp_atom.pdbx_stereo_config 
_chem_comp_atom.pdbx_ordinal 
2MU N1     N N N 1   
2MU C2     C N N 2   
2MU N3     N N N 3   
2MU C4     C N N 4   
2MU C5     C N N 5   
2MU C5M    C N N 6   
2MU C6     C N N 7   
2MU O2     O N N 8   
2MU O4     O N N 9   
2MU "C1'"  C N R 10  
2MU "C2'"  C N R 11  
2MU "O2'"  O N N 12  
2MU "C3'"  C N R 13  
2MU "C4'"  C N R 14  
2MU "O3'"  O N N 15  
2MU "O4'"  O N N 16  
2MU "C5'"  C N N 17  
2MU "O5'"  O N N 18  
2MU "C6'"  C N N 19  
2MU P      P N N 20  
2MU OP1    O N N 21  
2MU OP2    O N N 22  
2MU OP3    O N N 23  
2MU HN3    H N N 24  
2MU HM51   H N N 25  
2MU HM52   H N N 26  
2MU HM53   H N N 27  
2MU H6     H N N 28  
2MU "H1'"  H N N 29  
2MU "H2'"  H N N 30  
2MU "H3'"  H N N 31  
2MU "H4'"  H N N 32  
2MU "HO3'" H N N 33  
2MU "H5'"  H N N 34  
2MU "H5''" H N N 35  
2MU "H6'1" H N N 36  
2MU "H6'2" H N N 37  
2MU "H6'3" H N N 38  
2MU HOP2   H N N 39  
2MU HOP3   H N N 40  
DA  OP3    O N N 41  
DA  P      P N N 42  
DA  OP1    O N N 43  
DA  OP2    O N N 44  
DA  "O5'"  O N N 45  
DA  "C5'"  C N N 46  
DA  "C4'"  C N R 47  
DA  "O4'"  O N N 48  
DA  "C3'"  C N S 49  
DA  "O3'"  O N N 50  
DA  "C2'"  C N N 51  
DA  "C1'"  C N R 52  
DA  N9     N Y N 53  
DA  C8     C Y N 54  
DA  N7     N Y N 55  
DA  C5     C Y N 56  
DA  C6     C Y N 57  
DA  N6     N N N 58  
DA  N1     N Y N 59  
DA  C2     C Y N 60  
DA  N3     N Y N 61  
DA  C4     C Y N 62  
DA  HOP3   H N N 63  
DA  HOP2   H N N 64  
DA  "H5'"  H N N 65  
DA  "H5''" H N N 66  
DA  "H4'"  H N N 67  
DA  "H3'"  H N N 68  
DA  "HO3'" H N N 69  
DA  "H2'"  H N N 70  
DA  "H2''" H N N 71  
DA  "H1'"  H N N 72  
DA  H8     H N N 73  
DA  H61    H N N 74  
DA  H62    H N N 75  
DA  H2     H N N 76  
DC  OP3    O N N 77  
DC  P      P N N 78  
DC  OP1    O N N 79  
DC  OP2    O N N 80  
DC  "O5'"  O N N 81  
DC  "C5'"  C N N 82  
DC  "C4'"  C N R 83  
DC  "O4'"  O N N 84  
DC  "C3'"  C N S 85  
DC  "O3'"  O N N 86  
DC  "C2'"  C N N 87  
DC  "C1'"  C N R 88  
DC  N1     N N N 89  
DC  C2     C N N 90  
DC  O2     O N N 91  
DC  N3     N N N 92  
DC  C4     C N N 93  
DC  N4     N N N 94  
DC  C5     C N N 95  
DC  C6     C N N 96  
DC  HOP3   H N N 97  
DC  HOP2   H N N 98  
DC  "H5'"  H N N 99  
DC  "H5''" H N N 100 
DC  "H4'"  H N N 101 
DC  "H3'"  H N N 102 
DC  "HO3'" H N N 103 
DC  "H2'"  H N N 104 
DC  "H2''" H N N 105 
DC  "H1'"  H N N 106 
DC  H41    H N N 107 
DC  H42    H N N 108 
DC  H5     H N N 109 
DC  H6     H N N 110 
DG  OP3    O N N 111 
DG  P      P N N 112 
DG  OP1    O N N 113 
DG  OP2    O N N 114 
DG  "O5'"  O N N 115 
DG  "C5'"  C N N 116 
DG  "C4'"  C N R 117 
DG  "O4'"  O N N 118 
DG  "C3'"  C N S 119 
DG  "O3'"  O N N 120 
DG  "C2'"  C N N 121 
DG  "C1'"  C N R 122 
DG  N9     N Y N 123 
DG  C8     C Y N 124 
DG  N7     N Y N 125 
DG  C5     C Y N 126 
DG  C6     C N N 127 
DG  O6     O N N 128 
DG  N1     N N N 129 
DG  C2     C N N 130 
DG  N2     N N N 131 
DG  N3     N N N 132 
DG  C4     C Y N 133 
DG  HOP3   H N N 134 
DG  HOP2   H N N 135 
DG  "H5'"  H N N 136 
DG  "H5''" H N N 137 
DG  "H4'"  H N N 138 
DG  "H3'"  H N N 139 
DG  "HO3'" H N N 140 
DG  "H2'"  H N N 141 
DG  "H2''" H N N 142 
DG  "H1'"  H N N 143 
DG  H8     H N N 144 
DG  H1     H N N 145 
DG  H21    H N N 146 
DG  H22    H N N 147 
DT  OP3    O N N 148 
DT  P      P N N 149 
DT  OP1    O N N 150 
DT  OP2    O N N 151 
DT  "O5'"  O N N 152 
DT  "C5'"  C N N 153 
DT  "C4'"  C N R 154 
DT  "O4'"  O N N 155 
DT  "C3'"  C N S 156 
DT  "O3'"  O N N 157 
DT  "C2'"  C N N 158 
DT  "C1'"  C N R 159 
DT  N1     N N N 160 
DT  C2     C N N 161 
DT  O2     O N N 162 
DT  N3     N N N 163 
DT  C4     C N N 164 
DT  O4     O N N 165 
DT  C5     C N N 166 
DT  C7     C N N 167 
DT  C6     C N N 168 
DT  HOP3   H N N 169 
DT  HOP2   H N N 170 
DT  "H5'"  H N N 171 
DT  "H5''" H N N 172 
DT  "H4'"  H N N 173 
DT  "H3'"  H N N 174 
DT  "HO3'" H N N 175 
DT  "H2'"  H N N 176 
DT  "H2''" H N N 177 
DT  "H1'"  H N N 178 
DT  H3     H N N 179 
DT  H71    H N N 180 
DT  H72    H N N 181 
DT  H73    H N N 182 
DT  H6     H N N 183 
FA2 P      P N N 184 
FA2 OP1    O N N 185 
FA2 OP2    O N N 186 
FA2 "O3'"  O N N 187 
FA2 N9     N Y N 188 
FA2 C4     C Y N 189 
FA2 N3     N Y N 190 
FA2 C2     C Y N 191 
FA2 N1     N Y N 192 
FA2 C6     C Y N 193 
FA2 N6     N N N 194 
FA2 C5     C Y N 195 
FA2 N7     N Y N 196 
FA2 C8     C Y N 197 
FA2 "C2'"  C N R 198 
FA2 "C4'"  C N N 199 
FA2 "O4'"  O N N 200 
FA2 "C1'"  C N R 201 
FA2 "C3'"  C N S 202 
FA2 "O2'"  O N N 203 
FA2 OP3    O N N 204 
FA2 HOP2   H N N 205 
FA2 H2     H N N 206 
FA2 H6A    H N N 207 
FA2 H6B    H N N 208 
FA2 H8     H N N 209 
FA2 "H2'"  H N N 210 
FA2 "H4'1" H N N 211 
FA2 "H4'2" H N N 212 
FA2 "H1'"  H N N 213 
FA2 "H3'"  H N N 214 
FA2 "HO2'" H N N 215 
FA2 HOP3   H N N 216 
HOH O      O N N 217 
HOH H1     H N N 218 
HOH H2     H N N 219 
SPM N1     N N N 220 
SPM C2     C N N 221 
SPM C3     C N N 222 
SPM C4     C N N 223 
SPM N5     N N N 224 
SPM C6     C N N 225 
SPM C7     C N N 226 
SPM C8     C N N 227 
SPM C9     C N N 228 
SPM N10    N N N 229 
SPM C11    C N N 230 
SPM C12    C N N 231 
SPM C13    C N N 232 
SPM N14    N N N 233 
SPM HN11   H N N 234 
SPM HN12   H N N 235 
SPM H21    H N N 236 
SPM H22    H N N 237 
SPM H31    H N N 238 
SPM H32    H N N 239 
SPM H41    H N N 240 
SPM H42    H N N 241 
SPM HN5    H N N 242 
SPM H61    H N N 243 
SPM H62    H N N 244 
SPM H71    H N N 245 
SPM H72    H N N 246 
SPM H81    H N N 247 
SPM H82    H N N 248 
SPM H91    H N N 249 
SPM H92    H N N 250 
SPM HN0    H N N 251 
SPM H111   H N N 252 
SPM H112   H N N 253 
SPM H121   H N N 254 
SPM H122   H N N 255 
SPM H131   H N N 256 
SPM H132   H N N 257 
SPM HN41   H N N 258 
SPM HN42   H N N 259 
# 
loop_
_chem_comp_bond.comp_id 
_chem_comp_bond.atom_id_1 
_chem_comp_bond.atom_id_2 
_chem_comp_bond.value_order 
_chem_comp_bond.pdbx_aromatic_flag 
_chem_comp_bond.pdbx_stereo_config 
_chem_comp_bond.pdbx_ordinal 
2MU N1    C2     sing N N 1   
2MU N1    C6     sing N N 2   
2MU N1    "C1'"  sing N N 3   
2MU C2    N3     sing N N 4   
2MU C2    O2     doub N N 5   
2MU N3    C4     sing N N 6   
2MU N3    HN3    sing N N 7   
2MU C4    C5     sing N N 8   
2MU C4    O4     doub N N 9   
2MU C5    C5M    sing N N 10  
2MU C5    C6     doub N N 11  
2MU C5M   HM51   sing N N 12  
2MU C5M   HM52   sing N N 13  
2MU C5M   HM53   sing N N 14  
2MU C6    H6     sing N N 15  
2MU "C1'" "C2'"  sing N N 16  
2MU "C1'" "O4'"  sing N N 17  
2MU "C1'" "H1'"  sing N N 18  
2MU "C2'" "O2'"  sing N N 19  
2MU "C2'" "C3'"  sing N N 20  
2MU "C2'" "H2'"  sing N N 21  
2MU "O2'" "C6'"  sing N N 22  
2MU "C3'" "C4'"  sing N N 23  
2MU "C3'" "O3'"  sing N N 24  
2MU "C3'" "H3'"  sing N N 25  
2MU "C4'" "O4'"  sing N N 26  
2MU "C4'" "C5'"  sing N N 27  
2MU "C4'" "H4'"  sing N N 28  
2MU "O3'" "HO3'" sing N N 29  
2MU "C5'" "O5'"  sing N N 30  
2MU "C5'" "H5'"  sing N N 31  
2MU "C5'" "H5''" sing N N 32  
2MU "O5'" P      sing N N 33  
2MU "C6'" "H6'1" sing N N 34  
2MU "C6'" "H6'2" sing N N 35  
2MU "C6'" "H6'3" sing N N 36  
2MU P     OP1    doub N N 37  
2MU P     OP2    sing N N 38  
2MU P     OP3    sing N N 39  
2MU OP2   HOP2   sing N N 40  
2MU OP3   HOP3   sing N N 41  
DA  OP3   P      sing N N 42  
DA  OP3   HOP3   sing N N 43  
DA  P     OP1    doub N N 44  
DA  P     OP2    sing N N 45  
DA  P     "O5'"  sing N N 46  
DA  OP2   HOP2   sing N N 47  
DA  "O5'" "C5'"  sing N N 48  
DA  "C5'" "C4'"  sing N N 49  
DA  "C5'" "H5'"  sing N N 50  
DA  "C5'" "H5''" sing N N 51  
DA  "C4'" "O4'"  sing N N 52  
DA  "C4'" "C3'"  sing N N 53  
DA  "C4'" "H4'"  sing N N 54  
DA  "O4'" "C1'"  sing N N 55  
DA  "C3'" "O3'"  sing N N 56  
DA  "C3'" "C2'"  sing N N 57  
DA  "C3'" "H3'"  sing N N 58  
DA  "O3'" "HO3'" sing N N 59  
DA  "C2'" "C1'"  sing N N 60  
DA  "C2'" "H2'"  sing N N 61  
DA  "C2'" "H2''" sing N N 62  
DA  "C1'" N9     sing N N 63  
DA  "C1'" "H1'"  sing N N 64  
DA  N9    C8     sing Y N 65  
DA  N9    C4     sing Y N 66  
DA  C8    N7     doub Y N 67  
DA  C8    H8     sing N N 68  
DA  N7    C5     sing Y N 69  
DA  C5    C6     sing Y N 70  
DA  C5    C4     doub Y N 71  
DA  C6    N6     sing N N 72  
DA  C6    N1     doub Y N 73  
DA  N6    H61    sing N N 74  
DA  N6    H62    sing N N 75  
DA  N1    C2     sing Y N 76  
DA  C2    N3     doub Y N 77  
DA  C2    H2     sing N N 78  
DA  N3    C4     sing Y N 79  
DC  OP3   P      sing N N 80  
DC  OP3   HOP3   sing N N 81  
DC  P     OP1    doub N N 82  
DC  P     OP2    sing N N 83  
DC  P     "O5'"  sing N N 84  
DC  OP2   HOP2   sing N N 85  
DC  "O5'" "C5'"  sing N N 86  
DC  "C5'" "C4'"  sing N N 87  
DC  "C5'" "H5'"  sing N N 88  
DC  "C5'" "H5''" sing N N 89  
DC  "C4'" "O4'"  sing N N 90  
DC  "C4'" "C3'"  sing N N 91  
DC  "C4'" "H4'"  sing N N 92  
DC  "O4'" "C1'"  sing N N 93  
DC  "C3'" "O3'"  sing N N 94  
DC  "C3'" "C2'"  sing N N 95  
DC  "C3'" "H3'"  sing N N 96  
DC  "O3'" "HO3'" sing N N 97  
DC  "C2'" "C1'"  sing N N 98  
DC  "C2'" "H2'"  sing N N 99  
DC  "C2'" "H2''" sing N N 100 
DC  "C1'" N1     sing N N 101 
DC  "C1'" "H1'"  sing N N 102 
DC  N1    C2     sing N N 103 
DC  N1    C6     sing N N 104 
DC  C2    O2     doub N N 105 
DC  C2    N3     sing N N 106 
DC  N3    C4     doub N N 107 
DC  C4    N4     sing N N 108 
DC  C4    C5     sing N N 109 
DC  N4    H41    sing N N 110 
DC  N4    H42    sing N N 111 
DC  C5    C6     doub N N 112 
DC  C5    H5     sing N N 113 
DC  C6    H6     sing N N 114 
DG  OP3   P      sing N N 115 
DG  OP3   HOP3   sing N N 116 
DG  P     OP1    doub N N 117 
DG  P     OP2    sing N N 118 
DG  P     "O5'"  sing N N 119 
DG  OP2   HOP2   sing N N 120 
DG  "O5'" "C5'"  sing N N 121 
DG  "C5'" "C4'"  sing N N 122 
DG  "C5'" "H5'"  sing N N 123 
DG  "C5'" "H5''" sing N N 124 
DG  "C4'" "O4'"  sing N N 125 
DG  "C4'" "C3'"  sing N N 126 
DG  "C4'" "H4'"  sing N N 127 
DG  "O4'" "C1'"  sing N N 128 
DG  "C3'" "O3'"  sing N N 129 
DG  "C3'" "C2'"  sing N N 130 
DG  "C3'" "H3'"  sing N N 131 
DG  "O3'" "HO3'" sing N N 132 
DG  "C2'" "C1'"  sing N N 133 
DG  "C2'" "H2'"  sing N N 134 
DG  "C2'" "H2''" sing N N 135 
DG  "C1'" N9     sing N N 136 
DG  "C1'" "H1'"  sing N N 137 
DG  N9    C8     sing Y N 138 
DG  N9    C4     sing Y N 139 
DG  C8    N7     doub Y N 140 
DG  C8    H8     sing N N 141 
DG  N7    C5     sing Y N 142 
DG  C5    C6     sing N N 143 
DG  C5    C4     doub Y N 144 
DG  C6    O6     doub N N 145 
DG  C6    N1     sing N N 146 
DG  N1    C2     sing N N 147 
DG  N1    H1     sing N N 148 
DG  C2    N2     sing N N 149 
DG  C2    N3     doub N N 150 
DG  N2    H21    sing N N 151 
DG  N2    H22    sing N N 152 
DG  N3    C4     sing N N 153 
DT  OP3   P      sing N N 154 
DT  OP3   HOP3   sing N N 155 
DT  P     OP1    doub N N 156 
DT  P     OP2    sing N N 157 
DT  P     "O5'"  sing N N 158 
DT  OP2   HOP2   sing N N 159 
DT  "O5'" "C5'"  sing N N 160 
DT  "C5'" "C4'"  sing N N 161 
DT  "C5'" "H5'"  sing N N 162 
DT  "C5'" "H5''" sing N N 163 
DT  "C4'" "O4'"  sing N N 164 
DT  "C4'" "C3'"  sing N N 165 
DT  "C4'" "H4'"  sing N N 166 
DT  "O4'" "C1'"  sing N N 167 
DT  "C3'" "O3'"  sing N N 168 
DT  "C3'" "C2'"  sing N N 169 
DT  "C3'" "H3'"  sing N N 170 
DT  "O3'" "HO3'" sing N N 171 
DT  "C2'" "C1'"  sing N N 172 
DT  "C2'" "H2'"  sing N N 173 
DT  "C2'" "H2''" sing N N 174 
DT  "C1'" N1     sing N N 175 
DT  "C1'" "H1'"  sing N N 176 
DT  N1    C2     sing N N 177 
DT  N1    C6     sing N N 178 
DT  C2    O2     doub N N 179 
DT  C2    N3     sing N N 180 
DT  N3    C4     sing N N 181 
DT  N3    H3     sing N N 182 
DT  C4    O4     doub N N 183 
DT  C4    C5     sing N N 184 
DT  C5    C7     sing N N 185 
DT  C5    C6     doub N N 186 
DT  C7    H71    sing N N 187 
DT  C7    H72    sing N N 188 
DT  C7    H73    sing N N 189 
DT  C6    H6     sing N N 190 
FA2 P     OP1    doub N N 191 
FA2 P     OP2    sing N N 192 
FA2 P     "O3'"  sing N N 193 
FA2 P     OP3    sing N N 194 
FA2 OP2   HOP2   sing N N 195 
FA2 "O3'" "C3'"  sing N N 196 
FA2 N9    C4     sing Y N 197 
FA2 N9    C8     sing Y N 198 
FA2 N9    "C1'"  sing N N 199 
FA2 C4    N3     sing Y N 200 
FA2 C4    C5     doub Y N 201 
FA2 N3    C2     doub Y N 202 
FA2 C2    N1     sing Y N 203 
FA2 C2    H2     sing N N 204 
FA2 N1    C6     doub Y N 205 
FA2 C6    N6     sing N N 206 
FA2 C6    C5     sing Y N 207 
FA2 N6    H6A    sing N N 208 
FA2 N6    H6B    sing N N 209 
FA2 C5    N7     sing Y N 210 
FA2 N7    C8     doub Y N 211 
FA2 C8    H8     sing N N 212 
FA2 "C2'" "C1'"  sing N N 213 
FA2 "C2'" "C3'"  sing N N 214 
FA2 "C2'" "O2'"  sing N N 215 
FA2 "C2'" "H2'"  sing N N 216 
FA2 "C4'" "O4'"  sing N N 217 
FA2 "C4'" "C3'"  sing N N 218 
FA2 "C4'" "H4'1" sing N N 219 
FA2 "C4'" "H4'2" sing N N 220 
FA2 "O4'" "C1'"  sing N N 221 
FA2 "C1'" "H1'"  sing N N 222 
FA2 "C3'" "H3'"  sing N N 223 
FA2 "O2'" "HO2'" sing N N 224 
FA2 OP3   HOP3   sing N N 225 
HOH O     H1     sing N N 226 
HOH O     H2     sing N N 227 
SPM N1    C2     sing N N 228 
SPM N1    HN11   sing N N 229 
SPM N1    HN12   sing N N 230 
SPM C2    C3     sing N N 231 
SPM C2    H21    sing N N 232 
SPM C2    H22    sing N N 233 
SPM C3    C4     sing N N 234 
SPM C3    H31    sing N N 235 
SPM C3    H32    sing N N 236 
SPM C4    N5     sing N N 237 
SPM C4    H41    sing N N 238 
SPM C4    H42    sing N N 239 
SPM N5    C6     sing N N 240 
SPM N5    HN5    sing N N 241 
SPM C6    C7     sing N N 242 
SPM C6    H61    sing N N 243 
SPM C6    H62    sing N N 244 
SPM C7    C8     sing N N 245 
SPM C7    H71    sing N N 246 
SPM C7    H72    sing N N 247 
SPM C8    C9     sing N N 248 
SPM C8    H81    sing N N 249 
SPM C8    H82    sing N N 250 
SPM C9    N10    sing N N 251 
SPM C9    H91    sing N N 252 
SPM C9    H92    sing N N 253 
SPM N10   C11    sing N N 254 
SPM N10   HN0    sing N N 255 
SPM C11   C12    sing N N 256 
SPM C11   H111   sing N N 257 
SPM C11   H112   sing N N 258 
SPM C12   C13    sing N N 259 
SPM C12   H121   sing N N 260 
SPM C12   H122   sing N N 261 
SPM C13   N14    sing N N 262 
SPM C13   H131   sing N N 263 
SPM C13   H132   sing N N 264 
SPM N14   HN41   sing N N 265 
SPM N14   HN42   sing N N 266 
# 
_ndb_struct_conf_na.entry_id   1PWF 
_ndb_struct_conf_na.feature    'a-form double helix' 
# 
loop_
_ndb_struct_na_base_pair.model_number 
_ndb_struct_na_base_pair.i_label_asym_id 
_ndb_struct_na_base_pair.i_label_comp_id 
_ndb_struct_na_base_pair.i_label_seq_id 
_ndb_struct_na_base_pair.i_symmetry 
_ndb_struct_na_base_pair.j_label_asym_id 
_ndb_struct_na_base_pair.j_label_comp_id 
_ndb_struct_na_base_pair.j_label_seq_id 
_ndb_struct_na_base_pair.j_symmetry 
_ndb_struct_na_base_pair.shear 
_ndb_struct_na_base_pair.stretch 
_ndb_struct_na_base_pair.stagger 
_ndb_struct_na_base_pair.buckle 
_ndb_struct_na_base_pair.propeller 
_ndb_struct_na_base_pair.opening 
_ndb_struct_na_base_pair.pair_number 
_ndb_struct_na_base_pair.pair_name 
_ndb_struct_na_base_pair.i_auth_asym_id 
_ndb_struct_na_base_pair.i_auth_seq_id 
_ndb_struct_na_base_pair.i_PDB_ins_code 
_ndb_struct_na_base_pair.j_auth_asym_id 
_ndb_struct_na_base_pair.j_auth_seq_id 
_ndb_struct_na_base_pair.j_PDB_ins_code 
_ndb_struct_na_base_pair.hbond_type_28 
_ndb_struct_na_base_pair.hbond_type_12 
1 A DG  1  1_555 B DC  10 1_555 -0.334 -0.145 0.060  0.367   -5.653  -0.613 1  A_DG1:DC120_B  A 1  ? B 120 ? 19 1 
1 A DC  2  1_555 B DG  9  1_555 0.165  -0.152 0.138  3.209   -11.608 -1.077 2  A_DC2:DG119_B  A 2  ? B 119 ? 19 1 
1 A DG  3  1_555 B DC  8  1_555 -0.353 -0.162 0.153  -9.028  -18.885 -0.795 3  A_DG3:DC118_B  A 3  ? B 118 ? 19 1 
1 A DT  4  1_555 B FA2 7  1_555 -0.209 -0.015 0.014  -12.446 -10.658 -5.367 4  A_DT4:FA2117_B A 4  ? B 117 ? 20 1 
1 A DA  5  1_555 B 2MU 6  1_555 0.104  -0.136 0.111  -1.922  -15.726 -1.630 5  A_DA5:2MU116_B A 5  ? B 116 ? 20 1 
1 A 2MU 6  1_555 B DA  5  1_555 0.075  0.012  0.255  5.564   -18.058 12.843 6  A_2MU6:DA115_B A 6  ? B 115 ? 20 1 
1 A FA2 7  1_555 B DT  4  1_555 0.031  -0.074 -0.025 13.848  -3.894  -0.023 7  A_FA27:DT114_B A 7  ? B 114 ? 20 1 
1 A DC  8  1_555 B DG  3  1_555 0.199  -0.139 -0.115 10.054  -11.833 1.142  8  A_DC8:DG113_B  A 8  ? B 113 ? 19 1 
1 A DG  9  1_555 B DC  2  1_555 -0.161 -0.168 -0.053 -7.748  -10.624 -0.338 9  A_DG9:DC112_B  A 9  ? B 112 ? 19 1 
1 A DC  10 1_555 B DG  1  1_555 0.169  -0.120 0.202  -4.868  4.958   -0.421 10 A_DC10:DG111_B A 10 ? B 111 ? 19 1 
# 
loop_
_ndb_struct_na_base_pair_step.model_number 
_ndb_struct_na_base_pair_step.i_label_asym_id_1 
_ndb_struct_na_base_pair_step.i_label_comp_id_1 
_ndb_struct_na_base_pair_step.i_label_seq_id_1 
_ndb_struct_na_base_pair_step.i_symmetry_1 
_ndb_struct_na_base_pair_step.j_label_asym_id_1 
_ndb_struct_na_base_pair_step.j_label_comp_id_1 
_ndb_struct_na_base_pair_step.j_label_seq_id_1 
_ndb_struct_na_base_pair_step.j_symmetry_1 
_ndb_struct_na_base_pair_step.i_label_asym_id_2 
_ndb_struct_na_base_pair_step.i_label_comp_id_2 
_ndb_struct_na_base_pair_step.i_label_seq_id_2 
_ndb_struct_na_base_pair_step.i_symmetry_2 
_ndb_struct_na_base_pair_step.j_label_asym_id_2 
_ndb_struct_na_base_pair_step.j_label_comp_id_2 
_ndb_struct_na_base_pair_step.j_label_seq_id_2 
_ndb_struct_na_base_pair_step.j_symmetry_2 
_ndb_struct_na_base_pair_step.shift 
_ndb_struct_na_base_pair_step.slide 
_ndb_struct_na_base_pair_step.rise 
_ndb_struct_na_base_pair_step.tilt 
_ndb_struct_na_base_pair_step.roll 
_ndb_struct_na_base_pair_step.twist 
_ndb_struct_na_base_pair_step.x_displacement 
_ndb_struct_na_base_pair_step.y_displacement 
_ndb_struct_na_base_pair_step.helical_rise 
_ndb_struct_na_base_pair_step.inclination 
_ndb_struct_na_base_pair_step.tip 
_ndb_struct_na_base_pair_step.helical_twist 
_ndb_struct_na_base_pair_step.step_number 
_ndb_struct_na_base_pair_step.step_name 
_ndb_struct_na_base_pair_step.i_auth_asym_id_1 
_ndb_struct_na_base_pair_step.i_auth_seq_id_1 
_ndb_struct_na_base_pair_step.i_PDB_ins_code_1 
_ndb_struct_na_base_pair_step.j_auth_asym_id_1 
_ndb_struct_na_base_pair_step.j_auth_seq_id_1 
_ndb_struct_na_base_pair_step.j_PDB_ins_code_1 
_ndb_struct_na_base_pair_step.i_auth_asym_id_2 
_ndb_struct_na_base_pair_step.i_auth_seq_id_2 
_ndb_struct_na_base_pair_step.i_PDB_ins_code_2 
_ndb_struct_na_base_pair_step.j_auth_asym_id_2 
_ndb_struct_na_base_pair_step.j_auth_seq_id_2 
_ndb_struct_na_base_pair_step.j_PDB_ins_code_2 
1 A DG  1 1_555 B DC  10 1_555 A DC  2  1_555 B DG  9 1_555 0.239  -1.441 3.213 0.822  -0.134 39.836 -2.099 -0.257 3.222 -0.197 
-1.206 39.844 1 AA_DG1DC2:DG119DC120_BB   A 1 ? B 120 ? A 2  ? B 119 ? 
1 A DC  2 1_555 B DG  9  1_555 A DG  3  1_555 B DC  8 1_555 0.081  -2.158 3.355 1.217  10.603 25.197 -6.932 0.100  2.278 23.032 
-2.644 27.330 2 AA_DC2DG3:DC118DG119_BB   A 2 ? B 119 ? A 3  ? B 118 ? 
1 A DG  3 1_555 B DC  8  1_555 A DT  4  1_555 B FA2 7 1_555 -1.055 -1.295 3.210 1.699  1.725  40.379 -2.060 1.710  3.109 2.496  
-2.459 40.448 3 AA_DG3DT4:FA2117DC118_BB  A 3 ? B 118 ? A 4  ? B 117 ? 
1 A DT  4 1_555 B FA2 7  1_555 A DA  5  1_555 B 2MU 6 1_555 0.736  -1.294 3.098 -0.507 21.771 20.562 -6.064 -1.511 1.201 47.131 
1.097  29.865 4 AA_DT4DA5:2MU116FA2117_BB A 4 ? B 117 ? A 5  ? B 116 ? 
1 A DA  5 1_555 B 2MU 6  1_555 A 2MU 6  1_555 B DA  5 1_555 1.092  -1.269 3.051 0.418  5.339  31.977 -3.123 -1.891 2.821 9.607  
-0.752 32.411 5 AA_DA52MU6:DA1152MU116_BB A 5 ? B 116 ? A 6  ? B 115 ? 
1 A 2MU 6 1_555 B DA  5  1_555 A FA2 7  1_555 B DT  4 1_555 -0.564 -1.199 2.921 0.442  17.146 24.504 -5.126 1.168  1.721 35.387 
-0.913 29.834 6 AA_2MU6FA27:DT114DA115_BB A 6 ? B 115 ? A 7  ? B 114 ? 
1 A FA2 7 1_555 B DT  4  1_555 A DC  8  1_555 B DG  3 1_555 -0.190 -1.858 3.396 -4.227 2.534  33.070 -3.659 -0.382 3.247 4.421  
7.374  33.425 7 AA_FA27DC8:DG113DT114_BB  A 7 ? B 114 ? A 8  ? B 113 ? 
1 A DC  8 1_555 B DG  3  1_555 A DG  9  1_555 B DC  2 1_555 -0.612 -2.065 3.602 -1.403 11.771 29.902 -5.825 0.856  2.647 21.767 
2.594  32.116 8 AA_DC8DG9:DC112DG113_BB   A 8 ? B 113 ? A 9  ? B 112 ? 
1 A DG  9 1_555 B DC  2  1_555 A DC  10 1_555 B DG  1 1_555 0.175  -1.756 3.323 0.057  1.005  35.126 -3.059 -0.281 3.273 1.666  
-0.094 35.140 9 AA_DG9DC10:DG111DC112_BB  A 9 ? B 112 ? A 10 ? B 111 ? 
# 
loop_
_pdbx_entity_nonpoly.entity_id 
_pdbx_entity_nonpoly.name 
_pdbx_entity_nonpoly.comp_id 
2 SPERMINE SPM 
3 water    HOH 
# 
_pdbx_initial_refinement_model.id               1 
_pdbx_initial_refinement_model.entity_id_list   ? 
_pdbx_initial_refinement_model.type             'experimental model' 
_pdbx_initial_refinement_model.source_name      PDB 
_pdbx_initial_refinement_model.accession_code   1DPL 
_pdbx_initial_refinement_model.details          'PDB ENTRY 1DPL' 
# 
